data_6R1S
# 
_entry.id   6R1S 
# 
_audit_conform.dict_name       mmcif_pdbx.dic 
_audit_conform.dict_version    5.383 
_audit_conform.dict_location   http://mmcif.pdb.org/dictionaries/ascii/mmcif_pdbx.dic 
# 
loop_
_database_2.database_id 
_database_2.database_code 
_database_2.pdbx_database_accession 
_database_2.pdbx_DOI 
PDB   6R1S         pdb_00006r1s 10.2210/pdb6r1s/pdb 
WWPDB D_1292101286 ?            ?                   
# 
loop_
_pdbx_audit_revision_history.ordinal 
_pdbx_audit_revision_history.data_content_type 
_pdbx_audit_revision_history.major_revision 
_pdbx_audit_revision_history.minor_revision 
_pdbx_audit_revision_history.revision_date 
1 'Structure model' 1 0 2020-02-19 
2 'Structure model' 1 1 2024-01-24 
# 
_pdbx_audit_revision_details.ordinal             1 
_pdbx_audit_revision_details.revision_ordinal    1 
_pdbx_audit_revision_details.data_content_type   'Structure model' 
_pdbx_audit_revision_details.provider            repository 
_pdbx_audit_revision_details.type                'Initial release' 
_pdbx_audit_revision_details.description         ? 
_pdbx_audit_revision_details.details             ? 
# 
loop_
_pdbx_audit_revision_group.ordinal 
_pdbx_audit_revision_group.revision_ordinal 
_pdbx_audit_revision_group.data_content_type 
_pdbx_audit_revision_group.group 
1 2 'Structure model' 'Data collection'        
2 2 'Structure model' 'Database references'    
3 2 'Structure model' 'Refinement description' 
# 
loop_
_pdbx_audit_revision_category.ordinal 
_pdbx_audit_revision_category.revision_ordinal 
_pdbx_audit_revision_category.data_content_type 
_pdbx_audit_revision_category.category 
1 2 'Structure model' chem_comp_atom                
2 2 'Structure model' chem_comp_bond                
3 2 'Structure model' database_2                    
4 2 'Structure model' pdbx_initial_refinement_model 
# 
loop_
_pdbx_audit_revision_item.ordinal 
_pdbx_audit_revision_item.revision_ordinal 
_pdbx_audit_revision_item.data_content_type 
_pdbx_audit_revision_item.item 
1 2 'Structure model' '_database_2.pdbx_DOI'                
2 2 'Structure model' '_database_2.pdbx_database_accession' 
# 
_pdbx_database_status.status_code                     REL 
_pdbx_database_status.status_code_sf                  REL 
_pdbx_database_status.status_code_mr                  ? 
_pdbx_database_status.entry_id                        6R1S 
_pdbx_database_status.recvd_initial_deposition_date   2019-03-14 
_pdbx_database_status.SG_entry                        N 
_pdbx_database_status.deposit_site                    PDBE 
_pdbx_database_status.process_site                    PDBE 
_pdbx_database_status.status_code_cs                  ? 
_pdbx_database_status.methods_development_category    ? 
_pdbx_database_status.pdb_format_compatible           Y 
_pdbx_database_status.status_code_nmr_data            ? 
# 
loop_
_audit_author.name 
_audit_author.pdbx_ordinal 
_audit_author.identifier_ORCID 
'Pohl, E.'  1 0000-0002-9949-4471 
'Tatum, N.' 2 ?                   
# 
loop_
_citation.abstract 
_citation.abstract_id_CAS 
_citation.book_id_ISBN 
_citation.book_publisher 
_citation.book_publisher_city 
_citation.book_title 
_citation.coordinate_linkage 
_citation.country 
_citation.database_id_Medline 
_citation.details 
_citation.id 
_citation.journal_abbrev 
_citation.journal_id_ASTM 
_citation.journal_id_CSD 
_citation.journal_id_ISSN 
_citation.journal_full 
_citation.journal_issue 
_citation.journal_volume 
_citation.language 
_citation.page_first 
_citation.page_last 
_citation.title 
_citation.year 
_citation.database_id_CSD 
_citation.pdbx_database_id_DOI 
_citation.pdbx_database_id_PubMed 
_citation.unpublished_flag 
? ? ? ? ? ? ? US ? ? primary 'J Phys Chem Lett' ? ? 1948-7185 ? ? 10 ? 2244  2249  
'Relative Binding Energies Predict Crystallographic Binding Modes of Ethionamide Booster Lead Compounds.' 2019 ? 
10.1021/acs.jpclett.9b00741 30965004 ? 
? ? ? ? ? ? ? UK ? ? 1       Org.Biomol.Chem.   ? ? 1477-0539 ? ? 15 ? 10245 10255 
'New active leads for tuberculosis booster drugs by structure-based drug discovery.'                      2017 ? 
10.1039/c7ob00910k          29182187 ? 
# 
loop_
_citation_author.citation_id 
_citation_author.name 
_citation_author.ordinal 
_citation_author.identifier_ORCID 
primary 'Tatum, N.J.'        1  ?                   
primary 'Duarte, F.'         2  0000-0002-6062-8209 
primary 'Kamerlin, S.C.L.'   3  0000-0002-3190-1173 
primary 'Pohl, E.'           4  0000-0002-9949-4471 
1       'Tatum, N.J.'        5  ?                   
1       'Liebeschuetz, J.W.' 6  ?                   
1       'Cole, J.C.'         7  ?                   
1       'Frita, R.'          8  ?                   
1       'Herledan, A.'       9  ?                   
1       'Baulard, A.R.'      10 ?                   
1       'Willand, N.'        11 ?                   
1       'Pohl, E.'           12 ?                   
# 
loop_
_entity.id 
_entity.type 
_entity.src_method 
_entity.pdbx_description 
_entity.formula_weight 
_entity.pdbx_number_of_molecules 
_entity.pdbx_ec 
_entity.pdbx_mutation 
_entity.pdbx_fragment 
_entity.details 
1 polymer     man 'HTH-type transcriptional regulator EthR'                                                            23781.705 1 
? ? ? ? 
2 non-polymer syn '2-(3-methylphenyl)-~{N}-[[2-(oxan-4-yl)-7-oxidanyl-pyrazolo[1,5-a]pyrimidin-5-yl]methyl]ethanamide' 380.440   1 
? ? ? ? 
3 water       nat water                                                                                                18.015    
60 ? ? ? ? 
# 
_entity_poly.entity_id                      1 
_entity_poly.type                           'polypeptide(L)' 
_entity_poly.nstd_linkage                   no 
_entity_poly.nstd_monomer                   no 
_entity_poly.pdbx_seq_one_letter_code       
;MTTSAASQASLPRGRRTARPSGDDRELAILATAENLLEDRPLADISVDDLAKGAGISRPTFYFYFPSKEAVLLTLLDRVV
NQADMALQTLAENPADTDRENMWRTGINVFFETFGSHKAVTRAGQAARATSVEVAELWSTFMQKWIAYTAAVIDAERDRG
AAPRTLPAHELATALNLMNERTLFASFAGEQPSVPEARVLDTLVHIWVTSIYGENR
;
_entity_poly.pdbx_seq_one_letter_code_can   
;MTTSAASQASLPRGRRTARPSGDDRELAILATAENLLEDRPLADISVDDLAKGAGISRPTFYFYFPSKEAVLLTLLDRVV
NQADMALQTLAENPADTDRENMWRTGINVFFETFGSHKAVTRAGQAARATSVEVAELWSTFMQKWIAYTAAVIDAERDRG
AAPRTLPAHELATALNLMNERTLFASFAGEQPSVPEARVLDTLVHIWVTSIYGENR
;
_entity_poly.pdbx_strand_id                 A 
_entity_poly.pdbx_target_identifier         ? 
# 
loop_
_pdbx_entity_nonpoly.entity_id 
_pdbx_entity_nonpoly.name 
_pdbx_entity_nonpoly.comp_id 
2 '2-(3-methylphenyl)-~{N}-[[2-(oxan-4-yl)-7-oxidanyl-pyrazolo[1,5-a]pyrimidin-5-yl]methyl]ethanamide' JPK 
3 water                                                                                                HOH 
# 
loop_
_entity_poly_seq.entity_id 
_entity_poly_seq.num 
_entity_poly_seq.mon_id 
_entity_poly_seq.hetero 
1 1   MET n 
1 2   THR n 
1 3   THR n 
1 4   SER n 
1 5   ALA n 
1 6   ALA n 
1 7   SER n 
1 8   GLN n 
1 9   ALA n 
1 10  SER n 
1 11  LEU n 
1 12  PRO n 
1 13  ARG n 
1 14  GLY n 
1 15  ARG n 
1 16  ARG n 
1 17  THR n 
1 18  ALA n 
1 19  ARG n 
1 20  PRO n 
1 21  SER n 
1 22  GLY n 
1 23  ASP n 
1 24  ASP n 
1 25  ARG n 
1 26  GLU n 
1 27  LEU n 
1 28  ALA n 
1 29  ILE n 
1 30  LEU n 
1 31  ALA n 
1 32  THR n 
1 33  ALA n 
1 34  GLU n 
1 35  ASN n 
1 36  LEU n 
1 37  LEU n 
1 38  GLU n 
1 39  ASP n 
1 40  ARG n 
1 41  PRO n 
1 42  LEU n 
1 43  ALA n 
1 44  ASP n 
1 45  ILE n 
1 46  SER n 
1 47  VAL n 
1 48  ASP n 
1 49  ASP n 
1 50  LEU n 
1 51  ALA n 
1 52  LYS n 
1 53  GLY n 
1 54  ALA n 
1 55  GLY n 
1 56  ILE n 
1 57  SER n 
1 58  ARG n 
1 59  PRO n 
1 60  THR n 
1 61  PHE n 
1 62  TYR n 
1 63  PHE n 
1 64  TYR n 
1 65  PHE n 
1 66  PRO n 
1 67  SER n 
1 68  LYS n 
1 69  GLU n 
1 70  ALA n 
1 71  VAL n 
1 72  LEU n 
1 73  LEU n 
1 74  THR n 
1 75  LEU n 
1 76  LEU n 
1 77  ASP n 
1 78  ARG n 
1 79  VAL n 
1 80  VAL n 
1 81  ASN n 
1 82  GLN n 
1 83  ALA n 
1 84  ASP n 
1 85  MET n 
1 86  ALA n 
1 87  LEU n 
1 88  GLN n 
1 89  THR n 
1 90  LEU n 
1 91  ALA n 
1 92  GLU n 
1 93  ASN n 
1 94  PRO n 
1 95  ALA n 
1 96  ASP n 
1 97  THR n 
1 98  ASP n 
1 99  ARG n 
1 100 GLU n 
1 101 ASN n 
1 102 MET n 
1 103 TRP n 
1 104 ARG n 
1 105 THR n 
1 106 GLY n 
1 107 ILE n 
1 108 ASN n 
1 109 VAL n 
1 110 PHE n 
1 111 PHE n 
1 112 GLU n 
1 113 THR n 
1 114 PHE n 
1 115 GLY n 
1 116 SER n 
1 117 HIS n 
1 118 LYS n 
1 119 ALA n 
1 120 VAL n 
1 121 THR n 
1 122 ARG n 
1 123 ALA n 
1 124 GLY n 
1 125 GLN n 
1 126 ALA n 
1 127 ALA n 
1 128 ARG n 
1 129 ALA n 
1 130 THR n 
1 131 SER n 
1 132 VAL n 
1 133 GLU n 
1 134 VAL n 
1 135 ALA n 
1 136 GLU n 
1 137 LEU n 
1 138 TRP n 
1 139 SER n 
1 140 THR n 
1 141 PHE n 
1 142 MET n 
1 143 GLN n 
1 144 LYS n 
1 145 TRP n 
1 146 ILE n 
1 147 ALA n 
1 148 TYR n 
1 149 THR n 
1 150 ALA n 
1 151 ALA n 
1 152 VAL n 
1 153 ILE n 
1 154 ASP n 
1 155 ALA n 
1 156 GLU n 
1 157 ARG n 
1 158 ASP n 
1 159 ARG n 
1 160 GLY n 
1 161 ALA n 
1 162 ALA n 
1 163 PRO n 
1 164 ARG n 
1 165 THR n 
1 166 LEU n 
1 167 PRO n 
1 168 ALA n 
1 169 HIS n 
1 170 GLU n 
1 171 LEU n 
1 172 ALA n 
1 173 THR n 
1 174 ALA n 
1 175 LEU n 
1 176 ASN n 
1 177 LEU n 
1 178 MET n 
1 179 ASN n 
1 180 GLU n 
1 181 ARG n 
1 182 THR n 
1 183 LEU n 
1 184 PHE n 
1 185 ALA n 
1 186 SER n 
1 187 PHE n 
1 188 ALA n 
1 189 GLY n 
1 190 GLU n 
1 191 GLN n 
1 192 PRO n 
1 193 SER n 
1 194 VAL n 
1 195 PRO n 
1 196 GLU n 
1 197 ALA n 
1 198 ARG n 
1 199 VAL n 
1 200 LEU n 
1 201 ASP n 
1 202 THR n 
1 203 LEU n 
1 204 VAL n 
1 205 HIS n 
1 206 ILE n 
1 207 TRP n 
1 208 VAL n 
1 209 THR n 
1 210 SER n 
1 211 ILE n 
1 212 TYR n 
1 213 GLY n 
1 214 GLU n 
1 215 ASN n 
1 216 ARG n 
# 
_entity_src_gen.entity_id                          1 
_entity_src_gen.pdbx_src_id                        1 
_entity_src_gen.pdbx_alt_source_flag               sample 
_entity_src_gen.pdbx_seq_type                      'Biological sequence' 
_entity_src_gen.pdbx_beg_seq_num                   1 
_entity_src_gen.pdbx_end_seq_num                   216 
_entity_src_gen.gene_src_common_name               ? 
_entity_src_gen.gene_src_genus                     ? 
_entity_src_gen.pdbx_gene_src_gene                 'ethR, etaR, Rv3855' 
_entity_src_gen.gene_src_species                   ? 
_entity_src_gen.gene_src_strain                    ? 
_entity_src_gen.gene_src_tissue                    ? 
_entity_src_gen.gene_src_tissue_fraction           ? 
_entity_src_gen.gene_src_details                   ? 
_entity_src_gen.pdbx_gene_src_fragment             ? 
_entity_src_gen.pdbx_gene_src_scientific_name      'Mycobacterium tuberculosis' 
_entity_src_gen.pdbx_gene_src_ncbi_taxonomy_id     1773 
_entity_src_gen.pdbx_gene_src_variant              ? 
_entity_src_gen.pdbx_gene_src_cell_line            ? 
_entity_src_gen.pdbx_gene_src_atcc                 ? 
_entity_src_gen.pdbx_gene_src_organ                ? 
_entity_src_gen.pdbx_gene_src_organelle            ? 
_entity_src_gen.pdbx_gene_src_cell                 ? 
_entity_src_gen.pdbx_gene_src_cellular_location    ? 
_entity_src_gen.host_org_common_name               ? 
_entity_src_gen.pdbx_host_org_scientific_name      'Escherichia coli' 
_entity_src_gen.pdbx_host_org_ncbi_taxonomy_id     562 
_entity_src_gen.host_org_genus                     ? 
_entity_src_gen.pdbx_host_org_gene                 ? 
_entity_src_gen.pdbx_host_org_organ                ? 
_entity_src_gen.host_org_species                   ? 
_entity_src_gen.pdbx_host_org_tissue               ? 
_entity_src_gen.pdbx_host_org_tissue_fraction      ? 
_entity_src_gen.pdbx_host_org_strain               ? 
_entity_src_gen.pdbx_host_org_variant              ? 
_entity_src_gen.pdbx_host_org_cell_line            ? 
_entity_src_gen.pdbx_host_org_atcc                 ? 
_entity_src_gen.pdbx_host_org_culture_collection   ? 
_entity_src_gen.pdbx_host_org_cell                 ? 
_entity_src_gen.pdbx_host_org_organelle            ? 
_entity_src_gen.pdbx_host_org_cellular_location    ? 
_entity_src_gen.pdbx_host_org_vector_type          ? 
_entity_src_gen.pdbx_host_org_vector               ? 
_entity_src_gen.host_org_details                   ? 
_entity_src_gen.expression_system_id               ? 
_entity_src_gen.plasmid_name                       ? 
_entity_src_gen.plasmid_details                    ? 
_entity_src_gen.pdbx_description                   ? 
# 
loop_
_chem_comp.id 
_chem_comp.type 
_chem_comp.mon_nstd_flag 
_chem_comp.name 
_chem_comp.pdbx_synonyms 
_chem_comp.formula 
_chem_comp.formula_weight 
ALA 'L-peptide linking' y ALANINE                                                                                              ? 
'C3 H7 N O2'     89.093  
ARG 'L-peptide linking' y ARGININE                                                                                             ? 
'C6 H15 N4 O2 1' 175.209 
ASN 'L-peptide linking' y ASPARAGINE                                                                                           ? 
'C4 H8 N2 O3'    132.118 
ASP 'L-peptide linking' y 'ASPARTIC ACID'                                                                                      ? 
'C4 H7 N O4'     133.103 
GLN 'L-peptide linking' y GLUTAMINE                                                                                            ? 
'C5 H10 N2 O3'   146.144 
GLU 'L-peptide linking' y 'GLUTAMIC ACID'                                                                                      ? 
'C5 H9 N O4'     147.129 
GLY 'peptide linking'   y GLYCINE                                                                                              ? 
'C2 H5 N O2'     75.067  
HIS 'L-peptide linking' y HISTIDINE                                                                                            ? 
'C6 H10 N3 O2 1' 156.162 
HOH non-polymer         . WATER                                                                                                ? 
'H2 O'           18.015  
ILE 'L-peptide linking' y ISOLEUCINE                                                                                           ? 
'C6 H13 N O2'    131.173 
JPK non-polymer         . '2-(3-methylphenyl)-~{N}-[[2-(oxan-4-yl)-7-oxidanyl-pyrazolo[1,5-a]pyrimidin-5-yl]methyl]ethanamide' ? 
'C21 H24 N4 O3'  380.440 
LEU 'L-peptide linking' y LEUCINE                                                                                              ? 
'C6 H13 N O2'    131.173 
LYS 'L-peptide linking' y LYSINE                                                                                               ? 
'C6 H15 N2 O2 1' 147.195 
MET 'L-peptide linking' y METHIONINE                                                                                           ? 
'C5 H11 N O2 S'  149.211 
PHE 'L-peptide linking' y PHENYLALANINE                                                                                        ? 
'C9 H11 N O2'    165.189 
PRO 'L-peptide linking' y PROLINE                                                                                              ? 
'C5 H9 N O2'     115.130 
SER 'L-peptide linking' y SERINE                                                                                               ? 
'C3 H7 N O3'     105.093 
THR 'L-peptide linking' y THREONINE                                                                                            ? 
'C4 H9 N O3'     119.119 
TRP 'L-peptide linking' y TRYPTOPHAN                                                                                           ? 
'C11 H12 N2 O2'  204.225 
TYR 'L-peptide linking' y TYROSINE                                                                                             ? 
'C9 H11 N O3'    181.189 
VAL 'L-peptide linking' y VALINE                                                                                               ? 
'C5 H11 N O2'    117.146 
# 
loop_
_pdbx_poly_seq_scheme.asym_id 
_pdbx_poly_seq_scheme.entity_id 
_pdbx_poly_seq_scheme.seq_id 
_pdbx_poly_seq_scheme.mon_id 
_pdbx_poly_seq_scheme.ndb_seq_num 
_pdbx_poly_seq_scheme.pdb_seq_num 
_pdbx_poly_seq_scheme.auth_seq_num 
_pdbx_poly_seq_scheme.pdb_mon_id 
_pdbx_poly_seq_scheme.auth_mon_id 
_pdbx_poly_seq_scheme.pdb_strand_id 
_pdbx_poly_seq_scheme.pdb_ins_code 
_pdbx_poly_seq_scheme.hetero 
A 1 1   MET 1   1   ?   ?   ?   A . n 
A 1 2   THR 2   2   ?   ?   ?   A . n 
A 1 3   THR 3   3   ?   ?   ?   A . n 
A 1 4   SER 4   4   ?   ?   ?   A . n 
A 1 5   ALA 5   5   ?   ?   ?   A . n 
A 1 6   ALA 6   6   ?   ?   ?   A . n 
A 1 7   SER 7   7   ?   ?   ?   A . n 
A 1 8   GLN 8   8   ?   ?   ?   A . n 
A 1 9   ALA 9   9   ?   ?   ?   A . n 
A 1 10  SER 10  10  ?   ?   ?   A . n 
A 1 11  LEU 11  11  ?   ?   ?   A . n 
A 1 12  PRO 12  12  ?   ?   ?   A . n 
A 1 13  ARG 13  13  ?   ?   ?   A . n 
A 1 14  GLY 14  14  ?   ?   ?   A . n 
A 1 15  ARG 15  15  ?   ?   ?   A . n 
A 1 16  ARG 16  16  ?   ?   ?   A . n 
A 1 17  THR 17  17  ?   ?   ?   A . n 
A 1 18  ALA 18  18  ?   ?   ?   A . n 
A 1 19  ARG 19  19  ?   ?   ?   A . n 
A 1 20  PRO 20  20  ?   ?   ?   A . n 
A 1 21  SER 21  21  ?   ?   ?   A . n 
A 1 22  GLY 22  22  ?   ?   ?   A . n 
A 1 23  ASP 23  23  23  ASP ASP A . n 
A 1 24  ASP 24  24  24  ASP ASP A . n 
A 1 25  ARG 25  25  25  ARG ARG A . n 
A 1 26  GLU 26  26  26  GLU GLU A . n 
A 1 27  LEU 27  27  27  LEU LEU A . n 
A 1 28  ALA 28  28  28  ALA ALA A . n 
A 1 29  ILE 29  29  29  ILE ILE A . n 
A 1 30  LEU 30  30  30  LEU LEU A . n 
A 1 31  ALA 31  31  31  ALA ALA A . n 
A 1 32  THR 32  32  32  THR THR A . n 
A 1 33  ALA 33  33  33  ALA ALA A . n 
A 1 34  GLU 34  34  34  GLU GLU A . n 
A 1 35  ASN 35  35  35  ASN ASN A . n 
A 1 36  LEU 36  36  36  LEU LEU A . n 
A 1 37  LEU 37  37  37  LEU LEU A . n 
A 1 38  GLU 38  38  38  GLU GLU A . n 
A 1 39  ASP 39  39  39  ASP ASP A . n 
A 1 40  ARG 40  40  40  ARG ARG A . n 
A 1 41  PRO 41  41  41  PRO PRO A . n 
A 1 42  LEU 42  42  42  LEU LEU A . n 
A 1 43  ALA 43  43  43  ALA ALA A . n 
A 1 44  ASP 44  44  44  ASP ASP A . n 
A 1 45  ILE 45  45  45  ILE ILE A . n 
A 1 46  SER 46  46  46  SER SER A . n 
A 1 47  VAL 47  47  47  VAL VAL A . n 
A 1 48  ASP 48  48  48  ASP ASP A . n 
A 1 49  ASP 49  49  49  ASP ASP A . n 
A 1 50  LEU 50  50  50  LEU LEU A . n 
A 1 51  ALA 51  51  51  ALA ALA A . n 
A 1 52  LYS 52  52  52  LYS ALA A . n 
A 1 53  GLY 53  53  53  GLY GLY A . n 
A 1 54  ALA 54  54  54  ALA ALA A . n 
A 1 55  GLY 55  55  55  GLY GLY A . n 
A 1 56  ILE 56  56  56  ILE ILE A . n 
A 1 57  SER 57  57  57  SER SER A . n 
A 1 58  ARG 58  58  58  ARG ARG A . n 
A 1 59  PRO 59  59  59  PRO PRO A . n 
A 1 60  THR 60  60  60  THR THR A . n 
A 1 61  PHE 61  61  61  PHE PHE A . n 
A 1 62  TYR 62  62  62  TYR TYR A . n 
A 1 63  PHE 63  63  63  PHE PHE A . n 
A 1 64  TYR 64  64  64  TYR TYR A . n 
A 1 65  PHE 65  65  65  PHE PHE A . n 
A 1 66  PRO 66  66  66  PRO PRO A . n 
A 1 67  SER 67  67  67  SER SER A . n 
A 1 68  LYS 68  68  68  LYS LYS A . n 
A 1 69  GLU 69  69  69  GLU GLU A . n 
A 1 70  ALA 70  70  70  ALA ALA A . n 
A 1 71  VAL 71  71  71  VAL VAL A . n 
A 1 72  LEU 72  72  72  LEU LEU A . n 
A 1 73  LEU 73  73  73  LEU LEU A . n 
A 1 74  THR 74  74  74  THR THR A . n 
A 1 75  LEU 75  75  75  LEU LEU A . n 
A 1 76  LEU 76  76  76  LEU LEU A . n 
A 1 77  ASP 77  77  77  ASP ASP A . n 
A 1 78  ARG 78  78  78  ARG ARG A . n 
A 1 79  VAL 79  79  79  VAL VAL A . n 
A 1 80  VAL 80  80  80  VAL VAL A . n 
A 1 81  ASN 81  81  81  ASN ASN A . n 
A 1 82  GLN 82  82  82  GLN GLN A . n 
A 1 83  ALA 83  83  83  ALA ALA A . n 
A 1 84  ASP 84  84  84  ASP ASP A . n 
A 1 85  MET 85  85  85  MET MET A . n 
A 1 86  ALA 86  86  86  ALA ALA A . n 
A 1 87  LEU 87  87  87  LEU LEU A . n 
A 1 88  GLN 88  88  88  GLN GLN A . n 
A 1 89  THR 89  89  89  THR THR A . n 
A 1 90  LEU 90  90  90  LEU LEU A . n 
A 1 91  ALA 91  91  91  ALA ALA A . n 
A 1 92  GLU 92  92  92  GLU GLU A . n 
A 1 93  ASN 93  93  93  ASN ASN A . n 
A 1 94  PRO 94  94  94  PRO PRO A . n 
A 1 95  ALA 95  95  95  ALA ALA A . n 
A 1 96  ASP 96  96  96  ASP ASP A . n 
A 1 97  THR 97  97  97  THR ALA A . n 
A 1 98  ASP 98  98  98  ASP ASP A . n 
A 1 99  ARG 99  99  99  ARG ARG A . n 
A 1 100 GLU 100 100 100 GLU GLU A . n 
A 1 101 ASN 101 101 101 ASN ASN A . n 
A 1 102 MET 102 102 102 MET MET A . n 
A 1 103 TRP 103 103 103 TRP TRP A . n 
A 1 104 ARG 104 104 104 ARG ARG A . n 
A 1 105 THR 105 105 105 THR THR A . n 
A 1 106 GLY 106 106 106 GLY GLY A . n 
A 1 107 ILE 107 107 107 ILE ILE A . n 
A 1 108 ASN 108 108 108 ASN ASN A . n 
A 1 109 VAL 109 109 109 VAL VAL A . n 
A 1 110 PHE 110 110 110 PHE PHE A . n 
A 1 111 PHE 111 111 111 PHE PHE A . n 
A 1 112 GLU 112 112 112 GLU GLU A . n 
A 1 113 THR 113 113 113 THR THR A . n 
A 1 114 PHE 114 114 114 PHE PHE A . n 
A 1 115 GLY 115 115 115 GLY GLY A . n 
A 1 116 SER 116 116 116 SER SER A . n 
A 1 117 HIS 117 117 117 HIS HIS A . n 
A 1 118 LYS 118 118 118 LYS LYS A . n 
A 1 119 ALA 119 119 119 ALA ALA A . n 
A 1 120 VAL 120 120 120 VAL VAL A . n 
A 1 121 THR 121 121 121 THR THR A . n 
A 1 122 ARG 122 122 122 ARG ARG A . n 
A 1 123 ALA 123 123 123 ALA ALA A . n 
A 1 124 GLY 124 124 124 GLY GLY A . n 
A 1 125 GLN 125 125 125 GLN GLN A . n 
A 1 126 ALA 126 126 126 ALA ALA A . n 
A 1 127 ALA 127 127 127 ALA ALA A . n 
A 1 128 ARG 128 128 128 ARG ARG A . n 
A 1 129 ALA 129 129 129 ALA ALA A . n 
A 1 130 THR 130 130 130 THR THR A . n 
A 1 131 SER 131 131 131 SER SER A . n 
A 1 132 VAL 132 132 132 VAL VAL A . n 
A 1 133 GLU 133 133 133 GLU GLU A . n 
A 1 134 VAL 134 134 134 VAL VAL A . n 
A 1 135 ALA 135 135 135 ALA ALA A . n 
A 1 136 GLU 136 136 136 GLU GLU A . n 
A 1 137 LEU 137 137 137 LEU LEU A . n 
A 1 138 TRP 138 138 138 TRP TRP A . n 
A 1 139 SER 139 139 139 SER SER A . n 
A 1 140 THR 140 140 140 THR THR A . n 
A 1 141 PHE 141 141 141 PHE PHE A . n 
A 1 142 MET 142 142 142 MET MET A . n 
A 1 143 GLN 143 143 143 GLN GLN A . n 
A 1 144 LYS 144 144 144 LYS LYS A . n 
A 1 145 TRP 145 145 145 TRP TRP A . n 
A 1 146 ILE 146 146 146 ILE ILE A . n 
A 1 147 ALA 147 147 147 ALA ALA A . n 
A 1 148 TYR 148 148 148 TYR TYR A . n 
A 1 149 THR 149 149 149 THR THR A . n 
A 1 150 ALA 150 150 150 ALA ALA A . n 
A 1 151 ALA 151 151 151 ALA ALA A . n 
A 1 152 VAL 152 152 152 VAL VAL A . n 
A 1 153 ILE 153 153 153 ILE ILE A . n 
A 1 154 ASP 154 154 154 ASP ASP A . n 
A 1 155 ALA 155 155 155 ALA ALA A . n 
A 1 156 GLU 156 156 156 GLU GLU A . n 
A 1 157 ARG 157 157 157 ARG ARG A . n 
A 1 158 ASP 158 158 158 ASP ASP A . n 
A 1 159 ARG 159 159 159 ARG ARG A . n 
A 1 160 GLY 160 160 160 GLY GLY A . n 
A 1 161 ALA 161 161 161 ALA ALA A . n 
A 1 162 ALA 162 162 162 ALA ALA A . n 
A 1 163 PRO 163 163 163 PRO PRO A . n 
A 1 164 ARG 164 164 164 ARG ARG A . n 
A 1 165 THR 165 165 165 THR THR A . n 
A 1 166 LEU 166 166 166 LEU LEU A . n 
A 1 167 PRO 167 167 167 PRO PRO A . n 
A 1 168 ALA 168 168 168 ALA ALA A . n 
A 1 169 HIS 169 169 169 HIS HIS A . n 
A 1 170 GLU 170 170 170 GLU GLU A . n 
A 1 171 LEU 171 171 171 LEU LEU A . n 
A 1 172 ALA 172 172 172 ALA ALA A . n 
A 1 173 THR 173 173 173 THR THR A . n 
A 1 174 ALA 174 174 174 ALA ALA A . n 
A 1 175 LEU 175 175 175 LEU LEU A . n 
A 1 176 ASN 176 176 176 ASN ASN A . n 
A 1 177 LEU 177 177 177 LEU LEU A . n 
A 1 178 MET 178 178 178 MET MET A . n 
A 1 179 ASN 179 179 179 ASN ASN A . n 
A 1 180 GLU 180 180 180 GLU GLU A . n 
A 1 181 ARG 181 181 181 ARG ARG A . n 
A 1 182 THR 182 182 182 THR THR A . n 
A 1 183 LEU 183 183 183 LEU LEU A . n 
A 1 184 PHE 184 184 184 PHE PHE A . n 
A 1 185 ALA 185 185 185 ALA ALA A . n 
A 1 186 SER 186 186 186 SER SER A . n 
A 1 187 PHE 187 187 187 PHE PHE A . n 
A 1 188 ALA 188 188 188 ALA ALA A . n 
A 1 189 GLY 189 189 189 GLY GLY A . n 
A 1 190 GLU 190 190 190 GLU GLU A . n 
A 1 191 GLN 191 191 191 GLN GLN A . n 
A 1 192 PRO 192 192 192 PRO PRO A . n 
A 1 193 SER 193 193 193 SER SER A . n 
A 1 194 VAL 194 194 194 VAL VAL A . n 
A 1 195 PRO 195 195 195 PRO PRO A . n 
A 1 196 GLU 196 196 196 GLU GLU A . n 
A 1 197 ALA 197 197 197 ALA ALA A . n 
A 1 198 ARG 198 198 198 ARG ARG A . n 
A 1 199 VAL 199 199 199 VAL VAL A . n 
A 1 200 LEU 200 200 200 LEU LEU A . n 
A 1 201 ASP 201 201 201 ASP ASP A . n 
A 1 202 THR 202 202 202 THR THR A . n 
A 1 203 LEU 203 203 203 LEU LEU A . n 
A 1 204 VAL 204 204 204 VAL VAL A . n 
A 1 205 HIS 205 205 205 HIS HIS A . n 
A 1 206 ILE 206 206 206 ILE ILE A . n 
A 1 207 TRP 207 207 207 TRP TRP A . n 
A 1 208 VAL 208 208 208 VAL VAL A . n 
A 1 209 THR 209 209 209 THR THR A . n 
A 1 210 SER 210 210 210 SER SER A . n 
A 1 211 ILE 211 211 211 ILE ILE A . n 
A 1 212 TYR 212 212 212 TYR TYR A . n 
A 1 213 GLY 213 213 213 GLY GLY A . n 
A 1 214 GLU 214 214 214 GLU GLU A . n 
A 1 215 ASN 215 215 215 ASN ALA A . n 
A 1 216 ARG 216 216 ?   ?   ?   A . n 
# 
loop_
_pdbx_nonpoly_scheme.asym_id 
_pdbx_nonpoly_scheme.entity_id 
_pdbx_nonpoly_scheme.mon_id 
_pdbx_nonpoly_scheme.ndb_seq_num 
_pdbx_nonpoly_scheme.pdb_seq_num 
_pdbx_nonpoly_scheme.auth_seq_num 
_pdbx_nonpoly_scheme.pdb_mon_id 
_pdbx_nonpoly_scheme.auth_mon_id 
_pdbx_nonpoly_scheme.pdb_strand_id 
_pdbx_nonpoly_scheme.pdb_ins_code 
B 2 JPK 1  301 1  JPK DRG A . 
C 3 HOH 1  401 10 HOH HOH A . 
C 3 HOH 2  402 33 HOH HOH A . 
C 3 HOH 3  403 18 HOH HOH A . 
C 3 HOH 4  404 55 HOH HOH A . 
C 3 HOH 5  405 25 HOH HOH A . 
C 3 HOH 6  406 43 HOH HOH A . 
C 3 HOH 7  407 40 HOH HOH A . 
C 3 HOH 8  408 54 HOH HOH A . 
C 3 HOH 9  409 9  HOH HOH A . 
C 3 HOH 10 410 51 HOH HOH A . 
C 3 HOH 11 411 2  HOH HOH A . 
C 3 HOH 12 412 34 HOH HOH A . 
C 3 HOH 13 413 45 HOH HOH A . 
C 3 HOH 14 414 15 HOH HOH A . 
C 3 HOH 15 415 21 HOH HOH A . 
C 3 HOH 16 416 7  HOH HOH A . 
C 3 HOH 17 417 35 HOH HOH A . 
C 3 HOH 18 418 30 HOH HOH A . 
C 3 HOH 19 419 36 HOH HOH A . 
C 3 HOH 20 420 53 HOH HOH A . 
C 3 HOH 21 421 5  HOH HOH A . 
C 3 HOH 22 422 52 HOH HOH A . 
C 3 HOH 23 423 50 HOH HOH A . 
C 3 HOH 24 424 1  HOH HOH A . 
C 3 HOH 25 425 19 HOH HOH A . 
C 3 HOH 26 426 8  HOH HOH A . 
C 3 HOH 27 427 61 HOH HOH A . 
C 3 HOH 28 428 12 HOH HOH A . 
C 3 HOH 29 429 39 HOH HOH A . 
C 3 HOH 30 430 44 HOH HOH A . 
C 3 HOH 31 431 20 HOH HOH A . 
C 3 HOH 32 432 57 HOH HOH A . 
C 3 HOH 33 433 23 HOH HOH A . 
C 3 HOH 34 434 4  HOH HOH A . 
C 3 HOH 35 435 59 HOH HOH A . 
C 3 HOH 36 436 46 HOH HOH A . 
C 3 HOH 37 437 42 HOH HOH A . 
C 3 HOH 38 438 60 HOH HOH A . 
C 3 HOH 39 439 27 HOH HOH A . 
C 3 HOH 40 440 6  HOH HOH A . 
C 3 HOH 41 441 41 HOH HOH A . 
C 3 HOH 42 442 3  HOH HOH A . 
C 3 HOH 43 443 31 HOH HOH A . 
C 3 HOH 44 444 26 HOH HOH A . 
C 3 HOH 45 445 13 HOH HOH A . 
C 3 HOH 46 446 16 HOH HOH A . 
C 3 HOH 47 447 47 HOH HOH A . 
C 3 HOH 48 448 29 HOH HOH A . 
C 3 HOH 49 449 56 HOH HOH A . 
C 3 HOH 50 450 32 HOH HOH A . 
C 3 HOH 51 451 58 HOH HOH A . 
C 3 HOH 52 452 22 HOH HOH A . 
C 3 HOH 53 453 48 HOH HOH A . 
C 3 HOH 54 454 17 HOH HOH A . 
C 3 HOH 55 455 14 HOH HOH A . 
C 3 HOH 56 456 24 HOH HOH A . 
C 3 HOH 57 457 38 HOH HOH A . 
C 3 HOH 58 458 11 HOH HOH A . 
C 3 HOH 59 459 28 HOH HOH A . 
C 3 HOH 60 460 49 HOH HOH A . 
# 
loop_
_pdbx_unobs_or_zero_occ_atoms.id 
_pdbx_unobs_or_zero_occ_atoms.PDB_model_num 
_pdbx_unobs_or_zero_occ_atoms.polymer_flag 
_pdbx_unobs_or_zero_occ_atoms.occupancy_flag 
_pdbx_unobs_or_zero_occ_atoms.auth_asym_id 
_pdbx_unobs_or_zero_occ_atoms.auth_comp_id 
_pdbx_unobs_or_zero_occ_atoms.auth_seq_id 
_pdbx_unobs_or_zero_occ_atoms.PDB_ins_code 
_pdbx_unobs_or_zero_occ_atoms.auth_atom_id 
_pdbx_unobs_or_zero_occ_atoms.label_alt_id 
_pdbx_unobs_or_zero_occ_atoms.label_asym_id 
_pdbx_unobs_or_zero_occ_atoms.label_comp_id 
_pdbx_unobs_or_zero_occ_atoms.label_seq_id 
_pdbx_unobs_or_zero_occ_atoms.label_atom_id 
1 1 Y 1 A LYS 52  ? CG  ? A LYS 52  CG  
2 1 Y 1 A LYS 52  ? CD  ? A LYS 52  CD  
3 1 Y 1 A LYS 52  ? CE  ? A LYS 52  CE  
4 1 Y 1 A LYS 52  ? NZ  ? A LYS 52  NZ  
5 1 Y 1 A THR 97  ? OG1 ? A THR 97  OG1 
6 1 Y 1 A THR 97  ? CG2 ? A THR 97  CG2 
7 1 Y 1 A ASN 215 ? CG  ? A ASN 215 CG  
8 1 Y 1 A ASN 215 ? OD1 ? A ASN 215 OD1 
9 1 Y 1 A ASN 215 ? ND2 ? A ASN 215 ND2 
# 
loop_
_software.citation_id 
_software.classification 
_software.compiler_name 
_software.compiler_version 
_software.contact_author 
_software.contact_author_email 
_software.date 
_software.description 
_software.dependencies 
_software.hardware 
_software.language 
_software.location 
_software.mods 
_software.name 
_software.os 
_software.os_version 
_software.type 
_software.version 
_software.pdbx_ordinal 
? refinement       ? ? ? ? ? ? ? ? ? ? ? REFMAC ? ? ? 5.8.0238 1 
? 'data reduction' ? ? ? ? ? ? ? ? ? ? ? XDS    ? ? ? .        2 
? 'data scaling'   ? ? ? ? ? ? ? ? ? ? ? XSCALE ? ? ? .        3 
? phasing          ? ? ? ? ? ? ? ? ? ? ? PHASER ? ? ? .        4 
# 
_cell.angle_alpha                  90.00 
_cell.angle_alpha_esd              ? 
_cell.angle_beta                   90.00 
_cell.angle_beta_esd               ? 
_cell.angle_gamma                  90.00 
_cell.angle_gamma_esd              ? 
_cell.entry_id                     6R1S 
_cell.details                      ? 
_cell.formula_units_Z              ? 
_cell.length_a                     120.894 
_cell.length_a_esd                 ? 
_cell.length_b                     120.894 
_cell.length_b_esd                 ? 
_cell.length_c                     33.676 
_cell.length_c_esd                 ? 
_cell.volume                       ? 
_cell.volume_esd                   ? 
_cell.Z_PDB                        8 
_cell.reciprocal_angle_alpha       ? 
_cell.reciprocal_angle_beta        ? 
_cell.reciprocal_angle_gamma       ? 
_cell.reciprocal_angle_alpha_esd   ? 
_cell.reciprocal_angle_beta_esd    ? 
_cell.reciprocal_angle_gamma_esd   ? 
_cell.reciprocal_length_a          ? 
_cell.reciprocal_length_b          ? 
_cell.reciprocal_length_c          ? 
_cell.reciprocal_length_a_esd      ? 
_cell.reciprocal_length_b_esd      ? 
_cell.reciprocal_length_c_esd      ? 
_cell.pdbx_unique_axis             ? 
# 
_symmetry.entry_id                         6R1S 
_symmetry.cell_setting                     ? 
_symmetry.Int_Tables_number                92 
_symmetry.space_group_name_Hall            ? 
_symmetry.space_group_name_H-M             'P 41 21 2' 
_symmetry.pdbx_full_space_group_name_H-M   ? 
# 
_exptl.absorpt_coefficient_mu     ? 
_exptl.absorpt_correction_T_max   ? 
_exptl.absorpt_correction_T_min   ? 
_exptl.absorpt_correction_type    ? 
_exptl.absorpt_process_details    ? 
_exptl.entry_id                   6R1S 
_exptl.crystals_number            1 
_exptl.details                    ? 
_exptl.method                     'X-RAY DIFFRACTION' 
_exptl.method_details             ? 
# 
_exptl_crystal.colour                      ? 
_exptl_crystal.density_diffrn              ? 
_exptl_crystal.density_Matthews            2.59 
_exptl_crystal.density_method              ? 
_exptl_crystal.density_percent_sol         52.45 
_exptl_crystal.description                 ? 
_exptl_crystal.F_000                       ? 
_exptl_crystal.id                          1 
_exptl_crystal.preparation                 ? 
_exptl_crystal.size_max                    ? 
_exptl_crystal.size_mid                    ? 
_exptl_crystal.size_min                    ? 
_exptl_crystal.size_rad                    ? 
_exptl_crystal.colour_lustre               ? 
_exptl_crystal.colour_modifier             ? 
_exptl_crystal.colour_primary              ? 
_exptl_crystal.density_meas                ? 
_exptl_crystal.density_meas_esd            ? 
_exptl_crystal.density_meas_gt             ? 
_exptl_crystal.density_meas_lt             ? 
_exptl_crystal.density_meas_temp           ? 
_exptl_crystal.density_meas_temp_esd       ? 
_exptl_crystal.density_meas_temp_gt        ? 
_exptl_crystal.density_meas_temp_lt        ? 
_exptl_crystal.pdbx_crystal_image_url      ? 
_exptl_crystal.pdbx_crystal_image_format   ? 
_exptl_crystal.pdbx_mosaicity              ? 
_exptl_crystal.pdbx_mosaicity_esd          ? 
# 
_exptl_crystal_grow.apparatus       ? 
_exptl_crystal_grow.atmosphere      ? 
_exptl_crystal_grow.crystal_id      1 
_exptl_crystal_grow.details         ? 
_exptl_crystal_grow.method          'VAPOR DIFFUSION, HANGING DROP' 
_exptl_crystal_grow.method_ref      ? 
_exptl_crystal_grow.pH              ? 
_exptl_crystal_grow.pressure        ? 
_exptl_crystal_grow.pressure_esd    ? 
_exptl_crystal_grow.seeding         ? 
_exptl_crystal_grow.seeding_ref     ? 
_exptl_crystal_grow.temp            293 
_exptl_crystal_grow.temp_details    ? 
_exptl_crystal_grow.temp_esd        ? 
_exptl_crystal_grow.time            ? 
_exptl_crystal_grow.pdbx_details    '100 mM HEPES, 1.4-1.6 M Ammoniumsulfate' 
_exptl_crystal_grow.pdbx_pH_range   6-6.5 
# 
_diffrn.ambient_environment              ? 
_diffrn.ambient_temp                     100 
_diffrn.ambient_temp_details             ? 
_diffrn.ambient_temp_esd                 ? 
_diffrn.crystal_id                       1 
_diffrn.crystal_support                  ? 
_diffrn.crystal_treatment                ? 
_diffrn.details                          ? 
_diffrn.id                               1 
_diffrn.ambient_pressure                 ? 
_diffrn.ambient_pressure_esd             ? 
_diffrn.ambient_pressure_gt              ? 
_diffrn.ambient_pressure_lt              ? 
_diffrn.ambient_temp_gt                  ? 
_diffrn.ambient_temp_lt                  ? 
_diffrn.pdbx_serial_crystal_experiment   N 
# 
_diffrn_detector.details                      ? 
_diffrn_detector.detector                     PIXEL 
_diffrn_detector.diffrn_id                    1 
_diffrn_detector.type                         'DECTRIS PILATUS3 S 6M' 
_diffrn_detector.area_resol_mean              ? 
_diffrn_detector.dtime                        ? 
_diffrn_detector.pdbx_frames_total            ? 
_diffrn_detector.pdbx_collection_time_total   ? 
_diffrn_detector.pdbx_collection_date         2017-03-03 
_diffrn_detector.pdbx_frequency               ? 
# 
_diffrn_radiation.collimation                      ? 
_diffrn_radiation.diffrn_id                        1 
_diffrn_radiation.filter_edge                      ? 
_diffrn_radiation.inhomogeneity                    ? 
_diffrn_radiation.monochromator                    ? 
_diffrn_radiation.polarisn_norm                    ? 
_diffrn_radiation.polarisn_ratio                   ? 
_diffrn_radiation.probe                            ? 
_diffrn_radiation.type                             ? 
_diffrn_radiation.xray_symbol                      ? 
_diffrn_radiation.wavelength_id                    1 
_diffrn_radiation.pdbx_monochromatic_or_laue_m_l   M 
_diffrn_radiation.pdbx_wavelength_list             ? 
_diffrn_radiation.pdbx_wavelength                  ? 
_diffrn_radiation.pdbx_diffrn_protocol             'SINGLE WAVELENGTH' 
_diffrn_radiation.pdbx_analyzer                    ? 
_diffrn_radiation.pdbx_scattering_type             x-ray 
# 
_diffrn_radiation_wavelength.id           1 
_diffrn_radiation_wavelength.wavelength   0.9174 
_diffrn_radiation_wavelength.wt           1.0 
# 
_diffrn_source.current                     ? 
_diffrn_source.details                     ? 
_diffrn_source.diffrn_id                   1 
_diffrn_source.power                       ? 
_diffrn_source.size                        ? 
_diffrn_source.source                      SYNCHROTRON 
_diffrn_source.target                      ? 
_diffrn_source.type                        'DIAMOND BEAMLINE I04-1' 
_diffrn_source.voltage                     ? 
_diffrn_source.take-off_angle              ? 
_diffrn_source.pdbx_wavelength_list        0.9174 
_diffrn_source.pdbx_wavelength             ? 
_diffrn_source.pdbx_synchrotron_beamline   I04-1 
_diffrn_source.pdbx_synchrotron_site       Diamond 
# 
_reflns.B_iso_Wilson_estimate            ? 
_reflns.entry_id                         6R1S 
_reflns.data_reduction_details           ? 
_reflns.data_reduction_method            ? 
_reflns.d_resolution_high                1.8 
_reflns.d_resolution_low                 80 
_reflns.details                          ? 
_reflns.limit_h_max                      ? 
_reflns.limit_h_min                      ? 
_reflns.limit_k_max                      ? 
_reflns.limit_k_min                      ? 
_reflns.limit_l_max                      ? 
_reflns.limit_l_min                      ? 
_reflns.number_all                       ? 
_reflns.number_obs                       43521 
_reflns.observed_criterion               ? 
_reflns.observed_criterion_F_max         ? 
_reflns.observed_criterion_F_min         ? 
_reflns.observed_criterion_I_max         ? 
_reflns.observed_criterion_I_min         ? 
_reflns.observed_criterion_sigma_F       ? 
_reflns.observed_criterion_sigma_I       ? 
_reflns.percent_possible_obs             98.4 
_reflns.R_free_details                   ? 
_reflns.Rmerge_F_all                     ? 
_reflns.Rmerge_F_obs                     ? 
_reflns.Friedel_coverage                 ? 
_reflns.number_gt                        ? 
_reflns.threshold_expression             ? 
_reflns.pdbx_redundancy                  5.6 
_reflns.pdbx_Rmerge_I_obs                0.07 
_reflns.pdbx_Rmerge_I_all                ? 
_reflns.pdbx_Rsym_value                  ? 
_reflns.pdbx_netI_over_av_sigmaI         ? 
_reflns.pdbx_netI_over_sigmaI            15 
_reflns.pdbx_res_netI_over_av_sigmaI_2   ? 
_reflns.pdbx_res_netI_over_sigmaI_2      ? 
_reflns.pdbx_chi_squared                 ? 
_reflns.pdbx_scaling_rejects             ? 
_reflns.pdbx_d_res_high_opt              ? 
_reflns.pdbx_d_res_low_opt               ? 
_reflns.pdbx_d_res_opt_method            ? 
_reflns.phase_calculation_details        ? 
_reflns.pdbx_Rrim_I_all                  0.07 
_reflns.pdbx_Rpim_I_all                  ? 
_reflns.pdbx_d_opt                       ? 
_reflns.pdbx_number_measured_all         ? 
_reflns.pdbx_diffrn_id                   1 
_reflns.pdbx_ordinal                     1 
_reflns.pdbx_CC_half                     ? 
_reflns.pdbx_R_split                     ? 
# 
_reflns_shell.d_res_high                  1.8 
_reflns_shell.d_res_low                   2.0 
_reflns_shell.meanI_over_sigI_all         ? 
_reflns_shell.meanI_over_sigI_obs         ? 
_reflns_shell.number_measured_all         ? 
_reflns_shell.number_measured_obs         ? 
_reflns_shell.number_possible             ? 
_reflns_shell.number_unique_all           ? 
_reflns_shell.number_unique_obs           11505 
_reflns_shell.percent_possible_all        95.8 
_reflns_shell.percent_possible_obs        ? 
_reflns_shell.Rmerge_F_all                ? 
_reflns_shell.Rmerge_F_obs                ? 
_reflns_shell.Rmerge_I_all                ? 
_reflns_shell.Rmerge_I_obs                0.56 
_reflns_shell.meanI_over_sigI_gt          ? 
_reflns_shell.meanI_over_uI_all           ? 
_reflns_shell.meanI_over_uI_gt            ? 
_reflns_shell.number_measured_gt          ? 
_reflns_shell.number_unique_gt            ? 
_reflns_shell.percent_possible_gt         ? 
_reflns_shell.Rmerge_F_gt                 ? 
_reflns_shell.Rmerge_I_gt                 ? 
_reflns_shell.pdbx_redundancy             5.6 
_reflns_shell.pdbx_Rsym_value             ? 
_reflns_shell.pdbx_chi_squared            ? 
_reflns_shell.pdbx_netI_over_sigmaI_all   ? 
_reflns_shell.pdbx_netI_over_sigmaI_obs   ? 
_reflns_shell.pdbx_Rrim_I_all             ? 
_reflns_shell.pdbx_Rpim_I_all             ? 
_reflns_shell.pdbx_rejects                ? 
_reflns_shell.pdbx_ordinal                1 
_reflns_shell.pdbx_diffrn_id              1 
_reflns_shell.pdbx_CC_half                ? 
_reflns_shell.pdbx_R_split                ? 
# 
_refine.aniso_B[1][1]                            0.91 
_refine.aniso_B[1][2]                            0.00 
_refine.aniso_B[1][3]                            0.00 
_refine.aniso_B[2][2]                            0.91 
_refine.aniso_B[2][3]                            0.00 
_refine.aniso_B[3][3]                            -1.82 
_refine.B_iso_max                                ? 
_refine.B_iso_mean                               34.910 
_refine.B_iso_min                                ? 
_refine.correlation_coeff_Fo_to_Fc               0.955 
_refine.correlation_coeff_Fo_to_Fc_free          0.940 
_refine.details                                  'HYDROGENS HAVE BEEN ADDED IN THE RIDING POSITIONS' 
_refine.diff_density_max                         ? 
_refine.diff_density_max_esd                     ? 
_refine.diff_density_min                         ? 
_refine.diff_density_min_esd                     ? 
_refine.diff_density_rms                         ? 
_refine.diff_density_rms_esd                     ? 
_refine.entry_id                                 6R1S 
_refine.pdbx_refine_id                           'X-RAY DIFFRACTION' 
_refine.ls_abs_structure_details                 ? 
_refine.ls_abs_structure_Flack                   ? 
_refine.ls_abs_structure_Flack_esd               ? 
_refine.ls_abs_structure_Rogers                  ? 
_refine.ls_abs_structure_Rogers_esd              ? 
_refine.ls_d_res_high                            1.80 
_refine.ls_d_res_low                             29.44 
_refine.ls_extinction_coef                       ? 
_refine.ls_extinction_coef_esd                   ? 
_refine.ls_extinction_expression                 ? 
_refine.ls_extinction_method                     ? 
_refine.ls_goodness_of_fit_all                   ? 
_refine.ls_goodness_of_fit_all_esd               ? 
_refine.ls_goodness_of_fit_obs                   ? 
_refine.ls_goodness_of_fit_obs_esd               ? 
_refine.ls_hydrogen_treatment                    ? 
_refine.ls_matrix_type                           ? 
_refine.ls_number_constraints                    ? 
_refine.ls_number_parameters                     ? 
_refine.ls_number_reflns_all                     ? 
_refine.ls_number_reflns_obs                     22258 
_refine.ls_number_reflns_R_free                  1147 
_refine.ls_number_reflns_R_work                  ? 
_refine.ls_number_restraints                     ? 
_refine.ls_percent_reflns_obs                    98.28 
_refine.ls_percent_reflns_R_free                 4.9 
_refine.ls_R_factor_all                          ? 
_refine.ls_R_factor_obs                          0.20185 
_refine.ls_R_factor_R_free                       0.23498 
_refine.ls_R_factor_R_free_error                 ? 
_refine.ls_R_factor_R_free_error_details         ? 
_refine.ls_R_factor_R_work                       0.20015 
_refine.ls_R_Fsqd_factor_obs                     ? 
_refine.ls_R_I_factor_obs                        ? 
_refine.ls_redundancy_reflns_all                 ? 
_refine.ls_redundancy_reflns_obs                 ? 
_refine.ls_restrained_S_all                      ? 
_refine.ls_restrained_S_obs                      ? 
_refine.ls_shift_over_esd_max                    ? 
_refine.ls_shift_over_esd_mean                   ? 
_refine.ls_structure_factor_coef                 ? 
_refine.ls_weighting_details                     ? 
_refine.ls_weighting_scheme                      ? 
_refine.ls_wR_factor_all                         ? 
_refine.ls_wR_factor_obs                         ? 
_refine.ls_wR_factor_R_free                      ? 
_refine.ls_wR_factor_R_work                      ? 
_refine.occupancy_max                            ? 
_refine.occupancy_min                            ? 
_refine.solvent_model_details                    ? 
_refine.solvent_model_param_bsol                 ? 
_refine.solvent_model_param_ksol                 ? 
_refine.ls_R_factor_gt                           ? 
_refine.ls_goodness_of_fit_gt                    ? 
_refine.ls_goodness_of_fit_ref                   ? 
_refine.ls_shift_over_su_max                     ? 
_refine.ls_shift_over_su_max_lt                  ? 
_refine.ls_shift_over_su_mean                    ? 
_refine.ls_shift_over_su_mean_lt                 ? 
_refine.pdbx_ls_sigma_I                          ? 
_refine.pdbx_ls_sigma_F                          ? 
_refine.pdbx_ls_sigma_Fsqd                       ? 
_refine.pdbx_data_cutoff_high_absF               ? 
_refine.pdbx_data_cutoff_high_rms_absF           ? 
_refine.pdbx_data_cutoff_low_absF                ? 
_refine.pdbx_isotropic_thermal_model             ? 
_refine.pdbx_ls_cross_valid_method               THROUGHOUT 
_refine.pdbx_method_to_determine_struct          'MOLECULAR REPLACEMENT' 
_refine.pdbx_starting_model                      5NIM 
_refine.pdbx_stereochemistry_target_values       ? 
_refine.pdbx_R_Free_selection_details            RANDOM 
_refine.pdbx_stereochem_target_val_spec_case     ? 
_refine.pdbx_overall_ESU_R                       0.117 
_refine.pdbx_overall_ESU_R_Free                  0.116 
_refine.pdbx_solvent_vdw_probe_radii             1.20 
_refine.pdbx_solvent_ion_probe_radii             0.80 
_refine.pdbx_solvent_shrinkage_radii             0.80 
_refine.pdbx_real_space_R                        ? 
_refine.pdbx_density_correlation                 ? 
_refine.pdbx_pd_number_of_powder_patterns        ? 
_refine.pdbx_pd_number_of_points                 ? 
_refine.pdbx_pd_meas_number_of_points            ? 
_refine.pdbx_pd_proc_ls_prof_R_factor            ? 
_refine.pdbx_pd_proc_ls_prof_wR_factor           ? 
_refine.pdbx_pd_Marquardt_correlation_coeff      ? 
_refine.pdbx_pd_Fsqrd_R_factor                   ? 
_refine.pdbx_pd_ls_matrix_band_width             ? 
_refine.pdbx_overall_phase_error                 ? 
_refine.pdbx_overall_SU_R_free_Cruickshank_DPI   ? 
_refine.pdbx_overall_SU_R_free_Blow_DPI          ? 
_refine.pdbx_overall_SU_R_Blow_DPI               ? 
_refine.pdbx_TLS_residual_ADP_flag               ? 
_refine.pdbx_diffrn_id                           1 
_refine.overall_SU_B                             2.981 
_refine.overall_SU_ML                            0.092 
_refine.overall_SU_R_Cruickshank_DPI             ? 
_refine.overall_SU_R_free                        ? 
_refine.overall_FOM_free_R_set                   ? 
_refine.overall_FOM_work_R_set                   ? 
_refine.pdbx_average_fsc_overall                 ? 
_refine.pdbx_average_fsc_work                    ? 
_refine.pdbx_average_fsc_free                    ? 
# 
_refine_hist.pdbx_refine_id                   'X-RAY DIFFRACTION' 
_refine_hist.cycle_id                         1 
_refine_hist.details                          ? 
_refine_hist.d_res_high                       1.80 
_refine_hist.d_res_low                        29.44 
_refine_hist.number_atoms_solvent             60 
_refine_hist.number_atoms_total               1585 
_refine_hist.number_reflns_all                ? 
_refine_hist.number_reflns_obs                ? 
_refine_hist.number_reflns_R_free             ? 
_refine_hist.number_reflns_R_work             ? 
_refine_hist.R_factor_all                     ? 
_refine_hist.R_factor_obs                     ? 
_refine_hist.R_factor_R_free                  ? 
_refine_hist.R_factor_R_work                  ? 
_refine_hist.pdbx_number_residues_total       ? 
_refine_hist.pdbx_B_iso_mean_ligand           ? 
_refine_hist.pdbx_B_iso_mean_solvent          ? 
_refine_hist.pdbx_number_atoms_protein        1497 
_refine_hist.pdbx_number_atoms_nucleic_acid   0 
_refine_hist.pdbx_number_atoms_ligand         28 
_refine_hist.pdbx_number_atoms_lipid          ? 
_refine_hist.pdbx_number_atoms_carb           ? 
_refine_hist.pdbx_pseudo_atom_details         ? 
# 
loop_
_refine_ls_restr.pdbx_refine_id 
_refine_ls_restr.criterion 
_refine_ls_restr.dev_ideal 
_refine_ls_restr.dev_ideal_target 
_refine_ls_restr.number 
_refine_ls_restr.rejects 
_refine_ls_restr.type 
_refine_ls_restr.weight 
_refine_ls_restr.pdbx_restraint_function 
'X-RAY DIFFRACTION' ? 0.010  0.013  1581 ? r_bond_refined_d             ? ? 
'X-RAY DIFFRACTION' ? 0.003  0.017  1453 ? r_bond_other_d               ? ? 
'X-RAY DIFFRACTION' ? 1.661  1.665  2163 ? r_angle_refined_deg          ? ? 
'X-RAY DIFFRACTION' ? 1.565  1.597  3346 ? r_angle_other_deg            ? ? 
'X-RAY DIFFRACTION' ? 5.278  5.000  198  ? r_dihedral_angle_1_deg       ? ? 
'X-RAY DIFFRACTION' ? 37.800 21.705 88   ? r_dihedral_angle_2_deg       ? ? 
'X-RAY DIFFRACTION' ? 14.661 15.000 240  ? r_dihedral_angle_3_deg       ? ? 
'X-RAY DIFFRACTION' ? 17.745 15.000 13   ? r_dihedral_angle_4_deg       ? ? 
'X-RAY DIFFRACTION' ? 0.083  0.200  212  ? r_chiral_restr               ? ? 
'X-RAY DIFFRACTION' ? 0.008  0.020  1800 ? r_gen_planes_refined         ? ? 
'X-RAY DIFFRACTION' ? 0.001  0.020  356  ? r_gen_planes_other           ? ? 
'X-RAY DIFFRACTION' ? ?      ?      ?    ? r_nbd_refined                ? ? 
'X-RAY DIFFRACTION' ? ?      ?      ?    ? r_nbd_other                  ? ? 
'X-RAY DIFFRACTION' ? ?      ?      ?    ? r_nbtor_refined              ? ? 
'X-RAY DIFFRACTION' ? ?      ?      ?    ? r_nbtor_other                ? ? 
'X-RAY DIFFRACTION' ? ?      ?      ?    ? r_xyhbond_nbd_refined        ? ? 
'X-RAY DIFFRACTION' ? ?      ?      ?    ? r_xyhbond_nbd_other          ? ? 
'X-RAY DIFFRACTION' ? ?      ?      ?    ? r_metal_ion_refined          ? ? 
'X-RAY DIFFRACTION' ? ?      ?      ?    ? r_metal_ion_other            ? ? 
'X-RAY DIFFRACTION' ? ?      ?      ?    ? r_symmetry_vdw_refined       ? ? 
'X-RAY DIFFRACTION' ? ?      ?      ?    ? r_symmetry_vdw_other         ? ? 
'X-RAY DIFFRACTION' ? ?      ?      ?    ? r_symmetry_hbond_refined     ? ? 
'X-RAY DIFFRACTION' ? ?      ?      ?    ? r_symmetry_hbond_other       ? ? 
'X-RAY DIFFRACTION' ? ?      ?      ?    ? r_symmetry_metal_ion_refined ? ? 
'X-RAY DIFFRACTION' ? ?      ?      ?    ? r_symmetry_metal_ion_other   ? ? 
'X-RAY DIFFRACTION' ? 3.107  3.488  777  ? r_mcbond_it                  ? ? 
'X-RAY DIFFRACTION' ? 3.106  3.485  776  ? r_mcbond_other               ? ? 
'X-RAY DIFFRACTION' ? 4.453  5.223  971  ? r_mcangle_it                 ? ? 
'X-RAY DIFFRACTION' ? 4.451  5.227  972  ? r_mcangle_other              ? ? 
'X-RAY DIFFRACTION' ? 3.801  3.966  804  ? r_scbond_it                  ? ? 
'X-RAY DIFFRACTION' ? 3.799  3.969  805  ? r_scbond_other               ? ? 
'X-RAY DIFFRACTION' ? ?      ?      ?    ? r_scangle_it                 ? ? 
'X-RAY DIFFRACTION' ? 5.626  5.783  1190 ? r_scangle_other              ? ? 
'X-RAY DIFFRACTION' ? 8.895  42.606 1877 ? r_long_range_B_refined       ? ? 
'X-RAY DIFFRACTION' ? 8.884  42.601 1876 ? r_long_range_B_other         ? ? 
'X-RAY DIFFRACTION' ? ?      ?      ?    ? r_rigid_bond_restr           ? ? 
'X-RAY DIFFRACTION' ? ?      ?      ?    ? r_sphericity_free            ? ? 
'X-RAY DIFFRACTION' ? ?      ?      ?    ? r_sphericity_bonded          ? ? 
# 
_refine_ls_shell.pdbx_refine_id                   'X-RAY DIFFRACTION' 
_refine_ls_shell.d_res_high                       1.800 
_refine_ls_shell.d_res_low                        1.847 
_refine_ls_shell.number_reflns_all                ? 
_refine_ls_shell.number_reflns_obs                ? 
_refine_ls_shell.number_reflns_R_free             83 
_refine_ls_shell.number_reflns_R_work             1467 
_refine_ls_shell.percent_reflns_obs               90.43 
_refine_ls_shell.percent_reflns_R_free            ? 
_refine_ls_shell.R_factor_all                     ? 
_refine_ls_shell.R_factor_obs                     ? 
_refine_ls_shell.R_factor_R_free                  0.310 
_refine_ls_shell.R_factor_R_free_error            ? 
_refine_ls_shell.R_factor_R_work                  0.291 
_refine_ls_shell.redundancy_reflns_all            ? 
_refine_ls_shell.redundancy_reflns_obs            ? 
_refine_ls_shell.wR_factor_all                    ? 
_refine_ls_shell.wR_factor_obs                    ? 
_refine_ls_shell.wR_factor_R_free                 ? 
_refine_ls_shell.wR_factor_R_work                 ? 
_refine_ls_shell.pdbx_total_number_of_bins_used   20 
_refine_ls_shell.pdbx_phase_error                 ? 
_refine_ls_shell.pdbx_fsc_work                    ? 
_refine_ls_shell.pdbx_fsc_free                    ? 
# 
_struct.entry_id                     6R1S 
_struct.title                        'EthR ligand complex' 
_struct.pdbx_model_details           ? 
_struct.pdbx_formula_weight          ? 
_struct.pdbx_formula_weight_method   ? 
_struct.pdbx_model_type_details      ? 
_struct.pdbx_CASP_flag               N 
# 
_struct_keywords.entry_id        6R1S 
_struct_keywords.text            'Transcriptional regulator Tuberculosis TetR Inhibitor, DNA BINDING PROTEIN' 
_struct_keywords.pdbx_keywords   'DNA BINDING PROTEIN' 
# 
loop_
_struct_asym.id 
_struct_asym.pdbx_blank_PDB_chainid_flag 
_struct_asym.pdbx_modified 
_struct_asym.entity_id 
_struct_asym.details 
A N N 1 ? 
B N N 2 ? 
C N N 3 ? 
# 
_struct_ref.id                         1 
_struct_ref.db_name                    UNP 
_struct_ref.db_code                    ETHR_MYCTU 
_struct_ref.pdbx_db_accession          P9WMC1 
_struct_ref.pdbx_db_isoform            ? 
_struct_ref.entity_id                  1 
_struct_ref.pdbx_seq_one_letter_code   
;MTTSAASQASLPRGRRTARPSGDDRELAILATAENLLEDRPLADISVDDLAKGAGISRPTFYFYFPSKEAVLLTLLDRVV
NQADMALQTLAENPADTDRENMWRTGINVFFETFGSHKAVTRAGQAARATSVEVAELWSTFMQKWIAYTAAVIDAERDRG
AAPRTLPAHELATALNLMNERTLFASFAGEQPSVPEARVLDTLVHIWVTSIYGENR
;
_struct_ref.pdbx_align_begin           1 
# 
_struct_ref_seq.align_id                      1 
_struct_ref_seq.ref_id                        1 
_struct_ref_seq.pdbx_PDB_id_code              6R1S 
_struct_ref_seq.pdbx_strand_id                A 
_struct_ref_seq.seq_align_beg                 1 
_struct_ref_seq.pdbx_seq_align_beg_ins_code   ? 
_struct_ref_seq.seq_align_end                 216 
_struct_ref_seq.pdbx_seq_align_end_ins_code   ? 
_struct_ref_seq.pdbx_db_accession             P9WMC1 
_struct_ref_seq.db_align_beg                  1 
_struct_ref_seq.pdbx_db_align_beg_ins_code    ? 
_struct_ref_seq.db_align_end                  216 
_struct_ref_seq.pdbx_db_align_end_ins_code    ? 
_struct_ref_seq.pdbx_auth_seq_align_beg       1 
_struct_ref_seq.pdbx_auth_seq_align_end       216 
# 
_pdbx_struct_assembly.id                   1 
_pdbx_struct_assembly.details              author_and_software_defined_assembly 
_pdbx_struct_assembly.method_details       PISA 
_pdbx_struct_assembly.oligomeric_details   dimeric 
_pdbx_struct_assembly.oligomeric_count     2 
# 
loop_
_pdbx_struct_assembly_prop.biol_id 
_pdbx_struct_assembly_prop.type 
_pdbx_struct_assembly_prop.value 
_pdbx_struct_assembly_prop.details 
1 'ABSA (A^2)' 2860  ? 
1 MORE         -21   ? 
1 'SSA (A^2)'  17050 ? 
# 
_pdbx_struct_assembly_gen.assembly_id       1 
_pdbx_struct_assembly_gen.oper_expression   1,2 
_pdbx_struct_assembly_gen.asym_id_list      A,B,C 
# 
_pdbx_struct_assembly_auth_evidence.id                     1 
_pdbx_struct_assembly_auth_evidence.assembly_id            1 
_pdbx_struct_assembly_auth_evidence.experimental_support   'gel filtration' 
_pdbx_struct_assembly_auth_evidence.details                ? 
# 
loop_
_pdbx_struct_oper_list.id 
_pdbx_struct_oper_list.type 
_pdbx_struct_oper_list.name 
_pdbx_struct_oper_list.symmetry_operation 
_pdbx_struct_oper_list.matrix[1][1] 
_pdbx_struct_oper_list.matrix[1][2] 
_pdbx_struct_oper_list.matrix[1][3] 
_pdbx_struct_oper_list.vector[1] 
_pdbx_struct_oper_list.matrix[2][1] 
_pdbx_struct_oper_list.matrix[2][2] 
_pdbx_struct_oper_list.matrix[2][3] 
_pdbx_struct_oper_list.vector[2] 
_pdbx_struct_oper_list.matrix[3][1] 
_pdbx_struct_oper_list.matrix[3][2] 
_pdbx_struct_oper_list.matrix[3][3] 
_pdbx_struct_oper_list.vector[3] 
1 'identity operation'         1_555 x,y,z  1.0000000000 0.0000000000 0.0000000000 0.0000000000 0.0000000000 1.0000000000  0.0000000000 0.0000000000  0.0000000000 0.0000000000 1.0000000000  0.0000000000   
2 'crystal symmetry operation' 7_555 y,x,-z 0.6601728152 0.7486458881 0.0608373927 4.1142565546 0.7486458881 -0.6624022147 0.0274342909 -7.2368414567 0.0608373927 0.0274342909 -0.9977706006 -23.2183731824 
# 
loop_
_struct_conf.conf_type_id 
_struct_conf.id 
_struct_conf.pdbx_PDB_helix_id 
_struct_conf.beg_label_comp_id 
_struct_conf.beg_label_asym_id 
_struct_conf.beg_label_seq_id 
_struct_conf.pdbx_beg_PDB_ins_code 
_struct_conf.end_label_comp_id 
_struct_conf.end_label_asym_id 
_struct_conf.end_label_seq_id 
_struct_conf.pdbx_end_PDB_ins_code 
_struct_conf.beg_auth_comp_id 
_struct_conf.beg_auth_asym_id 
_struct_conf.beg_auth_seq_id 
_struct_conf.end_auth_comp_id 
_struct_conf.end_auth_asym_id 
_struct_conf.end_auth_seq_id 
_struct_conf.pdbx_PDB_helix_class 
_struct_conf.details 
_struct_conf.pdbx_PDB_helix_length 
HELX_P HELX_P1  AA1 ASP A 23  ? GLU A 38  ? ASP A 23  GLU A 38  1 ? 16 
HELX_P HELX_P2  AA2 PRO A 41  ? ILE A 45  ? PRO A 41  ILE A 45  5 ? 5  
HELX_P HELX_P3  AA3 SER A 46  ? GLY A 55  ? SER A 46  GLY A 55  1 ? 10 
HELX_P HELX_P4  AA4 SER A 57  ? PHE A 65  ? SER A 57  PHE A 65  1 ? 9  
HELX_P HELX_P5  AA5 SER A 67  ? ASN A 93  ? SER A 67  ASN A 93  1 ? 27 
HELX_P HELX_P6  AA6 ASP A 98  ? SER A 116 ? ASP A 98  SER A 116 1 ? 19 
HELX_P HELX_P7  AA7 HIS A 117 ? SER A 131 ? HIS A 117 SER A 131 1 ? 15 
HELX_P HELX_P8  AA8 SER A 131 ? ARG A 159 ? SER A 131 ARG A 159 1 ? 29 
HELX_P HELX_P9  AA9 PRO A 167 ? GLY A 189 ? PRO A 167 GLY A 189 1 ? 23 
HELX_P HELX_P10 AB1 PRO A 195 ? GLY A 213 ? PRO A 195 GLY A 213 1 ? 19 
# 
_struct_conf_type.id          HELX_P 
_struct_conf_type.criteria    ? 
_struct_conf_type.reference   ? 
# 
_struct_mon_prot_cis.pdbx_id                1 
_struct_mon_prot_cis.label_comp_id          GLN 
_struct_mon_prot_cis.label_seq_id           191 
_struct_mon_prot_cis.label_asym_id          A 
_struct_mon_prot_cis.label_alt_id           . 
_struct_mon_prot_cis.pdbx_PDB_ins_code      ? 
_struct_mon_prot_cis.auth_comp_id           GLN 
_struct_mon_prot_cis.auth_seq_id            191 
_struct_mon_prot_cis.auth_asym_id           A 
_struct_mon_prot_cis.pdbx_label_comp_id_2   PRO 
_struct_mon_prot_cis.pdbx_label_seq_id_2    192 
_struct_mon_prot_cis.pdbx_label_asym_id_2   A 
_struct_mon_prot_cis.pdbx_PDB_ins_code_2    ? 
_struct_mon_prot_cis.pdbx_auth_comp_id_2    PRO 
_struct_mon_prot_cis.pdbx_auth_seq_id_2     192 
_struct_mon_prot_cis.pdbx_auth_asym_id_2    A 
_struct_mon_prot_cis.pdbx_PDB_model_num     1 
_struct_mon_prot_cis.pdbx_omega_angle       8.90 
# 
_struct_site.id                   AC1 
_struct_site.pdbx_evidence_code   Software 
_struct_site.pdbx_auth_asym_id    A 
_struct_site.pdbx_auth_comp_id    JPK 
_struct_site.pdbx_auth_seq_id     301 
_struct_site.pdbx_auth_ins_code   ? 
_struct_site.pdbx_num_residues    19 
_struct_site.details              'binding site for residue JPK A 301' 
# 
loop_
_struct_site_gen.id 
_struct_site_gen.site_id 
_struct_site_gen.pdbx_num_res 
_struct_site_gen.label_comp_id 
_struct_site_gen.label_asym_id 
_struct_site_gen.label_seq_id 
_struct_site_gen.pdbx_auth_ins_code 
_struct_site_gen.auth_comp_id 
_struct_site_gen.auth_asym_id 
_struct_site_gen.auth_seq_id 
_struct_site_gen.label_atom_id 
_struct_site_gen.label_alt_id 
_struct_site_gen.symmetry 
_struct_site_gen.details 
1  AC1 19 MET A 102 ? MET A 102 . ? 1_555 ? 
2  AC1 19 TRP A 103 ? TRP A 103 . ? 1_555 ? 
3  AC1 19 GLY A 106 ? GLY A 106 . ? 1_555 ? 
4  AC1 19 ILE A 107 ? ILE A 107 . ? 1_555 ? 
5  AC1 19 PHE A 110 ? PHE A 110 . ? 1_555 ? 
6  AC1 19 PHE A 114 ? PHE A 114 . ? 1_555 ? 
7  AC1 19 TRP A 138 ? TRP A 138 . ? 1_555 ? 
8  AC1 19 MET A 142 ? MET A 142 . ? 1_555 ? 
9  AC1 19 TRP A 145 ? TRP A 145 . ? 1_555 ? 
10 AC1 19 TYR A 148 ? TYR A 148 . ? 1_555 ? 
11 AC1 19 THR A 149 ? THR A 149 . ? 1_555 ? 
12 AC1 19 VAL A 152 ? VAL A 152 . ? 1_555 ? 
13 AC1 19 ASN A 176 ? ASN A 176 . ? 1_555 ? 
14 AC1 19 ASN A 179 ? ASN A 179 . ? 1_555 ? 
15 AC1 19 GLU A 180 ? GLU A 180 . ? 1_555 ? 
16 AC1 19 LEU A 183 ? LEU A 183 . ? 1_555 ? 
17 AC1 19 PHE A 184 ? PHE A 184 . ? 1_555 ? 
18 AC1 19 TRP A 207 ? TRP A 207 . ? 1_555 ? 
19 AC1 19 HOH C .   ? HOH A 413 . ? 1_555 ? 
# 
_pdbx_validate_torsion.id              1 
_pdbx_validate_torsion.PDB_model_num   1 
_pdbx_validate_torsion.auth_comp_id    THR 
_pdbx_validate_torsion.auth_asym_id    A 
_pdbx_validate_torsion.auth_seq_id     165 
_pdbx_validate_torsion.PDB_ins_code    ? 
_pdbx_validate_torsion.label_alt_id    ? 
_pdbx_validate_torsion.phi             -99.80 
_pdbx_validate_torsion.psi             -106.07 
# 
loop_
_pdbx_struct_special_symmetry.id 
_pdbx_struct_special_symmetry.PDB_model_num 
_pdbx_struct_special_symmetry.auth_asym_id 
_pdbx_struct_special_symmetry.auth_comp_id 
_pdbx_struct_special_symmetry.auth_seq_id 
_pdbx_struct_special_symmetry.PDB_ins_code 
_pdbx_struct_special_symmetry.label_asym_id 
_pdbx_struct_special_symmetry.label_comp_id 
_pdbx_struct_special_symmetry.label_seq_id 
1 1 A HOH 407 ? C HOH . 
2 1 A HOH 447 ? C HOH . 
# 
loop_
_pdbx_unobs_or_zero_occ_residues.id 
_pdbx_unobs_or_zero_occ_residues.PDB_model_num 
_pdbx_unobs_or_zero_occ_residues.polymer_flag 
_pdbx_unobs_or_zero_occ_residues.occupancy_flag 
_pdbx_unobs_or_zero_occ_residues.auth_asym_id 
_pdbx_unobs_or_zero_occ_residues.auth_comp_id 
_pdbx_unobs_or_zero_occ_residues.auth_seq_id 
_pdbx_unobs_or_zero_occ_residues.PDB_ins_code 
_pdbx_unobs_or_zero_occ_residues.label_asym_id 
_pdbx_unobs_or_zero_occ_residues.label_comp_id 
_pdbx_unobs_or_zero_occ_residues.label_seq_id 
1  1 Y 1 A MET 1   ? A MET 1   
2  1 Y 1 A THR 2   ? A THR 2   
3  1 Y 1 A THR 3   ? A THR 3   
4  1 Y 1 A SER 4   ? A SER 4   
5  1 Y 1 A ALA 5   ? A ALA 5   
6  1 Y 1 A ALA 6   ? A ALA 6   
7  1 Y 1 A SER 7   ? A SER 7   
8  1 Y 1 A GLN 8   ? A GLN 8   
9  1 Y 1 A ALA 9   ? A ALA 9   
10 1 Y 1 A SER 10  ? A SER 10  
11 1 Y 1 A LEU 11  ? A LEU 11  
12 1 Y 1 A PRO 12  ? A PRO 12  
13 1 Y 1 A ARG 13  ? A ARG 13  
14 1 Y 1 A GLY 14  ? A GLY 14  
15 1 Y 1 A ARG 15  ? A ARG 15  
16 1 Y 1 A ARG 16  ? A ARG 16  
17 1 Y 1 A THR 17  ? A THR 17  
18 1 Y 1 A ALA 18  ? A ALA 18  
19 1 Y 1 A ARG 19  ? A ARG 19  
20 1 Y 1 A PRO 20  ? A PRO 20  
21 1 Y 1 A SER 21  ? A SER 21  
22 1 Y 1 A GLY 22  ? A GLY 22  
23 1 Y 1 A ARG 216 ? A ARG 216 
# 
loop_
_chem_comp_atom.comp_id 
_chem_comp_atom.atom_id 
_chem_comp_atom.type_symbol 
_chem_comp_atom.pdbx_aromatic_flag 
_chem_comp_atom.pdbx_stereo_config 
_chem_comp_atom.pdbx_ordinal 
ALA N    N N N 1   
ALA CA   C N S 2   
ALA C    C N N 3   
ALA O    O N N 4   
ALA CB   C N N 5   
ALA OXT  O N N 6   
ALA H    H N N 7   
ALA H2   H N N 8   
ALA HA   H N N 9   
ALA HB1  H N N 10  
ALA HB2  H N N 11  
ALA HB3  H N N 12  
ALA HXT  H N N 13  
ARG N    N N N 14  
ARG CA   C N S 15  
ARG C    C N N 16  
ARG O    O N N 17  
ARG CB   C N N 18  
ARG CG   C N N 19  
ARG CD   C N N 20  
ARG NE   N N N 21  
ARG CZ   C N N 22  
ARG NH1  N N N 23  
ARG NH2  N N N 24  
ARG OXT  O N N 25  
ARG H    H N N 26  
ARG H2   H N N 27  
ARG HA   H N N 28  
ARG HB2  H N N 29  
ARG HB3  H N N 30  
ARG HG2  H N N 31  
ARG HG3  H N N 32  
ARG HD2  H N N 33  
ARG HD3  H N N 34  
ARG HE   H N N 35  
ARG HH11 H N N 36  
ARG HH12 H N N 37  
ARG HH21 H N N 38  
ARG HH22 H N N 39  
ARG HXT  H N N 40  
ASN N    N N N 41  
ASN CA   C N S 42  
ASN C    C N N 43  
ASN O    O N N 44  
ASN CB   C N N 45  
ASN CG   C N N 46  
ASN OD1  O N N 47  
ASN ND2  N N N 48  
ASN OXT  O N N 49  
ASN H    H N N 50  
ASN H2   H N N 51  
ASN HA   H N N 52  
ASN HB2  H N N 53  
ASN HB3  H N N 54  
ASN HD21 H N N 55  
ASN HD22 H N N 56  
ASN HXT  H N N 57  
ASP N    N N N 58  
ASP CA   C N S 59  
ASP C    C N N 60  
ASP O    O N N 61  
ASP CB   C N N 62  
ASP CG   C N N 63  
ASP OD1  O N N 64  
ASP OD2  O N N 65  
ASP OXT  O N N 66  
ASP H    H N N 67  
ASP H2   H N N 68  
ASP HA   H N N 69  
ASP HB2  H N N 70  
ASP HB3  H N N 71  
ASP HD2  H N N 72  
ASP HXT  H N N 73  
GLN N    N N N 74  
GLN CA   C N S 75  
GLN C    C N N 76  
GLN O    O N N 77  
GLN CB   C N N 78  
GLN CG   C N N 79  
GLN CD   C N N 80  
GLN OE1  O N N 81  
GLN NE2  N N N 82  
GLN OXT  O N N 83  
GLN H    H N N 84  
GLN H2   H N N 85  
GLN HA   H N N 86  
GLN HB2  H N N 87  
GLN HB3  H N N 88  
GLN HG2  H N N 89  
GLN HG3  H N N 90  
GLN HE21 H N N 91  
GLN HE22 H N N 92  
GLN HXT  H N N 93  
GLU N    N N N 94  
GLU CA   C N S 95  
GLU C    C N N 96  
GLU O    O N N 97  
GLU CB   C N N 98  
GLU CG   C N N 99  
GLU CD   C N N 100 
GLU OE1  O N N 101 
GLU OE2  O N N 102 
GLU OXT  O N N 103 
GLU H    H N N 104 
GLU H2   H N N 105 
GLU HA   H N N 106 
GLU HB2  H N N 107 
GLU HB3  H N N 108 
GLU HG2  H N N 109 
GLU HG3  H N N 110 
GLU HE2  H N N 111 
GLU HXT  H N N 112 
GLY N    N N N 113 
GLY CA   C N N 114 
GLY C    C N N 115 
GLY O    O N N 116 
GLY OXT  O N N 117 
GLY H    H N N 118 
GLY H2   H N N 119 
GLY HA2  H N N 120 
GLY HA3  H N N 121 
GLY HXT  H N N 122 
HIS N    N N N 123 
HIS CA   C N S 124 
HIS C    C N N 125 
HIS O    O N N 126 
HIS CB   C N N 127 
HIS CG   C Y N 128 
HIS ND1  N Y N 129 
HIS CD2  C Y N 130 
HIS CE1  C Y N 131 
HIS NE2  N Y N 132 
HIS OXT  O N N 133 
HIS H    H N N 134 
HIS H2   H N N 135 
HIS HA   H N N 136 
HIS HB2  H N N 137 
HIS HB3  H N N 138 
HIS HD1  H N N 139 
HIS HD2  H N N 140 
HIS HE1  H N N 141 
HIS HE2  H N N 142 
HIS HXT  H N N 143 
HOH O    O N N 144 
HOH H1   H N N 145 
HOH H2   H N N 146 
ILE N    N N N 147 
ILE CA   C N S 148 
ILE C    C N N 149 
ILE O    O N N 150 
ILE CB   C N S 151 
ILE CG1  C N N 152 
ILE CG2  C N N 153 
ILE CD1  C N N 154 
ILE OXT  O N N 155 
ILE H    H N N 156 
ILE H2   H N N 157 
ILE HA   H N N 158 
ILE HB   H N N 159 
ILE HG12 H N N 160 
ILE HG13 H N N 161 
ILE HG21 H N N 162 
ILE HG22 H N N 163 
ILE HG23 H N N 164 
ILE HD11 H N N 165 
ILE HD12 H N N 166 
ILE HD13 H N N 167 
ILE HXT  H N N 168 
JPK C4   C Y N 169 
JPK C14  C N N 170 
JPK C5   C Y N 171 
JPK C6   C Y N 172 
JPK C11  C Y N 173 
JPK C7   C N N 174 
JPK C8   C N N 175 
JPK C9   C N N 176 
JPK C10  C Y N 177 
JPK C12  C Y N 178 
JPK C13  C Y N 179 
JPK N1   N N N 180 
JPK N2   N Y N 181 
JPK C3   C Y N 182 
JPK N3   N Y N 183 
JPK C15  C N N 184 
JPK C16  C N N 185 
JPK O3   O N N 186 
JPK C17  C N N 187 
JPK C18  C N N 188 
JPK C19  C Y N 189 
JPK C20  C Y N 190 
JPK N4   N Y N 191 
JPK O2   O N N 192 
JPK O1   O N N 193 
JPK C21  C Y N 194 
JPK C2   C Y N 195 
JPK C1   C N N 196 
JPK H1   H N N 197 
JPK H2   H N N 198 
JPK H3   H N N 199 
JPK H4   H N N 200 
JPK H6   H N N 201 
JPK H7   H N N 202 
JPK H8   H N N 203 
JPK H9   H N N 204 
JPK H10  H N N 205 
JPK H11  H N N 206 
JPK H12  H N N 207 
JPK H13  H N N 208 
JPK H14  H N N 209 
JPK H15  H N N 210 
JPK H16  H N N 211 
JPK H17  H N N 212 
JPK H18  H N N 213 
JPK H19  H N N 214 
JPK H20  H N N 215 
JPK H21  H N N 216 
JPK H22  H N N 217 
JPK H5   H N N 218 
JPK H23  H N N 219 
JPK H24  H N N 220 
LEU N    N N N 221 
LEU CA   C N S 222 
LEU C    C N N 223 
LEU O    O N N 224 
LEU CB   C N N 225 
LEU CG   C N N 226 
LEU CD1  C N N 227 
LEU CD2  C N N 228 
LEU OXT  O N N 229 
LEU H    H N N 230 
LEU H2   H N N 231 
LEU HA   H N N 232 
LEU HB2  H N N 233 
LEU HB3  H N N 234 
LEU HG   H N N 235 
LEU HD11 H N N 236 
LEU HD12 H N N 237 
LEU HD13 H N N 238 
LEU HD21 H N N 239 
LEU HD22 H N N 240 
LEU HD23 H N N 241 
LEU HXT  H N N 242 
LYS N    N N N 243 
LYS CA   C N S 244 
LYS C    C N N 245 
LYS O    O N N 246 
LYS CB   C N N 247 
LYS CG   C N N 248 
LYS CD   C N N 249 
LYS CE   C N N 250 
LYS NZ   N N N 251 
LYS OXT  O N N 252 
LYS H    H N N 253 
LYS H2   H N N 254 
LYS HA   H N N 255 
LYS HB2  H N N 256 
LYS HB3  H N N 257 
LYS HG2  H N N 258 
LYS HG3  H N N 259 
LYS HD2  H N N 260 
LYS HD3  H N N 261 
LYS HE2  H N N 262 
LYS HE3  H N N 263 
LYS HZ1  H N N 264 
LYS HZ2  H N N 265 
LYS HZ3  H N N 266 
LYS HXT  H N N 267 
MET N    N N N 268 
MET CA   C N S 269 
MET C    C N N 270 
MET O    O N N 271 
MET CB   C N N 272 
MET CG   C N N 273 
MET SD   S N N 274 
MET CE   C N N 275 
MET OXT  O N N 276 
MET H    H N N 277 
MET H2   H N N 278 
MET HA   H N N 279 
MET HB2  H N N 280 
MET HB3  H N N 281 
MET HG2  H N N 282 
MET HG3  H N N 283 
MET HE1  H N N 284 
MET HE2  H N N 285 
MET HE3  H N N 286 
MET HXT  H N N 287 
PHE N    N N N 288 
PHE CA   C N S 289 
PHE C    C N N 290 
PHE O    O N N 291 
PHE CB   C N N 292 
PHE CG   C Y N 293 
PHE CD1  C Y N 294 
PHE CD2  C Y N 295 
PHE CE1  C Y N 296 
PHE CE2  C Y N 297 
PHE CZ   C Y N 298 
PHE OXT  O N N 299 
PHE H    H N N 300 
PHE H2   H N N 301 
PHE HA   H N N 302 
PHE HB2  H N N 303 
PHE HB3  H N N 304 
PHE HD1  H N N 305 
PHE HD2  H N N 306 
PHE HE1  H N N 307 
PHE HE2  H N N 308 
PHE HZ   H N N 309 
PHE HXT  H N N 310 
PRO N    N N N 311 
PRO CA   C N S 312 
PRO C    C N N 313 
PRO O    O N N 314 
PRO CB   C N N 315 
PRO CG   C N N 316 
PRO CD   C N N 317 
PRO OXT  O N N 318 
PRO H    H N N 319 
PRO HA   H N N 320 
PRO HB2  H N N 321 
PRO HB3  H N N 322 
PRO HG2  H N N 323 
PRO HG3  H N N 324 
PRO HD2  H N N 325 
PRO HD3  H N N 326 
PRO HXT  H N N 327 
SER N    N N N 328 
SER CA   C N S 329 
SER C    C N N 330 
SER O    O N N 331 
SER CB   C N N 332 
SER OG   O N N 333 
SER OXT  O N N 334 
SER H    H N N 335 
SER H2   H N N 336 
SER HA   H N N 337 
SER HB2  H N N 338 
SER HB3  H N N 339 
SER HG   H N N 340 
SER HXT  H N N 341 
THR N    N N N 342 
THR CA   C N S 343 
THR C    C N N 344 
THR O    O N N 345 
THR CB   C N R 346 
THR OG1  O N N 347 
THR CG2  C N N 348 
THR OXT  O N N 349 
THR H    H N N 350 
THR H2   H N N 351 
THR HA   H N N 352 
THR HB   H N N 353 
THR HG1  H N N 354 
THR HG21 H N N 355 
THR HG22 H N N 356 
THR HG23 H N N 357 
THR HXT  H N N 358 
TRP N    N N N 359 
TRP CA   C N S 360 
TRP C    C N N 361 
TRP O    O N N 362 
TRP CB   C N N 363 
TRP CG   C Y N 364 
TRP CD1  C Y N 365 
TRP CD2  C Y N 366 
TRP NE1  N Y N 367 
TRP CE2  C Y N 368 
TRP CE3  C Y N 369 
TRP CZ2  C Y N 370 
TRP CZ3  C Y N 371 
TRP CH2  C Y N 372 
TRP OXT  O N N 373 
TRP H    H N N 374 
TRP H2   H N N 375 
TRP HA   H N N 376 
TRP HB2  H N N 377 
TRP HB3  H N N 378 
TRP HD1  H N N 379 
TRP HE1  H N N 380 
TRP HE3  H N N 381 
TRP HZ2  H N N 382 
TRP HZ3  H N N 383 
TRP HH2  H N N 384 
TRP HXT  H N N 385 
TYR N    N N N 386 
TYR CA   C N S 387 
TYR C    C N N 388 
TYR O    O N N 389 
TYR CB   C N N 390 
TYR CG   C Y N 391 
TYR CD1  C Y N 392 
TYR CD2  C Y N 393 
TYR CE1  C Y N 394 
TYR CE2  C Y N 395 
TYR CZ   C Y N 396 
TYR OH   O N N 397 
TYR OXT  O N N 398 
TYR H    H N N 399 
TYR H2   H N N 400 
TYR HA   H N N 401 
TYR HB2  H N N 402 
TYR HB3  H N N 403 
TYR HD1  H N N 404 
TYR HD2  H N N 405 
TYR HE1  H N N 406 
TYR HE2  H N N 407 
TYR HH   H N N 408 
TYR HXT  H N N 409 
VAL N    N N N 410 
VAL CA   C N S 411 
VAL C    C N N 412 
VAL O    O N N 413 
VAL CB   C N N 414 
VAL CG1  C N N 415 
VAL CG2  C N N 416 
VAL OXT  O N N 417 
VAL H    H N N 418 
VAL H2   H N N 419 
VAL HA   H N N 420 
VAL HB   H N N 421 
VAL HG11 H N N 422 
VAL HG12 H N N 423 
VAL HG13 H N N 424 
VAL HG21 H N N 425 
VAL HG22 H N N 426 
VAL HG23 H N N 427 
VAL HXT  H N N 428 
# 
loop_
_chem_comp_bond.comp_id 
_chem_comp_bond.atom_id_1 
_chem_comp_bond.atom_id_2 
_chem_comp_bond.value_order 
_chem_comp_bond.pdbx_aromatic_flag 
_chem_comp_bond.pdbx_stereo_config 
_chem_comp_bond.pdbx_ordinal 
ALA N   CA   sing N N 1   
ALA N   H    sing N N 2   
ALA N   H2   sing N N 3   
ALA CA  C    sing N N 4   
ALA CA  CB   sing N N 5   
ALA CA  HA   sing N N 6   
ALA C   O    doub N N 7   
ALA C   OXT  sing N N 8   
ALA CB  HB1  sing N N 9   
ALA CB  HB2  sing N N 10  
ALA CB  HB3  sing N N 11  
ALA OXT HXT  sing N N 12  
ARG N   CA   sing N N 13  
ARG N   H    sing N N 14  
ARG N   H2   sing N N 15  
ARG CA  C    sing N N 16  
ARG CA  CB   sing N N 17  
ARG CA  HA   sing N N 18  
ARG C   O    doub N N 19  
ARG C   OXT  sing N N 20  
ARG CB  CG   sing N N 21  
ARG CB  HB2  sing N N 22  
ARG CB  HB3  sing N N 23  
ARG CG  CD   sing N N 24  
ARG CG  HG2  sing N N 25  
ARG CG  HG3  sing N N 26  
ARG CD  NE   sing N N 27  
ARG CD  HD2  sing N N 28  
ARG CD  HD3  sing N N 29  
ARG NE  CZ   sing N N 30  
ARG NE  HE   sing N N 31  
ARG CZ  NH1  sing N N 32  
ARG CZ  NH2  doub N N 33  
ARG NH1 HH11 sing N N 34  
ARG NH1 HH12 sing N N 35  
ARG NH2 HH21 sing N N 36  
ARG NH2 HH22 sing N N 37  
ARG OXT HXT  sing N N 38  
ASN N   CA   sing N N 39  
ASN N   H    sing N N 40  
ASN N   H2   sing N N 41  
ASN CA  C    sing N N 42  
ASN CA  CB   sing N N 43  
ASN CA  HA   sing N N 44  
ASN C   O    doub N N 45  
ASN C   OXT  sing N N 46  
ASN CB  CG   sing N N 47  
ASN CB  HB2  sing N N 48  
ASN CB  HB3  sing N N 49  
ASN CG  OD1  doub N N 50  
ASN CG  ND2  sing N N 51  
ASN ND2 HD21 sing N N 52  
ASN ND2 HD22 sing N N 53  
ASN OXT HXT  sing N N 54  
ASP N   CA   sing N N 55  
ASP N   H    sing N N 56  
ASP N   H2   sing N N 57  
ASP CA  C    sing N N 58  
ASP CA  CB   sing N N 59  
ASP CA  HA   sing N N 60  
ASP C   O    doub N N 61  
ASP C   OXT  sing N N 62  
ASP CB  CG   sing N N 63  
ASP CB  HB2  sing N N 64  
ASP CB  HB3  sing N N 65  
ASP CG  OD1  doub N N 66  
ASP CG  OD2  sing N N 67  
ASP OD2 HD2  sing N N 68  
ASP OXT HXT  sing N N 69  
GLN N   CA   sing N N 70  
GLN N   H    sing N N 71  
GLN N   H2   sing N N 72  
GLN CA  C    sing N N 73  
GLN CA  CB   sing N N 74  
GLN CA  HA   sing N N 75  
GLN C   O    doub N N 76  
GLN C   OXT  sing N N 77  
GLN CB  CG   sing N N 78  
GLN CB  HB2  sing N N 79  
GLN CB  HB3  sing N N 80  
GLN CG  CD   sing N N 81  
GLN CG  HG2  sing N N 82  
GLN CG  HG3  sing N N 83  
GLN CD  OE1  doub N N 84  
GLN CD  NE2  sing N N 85  
GLN NE2 HE21 sing N N 86  
GLN NE2 HE22 sing N N 87  
GLN OXT HXT  sing N N 88  
GLU N   CA   sing N N 89  
GLU N   H    sing N N 90  
GLU N   H2   sing N N 91  
GLU CA  C    sing N N 92  
GLU CA  CB   sing N N 93  
GLU CA  HA   sing N N 94  
GLU C   O    doub N N 95  
GLU C   OXT  sing N N 96  
GLU CB  CG   sing N N 97  
GLU CB  HB2  sing N N 98  
GLU CB  HB3  sing N N 99  
GLU CG  CD   sing N N 100 
GLU CG  HG2  sing N N 101 
GLU CG  HG3  sing N N 102 
GLU CD  OE1  doub N N 103 
GLU CD  OE2  sing N N 104 
GLU OE2 HE2  sing N N 105 
GLU OXT HXT  sing N N 106 
GLY N   CA   sing N N 107 
GLY N   H    sing N N 108 
GLY N   H2   sing N N 109 
GLY CA  C    sing N N 110 
GLY CA  HA2  sing N N 111 
GLY CA  HA3  sing N N 112 
GLY C   O    doub N N 113 
GLY C   OXT  sing N N 114 
GLY OXT HXT  sing N N 115 
HIS N   CA   sing N N 116 
HIS N   H    sing N N 117 
HIS N   H2   sing N N 118 
HIS CA  C    sing N N 119 
HIS CA  CB   sing N N 120 
HIS CA  HA   sing N N 121 
HIS C   O    doub N N 122 
HIS C   OXT  sing N N 123 
HIS CB  CG   sing N N 124 
HIS CB  HB2  sing N N 125 
HIS CB  HB3  sing N N 126 
HIS CG  ND1  sing Y N 127 
HIS CG  CD2  doub Y N 128 
HIS ND1 CE1  doub Y N 129 
HIS ND1 HD1  sing N N 130 
HIS CD2 NE2  sing Y N 131 
HIS CD2 HD2  sing N N 132 
HIS CE1 NE2  sing Y N 133 
HIS CE1 HE1  sing N N 134 
HIS NE2 HE2  sing N N 135 
HIS OXT HXT  sing N N 136 
HOH O   H1   sing N N 137 
HOH O   H2   sing N N 138 
ILE N   CA   sing N N 139 
ILE N   H    sing N N 140 
ILE N   H2   sing N N 141 
ILE CA  C    sing N N 142 
ILE CA  CB   sing N N 143 
ILE CA  HA   sing N N 144 
ILE C   O    doub N N 145 
ILE C   OXT  sing N N 146 
ILE CB  CG1  sing N N 147 
ILE CB  CG2  sing N N 148 
ILE CB  HB   sing N N 149 
ILE CG1 CD1  sing N N 150 
ILE CG1 HG12 sing N N 151 
ILE CG1 HG13 sing N N 152 
ILE CG2 HG21 sing N N 153 
ILE CG2 HG22 sing N N 154 
ILE CG2 HG23 sing N N 155 
ILE CD1 HD11 sing N N 156 
ILE CD1 HD12 sing N N 157 
ILE CD1 HD13 sing N N 158 
ILE OXT HXT  sing N N 159 
JPK C17 C18  sing N N 160 
JPK C17 O3   sing N N 161 
JPK C18 C14  sing N N 162 
JPK O3  C16  sing N N 163 
JPK C16 C15  sing N N 164 
JPK C14 C15  sing N N 165 
JPK C14 C13  sing N N 166 
JPK C19 C13  sing Y N 167 
JPK C19 C20  doub Y N 168 
JPK C13 N3   doub Y N 169 
JPK C20 N4   sing Y N 170 
JPK C20 N2   sing Y N 171 
JPK N4  C10  doub Y N 172 
JPK N3  N2   sing Y N 173 
JPK O1  C8   doub N N 174 
JPK N2  C12  sing Y N 175 
JPK N1  C8   sing N N 176 
JPK N1  C9   sing N N 177 
JPK C10 C9   sing N N 178 
JPK C10 C11  sing Y N 179 
JPK C8  C7   sing N N 180 
JPK C1  C2   sing N N 181 
JPK C12 C11  doub Y N 182 
JPK C12 O2   sing N N 183 
JPK C21 C2   doub Y N 184 
JPK C21 C6   sing Y N 185 
JPK C2  C3   sing Y N 186 
JPK C7  C6   sing N N 187 
JPK C6  C5   doub Y N 188 
JPK C3  C4   doub Y N 189 
JPK C5  C4   sing Y N 190 
JPK C4  H1   sing N N 191 
JPK C14 H2   sing N N 192 
JPK C5  H3   sing N N 193 
JPK C11 H4   sing N N 194 
JPK C7  H6   sing N N 195 
JPK C7  H7   sing N N 196 
JPK C9  H8   sing N N 197 
JPK C3  H9   sing N N 198 
JPK C15 H10  sing N N 199 
JPK C15 H11  sing N N 200 
JPK C16 H12  sing N N 201 
JPK C16 H13  sing N N 202 
JPK C17 H14  sing N N 203 
JPK C17 H15  sing N N 204 
JPK C18 H16  sing N N 205 
JPK C18 H17  sing N N 206 
JPK C19 H18  sing N N 207 
JPK C21 H19  sing N N 208 
JPK C1  H20  sing N N 209 
JPK C1  H21  sing N N 210 
JPK C1  H22  sing N N 211 
JPK C9  H5   sing N N 212 
JPK N1  H23  sing N N 213 
JPK O2  H24  sing N N 214 
LEU N   CA   sing N N 215 
LEU N   H    sing N N 216 
LEU N   H2   sing N N 217 
LEU CA  C    sing N N 218 
LEU CA  CB   sing N N 219 
LEU CA  HA   sing N N 220 
LEU C   O    doub N N 221 
LEU C   OXT  sing N N 222 
LEU CB  CG   sing N N 223 
LEU CB  HB2  sing N N 224 
LEU CB  HB3  sing N N 225 
LEU CG  CD1  sing N N 226 
LEU CG  CD2  sing N N 227 
LEU CG  HG   sing N N 228 
LEU CD1 HD11 sing N N 229 
LEU CD1 HD12 sing N N 230 
LEU CD1 HD13 sing N N 231 
LEU CD2 HD21 sing N N 232 
LEU CD2 HD22 sing N N 233 
LEU CD2 HD23 sing N N 234 
LEU OXT HXT  sing N N 235 
LYS N   CA   sing N N 236 
LYS N   H    sing N N 237 
LYS N   H2   sing N N 238 
LYS CA  C    sing N N 239 
LYS CA  CB   sing N N 240 
LYS CA  HA   sing N N 241 
LYS C   O    doub N N 242 
LYS C   OXT  sing N N 243 
LYS CB  CG   sing N N 244 
LYS CB  HB2  sing N N 245 
LYS CB  HB3  sing N N 246 
LYS CG  CD   sing N N 247 
LYS CG  HG2  sing N N 248 
LYS CG  HG3  sing N N 249 
LYS CD  CE   sing N N 250 
LYS CD  HD2  sing N N 251 
LYS CD  HD3  sing N N 252 
LYS CE  NZ   sing N N 253 
LYS CE  HE2  sing N N 254 
LYS CE  HE3  sing N N 255 
LYS NZ  HZ1  sing N N 256 
LYS NZ  HZ2  sing N N 257 
LYS NZ  HZ3  sing N N 258 
LYS OXT HXT  sing N N 259 
MET N   CA   sing N N 260 
MET N   H    sing N N 261 
MET N   H2   sing N N 262 
MET CA  C    sing N N 263 
MET CA  CB   sing N N 264 
MET CA  HA   sing N N 265 
MET C   O    doub N N 266 
MET C   OXT  sing N N 267 
MET CB  CG   sing N N 268 
MET CB  HB2  sing N N 269 
MET CB  HB3  sing N N 270 
MET CG  SD   sing N N 271 
MET CG  HG2  sing N N 272 
MET CG  HG3  sing N N 273 
MET SD  CE   sing N N 274 
MET CE  HE1  sing N N 275 
MET CE  HE2  sing N N 276 
MET CE  HE3  sing N N 277 
MET OXT HXT  sing N N 278 
PHE N   CA   sing N N 279 
PHE N   H    sing N N 280 
PHE N   H2   sing N N 281 
PHE CA  C    sing N N 282 
PHE CA  CB   sing N N 283 
PHE CA  HA   sing N N 284 
PHE C   O    doub N N 285 
PHE C   OXT  sing N N 286 
PHE CB  CG   sing N N 287 
PHE CB  HB2  sing N N 288 
PHE CB  HB3  sing N N 289 
PHE CG  CD1  doub Y N 290 
PHE CG  CD2  sing Y N 291 
PHE CD1 CE1  sing Y N 292 
PHE CD1 HD1  sing N N 293 
PHE CD2 CE2  doub Y N 294 
PHE CD2 HD2  sing N N 295 
PHE CE1 CZ   doub Y N 296 
PHE CE1 HE1  sing N N 297 
PHE CE2 CZ   sing Y N 298 
PHE CE2 HE2  sing N N 299 
PHE CZ  HZ   sing N N 300 
PHE OXT HXT  sing N N 301 
PRO N   CA   sing N N 302 
PRO N   CD   sing N N 303 
PRO N   H    sing N N 304 
PRO CA  C    sing N N 305 
PRO CA  CB   sing N N 306 
PRO CA  HA   sing N N 307 
PRO C   O    doub N N 308 
PRO C   OXT  sing N N 309 
PRO CB  CG   sing N N 310 
PRO CB  HB2  sing N N 311 
PRO CB  HB3  sing N N 312 
PRO CG  CD   sing N N 313 
PRO CG  HG2  sing N N 314 
PRO CG  HG3  sing N N 315 
PRO CD  HD2  sing N N 316 
PRO CD  HD3  sing N N 317 
PRO OXT HXT  sing N N 318 
SER N   CA   sing N N 319 
SER N   H    sing N N 320 
SER N   H2   sing N N 321 
SER CA  C    sing N N 322 
SER CA  CB   sing N N 323 
SER CA  HA   sing N N 324 
SER C   O    doub N N 325 
SER C   OXT  sing N N 326 
SER CB  OG   sing N N 327 
SER CB  HB2  sing N N 328 
SER CB  HB3  sing N N 329 
SER OG  HG   sing N N 330 
SER OXT HXT  sing N N 331 
THR N   CA   sing N N 332 
THR N   H    sing N N 333 
THR N   H2   sing N N 334 
THR CA  C    sing N N 335 
THR CA  CB   sing N N 336 
THR CA  HA   sing N N 337 
THR C   O    doub N N 338 
THR C   OXT  sing N N 339 
THR CB  OG1  sing N N 340 
THR CB  CG2  sing N N 341 
THR CB  HB   sing N N 342 
THR OG1 HG1  sing N N 343 
THR CG2 HG21 sing N N 344 
THR CG2 HG22 sing N N 345 
THR CG2 HG23 sing N N 346 
THR OXT HXT  sing N N 347 
TRP N   CA   sing N N 348 
TRP N   H    sing N N 349 
TRP N   H2   sing N N 350 
TRP CA  C    sing N N 351 
TRP CA  CB   sing N N 352 
TRP CA  HA   sing N N 353 
TRP C   O    doub N N 354 
TRP C   OXT  sing N N 355 
TRP CB  CG   sing N N 356 
TRP CB  HB2  sing N N 357 
TRP CB  HB3  sing N N 358 
TRP CG  CD1  doub Y N 359 
TRP CG  CD2  sing Y N 360 
TRP CD1 NE1  sing Y N 361 
TRP CD1 HD1  sing N N 362 
TRP CD2 CE2  doub Y N 363 
TRP CD2 CE3  sing Y N 364 
TRP NE1 CE2  sing Y N 365 
TRP NE1 HE1  sing N N 366 
TRP CE2 CZ2  sing Y N 367 
TRP CE3 CZ3  doub Y N 368 
TRP CE3 HE3  sing N N 369 
TRP CZ2 CH2  doub Y N 370 
TRP CZ2 HZ2  sing N N 371 
TRP CZ3 CH2  sing Y N 372 
TRP CZ3 HZ3  sing N N 373 
TRP CH2 HH2  sing N N 374 
TRP OXT HXT  sing N N 375 
TYR N   CA   sing N N 376 
TYR N   H    sing N N 377 
TYR N   H2   sing N N 378 
TYR CA  C    sing N N 379 
TYR CA  CB   sing N N 380 
TYR CA  HA   sing N N 381 
TYR C   O    doub N N 382 
TYR C   OXT  sing N N 383 
TYR CB  CG   sing N N 384 
TYR CB  HB2  sing N N 385 
TYR CB  HB3  sing N N 386 
TYR CG  CD1  doub Y N 387 
TYR CG  CD2  sing Y N 388 
TYR CD1 CE1  sing Y N 389 
TYR CD1 HD1  sing N N 390 
TYR CD2 CE2  doub Y N 391 
TYR CD2 HD2  sing N N 392 
TYR CE1 CZ   doub Y N 393 
TYR CE1 HE1  sing N N 394 
TYR CE2 CZ   sing Y N 395 
TYR CE2 HE2  sing N N 396 
TYR CZ  OH   sing N N 397 
TYR OH  HH   sing N N 398 
TYR OXT HXT  sing N N 399 
VAL N   CA   sing N N 400 
VAL N   H    sing N N 401 
VAL N   H2   sing N N 402 
VAL CA  C    sing N N 403 
VAL CA  CB   sing N N 404 
VAL CA  HA   sing N N 405 
VAL C   O    doub N N 406 
VAL C   OXT  sing N N 407 
VAL CB  CG1  sing N N 408 
VAL CB  CG2  sing N N 409 
VAL CB  HB   sing N N 410 
VAL CG1 HG11 sing N N 411 
VAL CG1 HG12 sing N N 412 
VAL CG1 HG13 sing N N 413 
VAL CG2 HG21 sing N N 414 
VAL CG2 HG22 sing N N 415 
VAL CG2 HG23 sing N N 416 
VAL OXT HXT  sing N N 417 
# 
_pdbx_initial_refinement_model.id               1 
_pdbx_initial_refinement_model.entity_id_list   ? 
_pdbx_initial_refinement_model.type             'experimental model' 
_pdbx_initial_refinement_model.source_name      PDB 
_pdbx_initial_refinement_model.accession_code   5NIM 
_pdbx_initial_refinement_model.details          ? 
# 
_atom_sites.entry_id                    6R1S 
_atom_sites.fract_transf_matrix[1][1]   0.00439884 
_atom_sites.fract_transf_matrix[1][2]   0.00401554 
_atom_sites.fract_transf_matrix[1][3]   0.00574035 
_atom_sites.fract_transf_matrix[2][1]   0.00625944 
_atom_sites.fract_transf_matrix[2][2]   0.00079076 
_atom_sites.fract_transf_matrix[2][3]   -0.00534978 
_atom_sites.fract_transf_matrix[3][1]   -0.01129259 
_atom_sites.fract_transf_matrix[3][2]   0.02580583 
_atom_sites.fract_transf_matrix[3][3]   -0.00939837 
_atom_sites.fract_transf_vector[1]      -0.138001 
_atom_sites.fract_transf_vector[2]      -0.282244 
_atom_sites.fract_transf_vector[3]      0.007499 
# 
loop_
_atom_type.symbol 
C 
N 
O 
S 
# 
loop_
_atom_site.group_PDB 
_atom_site.id 
_atom_site.type_symbol 
_atom_site.label_atom_id 
_atom_site.label_alt_id 
_atom_site.label_comp_id 
_atom_site.label_asym_id 
_atom_site.label_entity_id 
_atom_site.label_seq_id 
_atom_site.pdbx_PDB_ins_code 
_atom_site.Cartn_x 
_atom_site.Cartn_y 
_atom_site.Cartn_z 
_atom_site.occupancy 
_atom_site.B_iso_or_equiv 
_atom_site.pdbx_formal_charge 
_atom_site.auth_seq_id 
_atom_site.auth_comp_id 
_atom_site.auth_asym_id 
_atom_site.auth_atom_id 
_atom_site.pdbx_PDB_model_num 
ATOM   1    N N   . ASP A 1 23  ? -20.686 -0.982  16.108  1.00 62.83 ? 23  ASP A N   1 
ATOM   2    C CA  . ASP A 1 23  ? -19.216 -0.713  16.087  1.00 68.62 ? 23  ASP A CA  1 
ATOM   3    C C   . ASP A 1 23  ? -18.481 -1.969  16.565  1.00 69.38 ? 23  ASP A C   1 
ATOM   4    O O   . ASP A 1 23  ? -17.680 -2.512  15.784  1.00 68.43 ? 23  ASP A O   1 
ATOM   5    C CB  . ASP A 1 23  ? -18.835 0.515   16.920  1.00 67.10 ? 23  ASP A CB  1 
ATOM   6    C CG  . ASP A 1 23  ? -17.582 1.212   16.417  1.00 69.46 ? 23  ASP A CG  1 
ATOM   7    O OD1 . ASP A 1 23  ? -16.694 0.510   15.906  1.00 68.42 ? 23  ASP A OD1 1 
ATOM   8    O OD2 . ASP A 1 23  ? -17.512 2.459   16.521  1.00 69.11 ? 23  ASP A OD2 1 
ATOM   9    N N   . ASP A 1 24  ? -18.755 -2.416  17.794  1.00 64.93 ? 24  ASP A N   1 
ATOM   10   C CA  . ASP A 1 24  ? -18.426 -3.792  18.234  1.00 60.81 ? 24  ASP A CA  1 
ATOM   11   C C   . ASP A 1 24  ? -18.521 -4.688  17.008  1.00 54.59 ? 24  ASP A C   1 
ATOM   12   O O   . ASP A 1 24  ? -17.533 -5.350  16.662  1.00 47.17 ? 24  ASP A O   1 
ATOM   13   C CB  . ASP A 1 24  ? -19.442 -4.329  19.244  1.00 69.46 ? 24  ASP A CB  1 
ATOM   14   C CG  . ASP A 1 24  ? -19.085 -4.095  20.697  1.00 73.83 ? 24  ASP A CG  1 
ATOM   15   O OD1 . ASP A 1 24  ? -17.937 -4.417  21.080  1.00 78.37 ? 24  ASP A OD1 1 
ATOM   16   O OD2 . ASP A 1 24  ? -19.970 -3.618  21.434  1.00 75.49 ? 24  ASP A OD2 1 
ATOM   17   N N   . ARG A 1 25  ? -19.706 -4.697  16.396  1.00 51.20 ? 25  ARG A N   1 
ATOM   18   C CA  . ARG A 1 25  ? -20.088 -5.706  15.384  1.00 48.05 ? 25  ARG A CA  1 
ATOM   19   C C   . ARG A 1 25  ? -19.396 -5.355  14.069  1.00 42.76 ? 25  ARG A C   1 
ATOM   20   O O   . ARG A 1 25  ? -18.961 -6.273  13.373  1.00 43.01 ? 25  ARG A O   1 
ATOM   21   C CB  . ARG A 1 25  ? -21.614 -5.805  15.291  1.00 56.13 ? 25  ARG A CB  1 
ATOM   22   C CG  . ARG A 1 25  ? -22.215 -6.618  16.429  1.00 60.14 ? 25  ARG A CG  1 
ATOM   23   C CD  . ARG A 1 25  ? -23.673 -6.986  16.219  1.00 69.38 ? 25  ARG A CD  1 
ATOM   24   N NE  . ARG A 1 25  ? -24.593 -6.021  16.811  1.00 75.22 ? 25  ARG A NE  1 
ATOM   25   C CZ  . ARG A 1 25  ? -25.845 -6.280  17.200  1.00 77.46 ? 25  ARG A CZ  1 
ATOM   26   N NH1 . ARG A 1 25  ? -26.372 -7.491  17.070  1.00 74.82 ? 25  ARG A NH1 1 
ATOM   27   N NH2 . ARG A 1 25  ? -26.568 -5.308  17.729  1.00 82.76 ? 25  ARG A NH2 1 
ATOM   28   N N   . GLU A 1 26  ? -19.295 -4.079  13.741  1.00 42.57 ? 26  GLU A N   1 
ATOM   29   C CA  . GLU A 1 26  ? -18.591 -3.660  12.504  1.00 47.16 ? 26  GLU A CA  1 
ATOM   30   C C   . GLU A 1 26  ? -17.153 -4.203  12.540  1.00 41.30 ? 26  GLU A C   1 
ATOM   31   O O   . GLU A 1 26  ? -16.753 -4.855  11.555  1.00 42.99 ? 26  GLU A O   1 
ATOM   32   C CB  . GLU A 1 26  ? -18.628 -2.143  12.329  1.00 47.64 ? 26  GLU A CB  1 
ATOM   33   C CG  . GLU A 1 26  ? -18.167 -1.744  10.941  1.00 50.32 ? 26  GLU A CG  1 
ATOM   34   C CD  . GLU A 1 26  ? -18.217 -0.259  10.642  1.00 55.72 ? 26  GLU A CD  1 
ATOM   35   O OE1 . GLU A 1 26  ? -19.257 0.358   10.951  1.00 58.57 ? 26  GLU A OE1 1 
ATOM   36   O OE2 . GLU A 1 26  ? -17.215 0.267   10.102  1.00 54.13 ? 26  GLU A OE2 1 
ATOM   37   N N   . LEU A 1 27  ? -16.424 -3.959  13.637  1.00 45.35 ? 27  LEU A N   1 
ATOM   38   C CA  . LEU A 1 27  ? -15.011 -4.384  13.815  1.00 47.55 ? 27  LEU A CA  1 
ATOM   39   C C   . LEU A 1 27  ? -14.953 -5.910  13.754  1.00 43.80 ? 27  LEU A C   1 
ATOM   40   O O   . LEU A 1 27  ? -13.995 -6.466  13.137  1.00 41.56 ? 27  LEU A O   1 
ATOM   41   C CB  . LEU A 1 27  ? -14.441 -3.853  15.137  1.00 49.36 ? 27  LEU A CB  1 
ATOM   42   C CG  . LEU A 1 27  ? -14.263 -2.339  15.210  1.00 50.69 ? 27  LEU A CG  1 
ATOM   43   C CD1 . LEU A 1 27  ? -14.126 -1.870  16.652  1.00 52.33 ? 27  LEU A CD1 1 
ATOM   44   C CD2 . LEU A 1 27  ? -13.064 -1.887  14.381  1.00 55.46 ? 27  LEU A CD2 1 
ATOM   45   N N   . ALA A 1 28  ? -15.957 -6.576  14.315  1.00 43.74 ? 28  ALA A N   1 
ATOM   46   C CA  . ALA A 1 28  ? -16.067 -8.050  14.266  1.00 42.86 ? 28  ALA A CA  1 
ATOM   47   C C   . ALA A 1 28  ? -16.212 -8.514  12.815  1.00 37.23 ? 28  ALA A C   1 
ATOM   48   O O   . ALA A 1 28  ? -15.600 -9.535  12.494  1.00 36.43 ? 28  ALA A O   1 
ATOM   49   C CB  . ALA A 1 28  ? -17.214 -8.544  15.131  1.00 42.98 ? 28  ALA A CB  1 
ATOM   50   N N   . ILE A 1 29  ? -17.028 -7.849  11.977  1.00 34.03 ? 29  ILE A N   1 
ATOM   51   C CA  . ILE A 1 29  ? -17.180 -8.221  10.536  1.00 30.86 ? 29  ILE A CA  1 
ATOM   52   C C   . ILE A 1 29  ? -15.803 -8.038  9.850   1.00 30.52 ? 29  ILE A C   1 
ATOM   53   O O   . ILE A 1 29  ? -15.410 -8.914  9.055   1.00 31.79 ? 29  ILE A O   1 
ATOM   54   C CB  . ILE A 1 29  ? -18.270 -7.373  9.827   1.00 29.86 ? 29  ILE A CB  1 
ATOM   55   C CG1 . ILE A 1 29  ? -19.686 -7.700  10.326  1.00 33.29 ? 29  ILE A CG1 1 
ATOM   56   C CG2 . ILE A 1 29  ? -18.181 -7.484  8.327   1.00 29.84 ? 29  ILE A CG2 1 
ATOM   57   C CD1 . ILE A 1 29  ? -20.696 -6.548  10.190  1.00 35.80 ? 29  ILE A CD1 1 
ATOM   58   N N   . LEU A 1 30  ? -15.149 -6.911  10.091  1.00 30.40 ? 30  LEU A N   1 
ATOM   59   C CA  . LEU A 1 30  ? -13.876 -6.561  9.399   1.00 33.53 ? 30  LEU A CA  1 
ATOM   60   C C   . LEU A 1 30  ? -12.810 -7.611  9.726   1.00 32.09 ? 30  LEU A C   1 
ATOM   61   O O   . LEU A 1 30  ? -12.131 -8.077  8.768   1.00 34.38 ? 30  LEU A O   1 
ATOM   62   C CB  . LEU A 1 30  ? -13.454 -5.147  9.812   1.00 33.27 ? 30  LEU A CB  1 
ATOM   63   C CG  . LEU A 1 30  ? -14.383 -4.056  9.266   1.00 33.60 ? 30  LEU A CG  1 
ATOM   64   C CD1 . LEU A 1 30  ? -14.133 -2.717  9.926   1.00 35.76 ? 30  LEU A CD1 1 
ATOM   65   C CD2 . LEU A 1 30  ? -14.263 -3.949  7.756   1.00 34.04 ? 30  LEU A CD2 1 
ATOM   66   N N   . ALA A 1 31  ? -12.686 -7.984  10.999  1.00 36.36 ? 31  ALA A N   1 
ATOM   67   C CA  . ALA A 1 31  ? -11.670 -8.953  11.484  1.00 35.94 ? 31  ALA A CA  1 
ATOM   68   C C   . ALA A 1 31  ? -11.921 -10.322 10.841  1.00 40.27 ? 31  ALA A C   1 
ATOM   69   O O   . ALA A 1 31  ? -10.942 -10.945 10.366  1.00 39.19 ? 31  ALA A O   1 
ATOM   70   C CB  . ALA A 1 31  ? -11.705 -9.031  12.981  1.00 41.14 ? 31  ALA A CB  1 
ATOM   71   N N   . THR A 1 32  ? -13.198 -10.744 10.758  1.00 37.84 ? 32  THR A N   1 
ATOM   72   C CA  . THR A 1 32  ? -13.637 -11.984 10.076  1.00 36.50 ? 32  THR A CA  1 
ATOM   73   C C   . THR A 1 32  ? -13.266 -11.936 8.600   1.00 34.47 ? 32  THR A C   1 
ATOM   74   O O   . THR A 1 32  ? -12.807 -12.969 8.084   1.00 36.44 ? 32  THR A O   1 
ATOM   75   C CB  . THR A 1 32  ? -15.158 -12.230 10.184  1.00 37.00 ? 32  THR A CB  1 
ATOM   76   O OG1 . THR A 1 32  ? -15.532 -12.311 11.558  1.00 37.49 ? 32  THR A OG1 1 
ATOM   77   C CG2 . THR A 1 32  ? -15.583 -13.500 9.492   1.00 35.70 ? 32  THR A CG2 1 
ATOM   78   N N   . ALA A 1 33  ? -13.481 -10.816 7.904   1.00 32.80 ? 33  ALA A N   1 
ATOM   79   C CA  . ALA A 1 33  ? -13.165 -10.740 6.459   1.00 32.27 ? 33  ALA A CA  1 
ATOM   80   C C   . ALA A 1 33  ? -11.632 -10.867 6.264   1.00 30.16 ? 33  ALA A C   1 
ATOM   81   O O   . ALA A 1 33  ? -11.188 -11.627 5.358   1.00 36.32 ? 33  ALA A O   1 
ATOM   82   C CB  . ALA A 1 33  ? -13.721 -9.463  5.844   1.00 32.03 ? 33  ALA A CB  1 
ATOM   83   N N   . GLU A 1 34  ? -10.844 -10.180 7.067   1.00 34.49 ? 34  GLU A N   1 
ATOM   84   C CA  . GLU A 1 34  ? -9.355  -10.232 6.945   1.00 35.53 ? 34  GLU A CA  1 
ATOM   85   C C   . GLU A 1 34  ? -8.887  -11.671 7.215   1.00 36.27 ? 34  GLU A C   1 
ATOM   86   O O   . GLU A 1 34  ? -8.013  -12.160 6.476   1.00 33.82 ? 34  GLU A O   1 
ATOM   87   C CB  . GLU A 1 34  ? -8.702  -9.196  7.853   1.00 37.00 ? 34  GLU A CB  1 
ATOM   88   C CG  . GLU A 1 34  ? -7.191  -9.118  7.650   1.00 43.88 ? 34  GLU A CG  1 
ATOM   89   C CD  . GLU A 1 34  ? -6.522  -7.838  8.115   1.00 48.99 ? 34  GLU A CD  1 
ATOM   90   O OE1 . GLU A 1 34  ? -7.088  -7.151  8.992   1.00 54.67 ? 34  GLU A OE1 1 
ATOM   91   O OE2 . GLU A 1 34  ? -5.433  -7.517  7.594   1.00 43.59 ? 34  GLU A OE2 1 
ATOM   92   N N   . ASN A 1 35  ? -9.486  -12.354 8.190   1.00 40.76 ? 35  ASN A N   1 
ATOM   93   C CA  A ASN A 1 35  ? -9.142  -13.762 8.531   0.50 40.83 ? 35  ASN A CA  1 
ATOM   94   C CA  B ASN A 1 35  ? -9.134  -13.761 8.526   0.50 41.08 ? 35  ASN A CA  1 
ATOM   95   C C   . ASN A 1 35  ? -9.457  -14.654 7.325   1.00 43.35 ? 35  ASN A C   1 
ATOM   96   O O   . ASN A 1 35  ? -8.573  -15.408 6.899   1.00 45.53 ? 35  ASN A O   1 
ATOM   97   C CB  A ASN A 1 35  ? -9.853  -14.224 9.808   0.50 44.15 ? 35  ASN A CB  1 
ATOM   98   C CB  B ASN A 1 35  ? -9.847  -14.244 9.790   0.50 44.61 ? 35  ASN A CB  1 
ATOM   99   C CG  A ASN A 1 35  ? -9.208  -13.691 11.071  0.50 43.39 ? 35  ASN A CG  1 
ATOM   100  C CG  B ASN A 1 35  ? -9.389  -15.623 10.216  0.50 43.81 ? 35  ASN A CG  1 
ATOM   101  O OD1 A ASN A 1 35  ? -8.057  -13.270 11.053  0.50 46.54 ? 35  ASN A OD1 1 
ATOM   102  O OD1 B ASN A 1 35  ? -8.350  -15.761 10.856  0.50 42.84 ? 35  ASN A OD1 1 
ATOM   103  N ND2 A ASN A 1 35  ? -9.929  -13.731 12.180  0.50 41.04 ? 35  ASN A ND2 1 
ATOM   104  N ND2 B ASN A 1 35  ? -10.150 -16.641 9.852   0.50 47.21 ? 35  ASN A ND2 1 
ATOM   105  N N   . LEU A 1 36  ? -10.674 -14.556 6.784   1.00 42.08 ? 36  LEU A N   1 
ATOM   106  C CA  . LEU A 1 36  ? -11.123 -15.426 5.665   1.00 40.35 ? 36  LEU A CA  1 
ATOM   107  C C   . LEU A 1 36  ? -10.319 -15.140 4.386   1.00 39.85 ? 36  LEU A C   1 
ATOM   108  O O   . LEU A 1 36  ? -10.006 -16.096 3.658   1.00 40.65 ? 36  LEU A O   1 
ATOM   109  C CB  . LEU A 1 36  ? -12.641 -15.280 5.507   1.00 41.73 ? 36  LEU A CB  1 
ATOM   110  C CG  . LEU A 1 36  ? -13.424 -15.724 6.749   1.00 42.69 ? 36  LEU A CG  1 
ATOM   111  C CD1 . LEU A 1 36  ? -14.923 -15.680 6.518   1.00 44.73 ? 36  LEU A CD1 1 
ATOM   112  C CD2 . LEU A 1 36  ? -12.997 -17.115 7.206   1.00 43.24 ? 36  LEU A CD2 1 
ATOM   113  N N   . LEU A 1 37  ? -9.914  -13.891 4.148   1.00 38.45 ? 37  LEU A N   1 
ATOM   114  C CA  . LEU A 1 37  ? -9.143  -13.526 2.932   1.00 39.58 ? 37  LEU A CA  1 
ATOM   115  C C   . LEU A 1 37  ? -7.737  -14.129 3.011   1.00 38.81 ? 37  LEU A C   1 
ATOM   116  O O   . LEU A 1 37  ? -7.153  -14.351 1.967   1.00 39.35 ? 37  LEU A O   1 
ATOM   117  C CB  . LEU A 1 37  ? -9.095  -12.009 2.786   1.00 38.37 ? 37  LEU A CB  1 
ATOM   118  C CG  . LEU A 1 37  ? -10.404 -11.427 2.277   1.00 38.71 ? 37  LEU A CG  1 
ATOM   119  C CD1 . LEU A 1 37  ? -10.477 -9.944  2.561   1.00 38.35 ? 37  LEU A CD1 1 
ATOM   120  C CD2 . LEU A 1 37  ? -10.592 -11.740 0.797   1.00 40.45 ? 37  LEU A CD2 1 
ATOM   121  N N   . GLU A 1 38  ? -7.253  -14.469 4.198   1.00 43.92 ? 38  GLU A N   1 
ATOM   122  C CA  . GLU A 1 38  ? -5.929  -15.128 4.318   1.00 49.61 ? 38  GLU A CA  1 
ATOM   123  C C   . GLU A 1 38  ? -5.987  -16.505 3.642   1.00 57.32 ? 38  GLU A C   1 
ATOM   124  O O   . GLU A 1 38  ? -4.947  -16.940 3.134   1.00 54.61 ? 38  GLU A O   1 
ATOM   125  C CB  . GLU A 1 38  ? -5.502  -15.112 5.779   1.00 50.58 ? 38  GLU A CB  1 
ATOM   126  C CG  . GLU A 1 38  ? -4.992  -13.747 6.182   1.00 59.14 ? 38  GLU A CG  1 
ATOM   127  C CD  . GLU A 1 38  ? -4.395  -13.650 7.570   1.00 68.41 ? 38  GLU A CD  1 
ATOM   128  O OE1 . GLU A 1 38  ? -3.505  -12.779 7.774   1.00 73.03 ? 38  GLU A OE1 1 
ATOM   129  O OE2 . GLU A 1 38  ? -4.820  -14.437 8.440   1.00 66.79 ? 38  GLU A OE2 1 
ATOM   130  N N   . ASP A 1 39  ? -7.186  -17.097 3.528   1.00 66.64 ? 39  ASP A N   1 
ATOM   131  C CA  . ASP A 1 39  ? -7.408  -18.530 3.195   1.00 64.92 ? 39  ASP A CA  1 
ATOM   132  C C   . ASP A 1 39  ? -8.044  -18.696 1.808   1.00 61.07 ? 39  ASP A C   1 
ATOM   133  O O   . ASP A 1 39  ? -7.821  -19.758 1.208   1.00 59.13 ? 39  ASP A O   1 
ATOM   134  C CB  . ASP A 1 39  ? -8.238  -19.182 4.301   1.00 70.11 ? 39  ASP A CB  1 
ATOM   135  C CG  . ASP A 1 39  ? -7.850  -18.683 5.687   1.00 78.79 ? 39  ASP A CG  1 
ATOM   136  O OD1 . ASP A 1 39  ? -8.298  -17.576 6.060   1.00 82.42 ? 39  ASP A OD1 1 
ATOM   137  O OD2 . ASP A 1 39  ? -7.064  -19.378 6.368   1.00 80.28 ? 39  ASP A OD2 1 
ATOM   138  N N   . ARG A 1 40  ? -8.810  -17.721 1.306   1.00 56.78 ? 40  ARG A N   1 
ATOM   139  C CA  . ARG A 1 40  ? -9.422  -17.805 -0.050  1.00 58.79 ? 40  ARG A CA  1 
ATOM   140  C C   . ARG A 1 40  ? -9.780  -16.424 -0.579  1.00 55.97 ? 40  ARG A C   1 
ATOM   141  O O   . ARG A 1 40  ? -9.806  -15.455 0.170   1.00 57.13 ? 40  ARG A O   1 
ATOM   142  C CB  . ARG A 1 40  ? -10.658 -18.704 -0.018  1.00 65.50 ? 40  ARG A CB  1 
ATOM   143  C CG  . ARG A 1 40  ? -11.660 -18.385 1.082   1.00 70.04 ? 40  ARG A CG  1 
ATOM   144  C CD  . ARG A 1 40  ? -12.601 -19.568 1.177   1.00 72.46 ? 40  ARG A CD  1 
ATOM   145  N NE  . ARG A 1 40  ? -13.832 -19.301 1.902   1.00 74.97 ? 40  ARG A NE  1 
ATOM   146  C CZ  . ARG A 1 40  ? -13.950 -19.269 3.225   1.00 78.62 ? 40  ARG A CZ  1 
ATOM   147  N NH1 . ARG A 1 40  ? -12.893 -19.448 4.005   1.00 82.19 ? 40  ARG A NH1 1 
ATOM   148  N NH2 . ARG A 1 40  ? -15.135 -19.028 3.762   1.00 71.99 ? 40  ARG A NH2 1 
ATOM   149  N N   . PRO A 1 41  ? -10.039 -16.286 -1.895  1.00 53.37 ? 41  PRO A N   1 
ATOM   150  C CA  . PRO A 1 41  ? -10.489 -15.013 -2.456  1.00 55.29 ? 41  PRO A CA  1 
ATOM   151  C C   . PRO A 1 41  ? -11.851 -14.552 -1.925  1.00 53.96 ? 41  PRO A C   1 
ATOM   152  O O   . PRO A 1 41  ? -12.546 -15.341 -1.299  1.00 58.38 ? 41  PRO A O   1 
ATOM   153  C CB  . PRO A 1 41  ? -10.614 -15.280 -3.963  1.00 55.35 ? 41  PRO A CB  1 
ATOM   154  C CG  . PRO A 1 41  ? -10.712 -16.794 -4.066  1.00 58.64 ? 41  PRO A CG  1 
ATOM   155  C CD  . PRO A 1 41  ? -9.859  -17.318 -2.927  1.00 57.19 ? 41  PRO A CD  1 
ATOM   156  N N   . LEU A 1 42  ? -12.202 -13.301 -2.232  1.00 53.01 ? 42  LEU A N   1 
ATOM   157  C CA  . LEU A 1 42  ? -13.488 -12.663 -1.841  1.00 59.13 ? 42  LEU A CA  1 
ATOM   158  C C   . LEU A 1 42  ? -14.639 -13.354 -2.583  1.00 61.33 ? 42  LEU A C   1 
ATOM   159  O O   . LEU A 1 42  ? -15.695 -13.570 -1.961  1.00 58.09 ? 42  LEU A O   1 
ATOM   160  C CB  . LEU A 1 42  ? -13.440 -11.171 -2.184  1.00 56.32 ? 42  LEU A CB  1 
ATOM   161  C CG  . LEU A 1 42  ? -14.592 -10.334 -1.637  1.00 57.00 ? 42  LEU A CG  1 
ATOM   162  C CD1 . LEU A 1 42  ? -14.554 -10.268 -0.117  1.00 60.64 ? 42  LEU A CD1 1 
ATOM   163  C CD2 . LEU A 1 42  ? -14.557 -8.937  -2.224  1.00 61.73 ? 42  LEU A CD2 1 
ATOM   164  N N   . ALA A 1 43  ? -14.425 -13.696 -3.856  1.00 61.97 ? 43  ALA A N   1 
ATOM   165  C CA  . ALA A 1 43  ? -15.378 -14.446 -4.703  1.00 61.05 ? 43  ALA A CA  1 
ATOM   166  C C   . ALA A 1 43  ? -15.826 -15.739 -4.009  1.00 62.56 ? 43  ALA A C   1 
ATOM   167  O O   . ALA A 1 43  ? -16.924 -16.218 -4.328  1.00 76.53 ? 43  ALA A O   1 
ATOM   168  C CB  . ALA A 1 43  ? -14.730 -14.741 -6.027  1.00 66.52 ? 43  ALA A CB  1 
ATOM   169  N N   . ASP A 1 44  ? -15.019 -16.285 -3.096  1.00 60.18 ? 44  ASP A N   1 
ATOM   170  C CA  . ASP A 1 44  ? -15.246 -17.605 -2.451  1.00 54.87 ? 44  ASP A CA  1 
ATOM   171  C C   . ASP A 1 44  ? -15.718 -17.428 -1.012  1.00 57.09 ? 44  ASP A C   1 
ATOM   172  O O   . ASP A 1 44  ? -15.826 -18.434 -0.303  1.00 53.09 ? 44  ASP A O   1 
ATOM   173  C CB  . ASP A 1 44  ? -13.966 -18.434 -2.433  1.00 56.48 ? 44  ASP A CB  1 
ATOM   174  C CG  . ASP A 1 44  ? -13.845 -19.340 -3.633  1.00 62.27 ? 44  ASP A CG  1 
ATOM   175  O OD1 . ASP A 1 44  ? -14.062 -18.845 -4.761  1.00 66.66 ? 44  ASP A OD1 1 
ATOM   176  O OD2 . ASP A 1 44  ? -13.570 -20.534 -3.421  1.00 66.01 ? 44  ASP A OD2 1 
ATOM   177  N N   . ILE A 1 45  ? -15.926 -16.187 -0.584  1.00 57.28 ? 45  ILE A N   1 
ATOM   178  C CA  . ILE A 1 45  ? -16.435 -15.855 0.774   1.00 54.18 ? 45  ILE A CA  1 
ATOM   179  C C   . ILE A 1 45  ? -17.862 -15.353 0.572   1.00 52.01 ? 45  ILE A C   1 
ATOM   180  O O   . ILE A 1 45  ? -18.084 -14.551 -0.361  1.00 51.57 ? 45  ILE A O   1 
ATOM   181  C CB  . ILE A 1 45  ? -15.512 -14.841 1.485   1.00 47.78 ? 45  ILE A CB  1 
ATOM   182  C CG1 . ILE A 1 45  ? -14.076 -15.381 1.582   1.00 45.86 ? 45  ILE A CG1 1 
ATOM   183  C CG2 . ILE A 1 45  ? -16.067 -14.458 2.855   1.00 47.27 ? 45  ILE A CG2 1 
ATOM   184  C CD1 . ILE A 1 45  ? -13.035 -14.365 2.023   1.00 41.98 ? 45  ILE A CD1 1 
ATOM   185  N N   . SER A 1 46  ? -18.793 -15.886 1.358   1.00 54.50 ? 46  SER A N   1 
ATOM   186  C CA  . SER A 1 46  ? -20.240 -15.554 1.296   1.00 57.79 ? 46  SER A CA  1 
ATOM   187  C C   . SER A 1 46  ? -20.583 -14.602 2.441   1.00 54.34 ? 46  SER A C   1 
ATOM   188  O O   . SER A 1 46  ? -20.039 -14.786 3.539   1.00 54.69 ? 46  SER A O   1 
ATOM   189  C CB  . SER A 1 46  ? -21.085 -16.801 1.343   1.00 55.96 ? 46  SER A CB  1 
ATOM   190  O OG  . SER A 1 46  ? -20.698 -17.625 2.431   1.00 54.16 ? 46  SER A OG  1 
ATOM   191  N N   . VAL A 1 47  ? -21.451 -13.621 2.184   1.00 54.33 ? 47  VAL A N   1 
ATOM   192  C CA  . VAL A 1 47  ? -22.041 -12.743 3.240   1.00 53.28 ? 47  VAL A CA  1 
ATOM   193  C C   . VAL A 1 47  ? -22.379 -13.599 4.469   1.00 54.81 ? 47  VAL A C   1 
ATOM   194  O O   . VAL A 1 47  ? -22.195 -13.131 5.611   1.00 54.92 ? 47  VAL A O   1 
ATOM   195  C CB  . VAL A 1 47  ? -23.276 -11.996 2.718   1.00 49.15 ? 47  VAL A CB  1 
ATOM   196  C CG1 . VAL A 1 47  ? -23.878 -11.130 3.812   1.00 47.77 ? 47  VAL A CG1 1 
ATOM   197  C CG2 . VAL A 1 47  ? -22.947 -11.154 1.497   1.00 51.93 ? 47  VAL A CG2 1 
ATOM   198  N N   . ASP A 1 48  ? -22.868 -14.815 4.225   1.00 62.74 ? 48  ASP A N   1 
ATOM   199  C CA  . ASP A 1 48  ? -23.268 -15.806 5.258   1.00 64.35 ? 48  ASP A CA  1 
ATOM   200  C C   . ASP A 1 48  ? -22.020 -16.235 6.042   1.00 58.00 ? 48  ASP A C   1 
ATOM   201  O O   . ASP A 1 48  ? -22.096 -16.293 7.287   1.00 49.24 ? 48  ASP A O   1 
ATOM   202  C CB  . ASP A 1 48  ? -24.018 -16.962 4.588   1.00 73.97 ? 48  ASP A CB  1 
ATOM   203  C CG  . ASP A 1 48  ? -24.974 -16.483 3.502   1.00 80.57 ? 48  ASP A CG  1 
ATOM   204  O OD1 . ASP A 1 48  ? -24.483 -16.071 2.413   1.00 81.20 ? 48  ASP A OD1 1 
ATOM   205  O OD2 . ASP A 1 48  ? -26.192 -16.473 3.765   1.00 81.32 ? 48  ASP A OD2 1 
ATOM   206  N N   . ASP A 1 49  ? -20.912 -16.510 5.333   1.00 54.95 ? 49  ASP A N   1 
ATOM   207  C CA  . ASP A 1 49  ? -19.578 -16.782 5.938   1.00 57.11 ? 49  ASP A CA  1 
ATOM   208  C C   . ASP A 1 49  ? -19.210 -15.623 6.874   1.00 43.14 ? 49  ASP A C   1 
ATOM   209  O O   . ASP A 1 49  ? -18.883 -15.890 8.034   1.00 46.94 ? 49  ASP A O   1 
ATOM   210  C CB  . ASP A 1 49  ? -18.473 -16.946 4.886   1.00 60.87 ? 49  ASP A CB  1 
ATOM   211  C CG  . ASP A 1 49  ? -18.516 -18.219 4.058   1.00 65.19 ? 49  ASP A CG  1 
ATOM   212  O OD1 . ASP A 1 49  ? -18.705 -19.297 4.654   1.00 66.04 ? 49  ASP A OD1 1 
ATOM   213  O OD2 . ASP A 1 49  ? -18.322 -18.120 2.816   1.00 64.98 ? 49  ASP A OD2 1 
ATOM   214  N N   . LEU A 1 50  ? -19.319 -14.378 6.398   1.00 43.70 ? 50  LEU A N   1 
ATOM   215  C CA  . LEU A 1 50  ? -18.937 -13.156 7.173   1.00 39.62 ? 50  LEU A CA  1 
ATOM   216  C C   . LEU A 1 50  ? -19.841 -12.976 8.392   1.00 40.02 ? 50  LEU A C   1 
ATOM   217  O O   . LEU A 1 50  ? -19.324 -12.610 9.452   1.00 40.85 ? 50  LEU A O   1 
ATOM   218  C CB  . LEU A 1 50  ? -19.007 -11.918 6.278   1.00 40.61 ? 50  LEU A CB  1 
ATOM   219  C CG  . LEU A 1 50  ? -17.888 -11.800 5.244   1.00 41.37 ? 50  LEU A CG  1 
ATOM   220  C CD1 . LEU A 1 50  ? -18.170 -10.687 4.257   1.00 39.39 ? 50  LEU A CD1 1 
ATOM   221  C CD2 . LEU A 1 50  ? -16.544 -11.590 5.933   1.00 42.45 ? 50  LEU A CD2 1 
ATOM   222  N N   . ALA A 1 51  ? -21.153 -13.179 8.233   1.00 39.04 ? 51  ALA A N   1 
ATOM   223  C CA  . ALA A 1 51  ? -22.126 -13.024 9.337   1.00 41.70 ? 51  ALA A CA  1 
ATOM   224  C C   . ALA A 1 51  ? -21.830 -14.100 10.383  1.00 38.20 ? 51  ALA A C   1 
ATOM   225  O O   . ALA A 1 51  ? -21.737 -13.746 11.573  1.00 35.82 ? 51  ALA A O   1 
ATOM   226  C CB  . ALA A 1 51  ? -23.545 -13.121 8.827   1.00 42.97 ? 51  ALA A CB  1 
ATOM   227  N N   . LYS A 1 52  ? -21.676 -15.352 9.939   1.00 44.60 ? 52  LYS A N   1 
ATOM   228  C CA  . LYS A 1 52  ? -21.325 -16.502 10.806  1.00 46.56 ? 52  LYS A CA  1 
ATOM   229  C C   . LYS A 1 52  ? -20.113 -16.113 11.658  1.00 44.61 ? 52  LYS A C   1 
ATOM   230  O O   . LYS A 1 52  ? -20.268 -16.023 12.880  1.00 39.20 ? 52  LYS A O   1 
ATOM   231  C CB  . LYS A 1 52  ? -21.069 -17.744 9.981   1.00 53.59 ? 52  LYS A CB  1 
ATOM   232  N N   . GLY A 1 53  ? -18.976 -15.777 11.034  1.00 46.04 ? 53  GLY A N   1 
ATOM   233  C CA  . GLY A 1 53  ? -17.746 -15.430 11.767  1.00 40.81 ? 53  GLY A CA  1 
ATOM   234  C C   . GLY A 1 53  ? -17.958 -14.325 12.788  1.00 40.06 ? 53  GLY A C   1 
ATOM   235  O O   . GLY A 1 53  ? -17.353 -14.380 13.873  1.00 45.70 ? 53  GLY A O   1 
ATOM   236  N N   . ALA A 1 54  ? -18.767 -13.313 12.493  1.00 40.63 ? 54  ALA A N   1 
ATOM   237  C CA  . ALA A 1 54  ? -18.895 -12.117 13.371  1.00 39.16 ? 54  ALA A CA  1 
ATOM   238  C C   . ALA A 1 54  ? -19.982 -12.332 14.424  1.00 38.39 ? 54  ALA A C   1 
ATOM   239  O O   . ALA A 1 54  ? -20.136 -11.452 15.279  1.00 38.46 ? 54  ALA A O   1 
ATOM   240  C CB  . ALA A 1 54  ? -19.195 -10.885 12.550  1.00 43.02 ? 54  ALA A CB  1 
ATOM   241  N N   . GLY A 1 55  ? -20.686 -13.467 14.360  1.00 42.38 ? 55  GLY A N   1 
ATOM   242  C CA  . GLY A 1 55  ? -21.702 -13.865 15.360  1.00 43.86 ? 55  GLY A CA  1 
ATOM   243  C C   . GLY A 1 55  ? -22.935 -12.984 15.253  1.00 40.06 ? 55  GLY A C   1 
ATOM   244  O O   . GLY A 1 55  ? -23.514 -12.610 16.296  1.00 46.18 ? 55  GLY A O   1 
ATOM   245  N N   . ILE A 1 56  ? -23.314 -12.643 14.029  1.00 40.24 ? 56  ILE A N   1 
ATOM   246  C CA  . ILE A 1 56  ? -24.558 -11.857 13.774  1.00 40.78 ? 56  ILE A CA  1 
ATOM   247  C C   . ILE A 1 56  ? -25.357 -12.599 12.725  1.00 37.88 ? 56  ILE A C   1 
ATOM   248  O O   . ILE A 1 56  ? -24.782 -13.487 12.068  1.00 37.05 ? 56  ILE A O   1 
ATOM   249  C CB  . ILE A 1 56  ? -24.235 -10.415 13.347  1.00 37.32 ? 56  ILE A CB  1 
ATOM   250  C CG1 . ILE A 1 56  ? -23.452 -10.361 12.039  1.00 40.39 ? 56  ILE A CG1 1 
ATOM   251  C CG2 . ILE A 1 56  ? -23.531 -9.694  14.477  1.00 41.85 ? 56  ILE A CG2 1 
ATOM   252  C CD1 . ILE A 1 56  ? -22.940 -8.963  11.689  1.00 40.69 ? 56  ILE A CD1 1 
ATOM   253  N N   . SER A 1 57  ? -26.621 -12.220 12.532  1.00 36.82 ? 57  SER A N   1 
ATOM   254  C CA  . SER A 1 57  ? -27.429 -12.757 11.415  1.00 35.27 ? 57  SER A CA  1 
ATOM   255  C C   . SER A 1 57  ? -27.041 -12.060 10.118  1.00 35.55 ? 57  SER A C   1 
ATOM   256  O O   . SER A 1 57  ? -26.485 -10.939 10.145  1.00 33.47 ? 57  SER A O   1 
ATOM   257  C CB  . SER A 1 57  ? -28.898 -12.571 11.715  1.00 37.93 ? 57  SER A CB  1 
ATOM   258  O OG  . SER A 1 57  ? -29.224 -11.209 11.576  1.00 27.82 ? 57  SER A OG  1 
ATOM   259  N N   . ARG A 1 58  ? -27.407 -12.679 9.008   1.00 36.86 ? 58  ARG A N   1 
ATOM   260  C CA  . ARG A 1 58  ? -27.233 -12.144 7.654   1.00 37.24 ? 58  ARG A CA  1 
ATOM   261  C C   . ARG A 1 58  ? -27.943 -10.800 7.521   1.00 36.70 ? 58  ARG A C   1 
ATOM   262  O O   . ARG A 1 58  ? -27.369 -9.848  7.020   1.00 32.51 ? 58  ARG A O   1 
ATOM   263  C CB  . ARG A 1 58  ? -27.648 -13.251 6.687   1.00 43.52 ? 58  ARG A CB  1 
ATOM   264  C CG  . ARG A 1 58  ? -27.505 -12.920 5.211   1.00 50.47 ? 58  ARG A CG  1 
ATOM   265  C CD  . ARG A 1 58  ? -28.153 -14.030 4.396   1.00 55.50 ? 58  ARG A CD  1 
ATOM   266  N NE  . ARG A 1 58  ? -28.859 -13.522 3.230   1.00 63.52 ? 58  ARG A NE  1 
ATOM   267  C CZ  . ARG A 1 58  ? -28.293 -13.201 2.059   1.00 74.06 ? 58  ARG A CZ  1 
ATOM   268  N NH1 . ARG A 1 58  ? -26.986 -13.328 1.874   1.00 65.03 ? 58  ARG A NH1 1 
ATOM   269  N NH2 . ARG A 1 58  ? -29.051 -12.752 1.067   1.00 76.28 ? 58  ARG A NH2 1 
ATOM   270  N N   . PRO A 1 59  ? -29.221 -10.630 7.910   1.00 29.84 ? 59  PRO A N   1 
ATOM   271  C CA  . PRO A 1 59  ? -29.844 -9.319  7.766   1.00 30.51 ? 59  PRO A CA  1 
ATOM   272  C C   . PRO A 1 59  ? -29.116 -8.254  8.610   1.00 27.89 ? 59  PRO A C   1 
ATOM   273  O O   . PRO A 1 59  ? -29.082 -7.074  8.189   1.00 28.27 ? 59  PRO A O   1 
ATOM   274  C CB  . PRO A 1 59  ? -31.311 -9.515  8.221   1.00 31.64 ? 59  PRO A CB  1 
ATOM   275  C CG  . PRO A 1 59  ? -31.463 -10.992 8.554   1.00 32.38 ? 59  PRO A CG  1 
ATOM   276  C CD  . PRO A 1 59  ? -30.124 -11.683 8.382   1.00 31.97 ? 59  PRO A CD  1 
ATOM   277  N N   . THR A 1 60  ? -28.585 -8.647  9.775   1.00 28.68 ? 60  THR A N   1 
ATOM   278  C CA  . THR A 1 60  ? -27.857 -7.717  10.694  1.00 29.13 ? 60  THR A CA  1 
ATOM   279  C C   . THR A 1 60  ? -26.568 -7.240  9.991   1.00 28.80 ? 60  THR A C   1 
ATOM   280  O O   . THR A 1 60  ? -26.288 -6.054  10.060  1.00 30.87 ? 60  THR A O   1 
ATOM   281  C CB  . THR A 1 60  ? -27.666 -8.323  12.095  1.00 29.00 ? 60  THR A CB  1 
ATOM   282  O OG1 . THR A 1 60  ? -28.914 -8.424  12.792  1.00 27.31 ? 60  THR A OG1 1 
ATOM   283  C CG2 . THR A 1 60  ? -26.771 -7.484  12.983  1.00 28.56 ? 60  THR A CG2 1 
ATOM   284  N N   . PHE A 1 61  ? -25.883 -8.115  9.262   1.00 29.53 ? 61  PHE A N   1 
ATOM   285  C CA  . PHE A 1 61  ? -24.716 -7.778  8.395   1.00 30.96 ? 61  PHE A CA  1 
ATOM   286  C C   . PHE A 1 61  ? -25.044 -6.625  7.427   1.00 35.92 ? 61  PHE A C   1 
ATOM   287  O O   . PHE A 1 61  ? -24.236 -5.665  7.283   1.00 36.00 ? 61  PHE A O   1 
ATOM   288  C CB  . PHE A 1 61  ? -24.241 -9.004  7.612   1.00 29.91 ? 61  PHE A CB  1 
ATOM   289  C CG  . PHE A 1 61  ? -23.201 -8.657  6.563   1.00 34.52 ? 61  PHE A CG  1 
ATOM   290  C CD1 . PHE A 1 61  ? -23.565 -8.266  5.283   1.00 36.25 ? 61  PHE A CD1 1 
ATOM   291  C CD2 . PHE A 1 61  ? -21.853 -8.640  6.888   1.00 38.36 ? 61  PHE A CD2 1 
ATOM   292  C CE1 . PHE A 1 61  ? -22.611 -7.890  4.342   1.00 41.74 ? 61  PHE A CE1 1 
ATOM   293  C CE2 . PHE A 1 61  ? -20.903 -8.289  5.945   1.00 37.33 ? 61  PHE A CE2 1 
ATOM   294  C CZ  . PHE A 1 61  ? -21.277 -7.909  4.681   1.00 36.20 ? 61  PHE A CZ  1 
ATOM   295  N N   . TYR A 1 62  ? -26.205 -6.718  6.769   1.00 34.36 ? 62  TYR A N   1 
ATOM   296  C CA  . TYR A 1 62  ? -26.656 -5.807  5.689   1.00 35.63 ? 62  TYR A CA  1 
ATOM   297  C C   . TYR A 1 62  ? -27.020 -4.460  6.285   1.00 32.92 ? 62  TYR A C   1 
ATOM   298  O O   . TYR A 1 62  ? -27.092 -3.510  5.533   1.00 40.73 ? 62  TYR A O   1 
ATOM   299  C CB  . TYR A 1 62  ? -27.806 -6.440  4.908   1.00 38.81 ? 62  TYR A CB  1 
ATOM   300  C CG  . TYR A 1 62  ? -27.343 -7.394  3.846   1.00 39.93 ? 62  TYR A CG  1 
ATOM   301  C CD1 . TYR A 1 62  ? -26.482 -6.964  2.842   1.00 38.14 ? 62  TYR A CD1 1 
ATOM   302  C CD2 . TYR A 1 62  ? -27.733 -8.718  3.853   1.00 43.16 ? 62  TYR A CD2 1 
ATOM   303  C CE1 . TYR A 1 62  ? -26.073 -7.822  1.840   1.00 40.88 ? 62  TYR A CE1 1 
ATOM   304  C CE2 . TYR A 1 62  ? -27.306 -9.597  2.869   1.00 46.66 ? 62  TYR A CE2 1 
ATOM   305  C CZ  . TYR A 1 62  ? -26.484 -9.142  1.851   1.00 45.16 ? 62  TYR A CZ  1 
ATOM   306  O OH  . TYR A 1 62  ? -26.065 -9.993  0.870   1.00 53.01 ? 62  TYR A OH  1 
ATOM   307  N N   . PHE A 1 63  ? -27.183 -4.377  7.602   1.00 29.94 ? 63  PHE A N   1 
ATOM   308  C CA  . PHE A 1 63  ? -27.278 -3.089  8.315   1.00 31.86 ? 63  PHE A CA  1 
ATOM   309  C C   . PHE A 1 63  ? -25.948 -2.330  8.245   1.00 35.30 ? 63  PHE A C   1 
ATOM   310  O O   . PHE A 1 63  ? -25.984 -1.119  8.003   1.00 35.60 ? 63  PHE A O   1 
ATOM   311  C CB  . PHE A 1 63  ? -27.624 -3.262  9.785   1.00 32.74 ? 63  PHE A CB  1 
ATOM   312  C CG  . PHE A 1 63  ? -27.844 -1.938  10.461  1.00 36.04 ? 63  PHE A CG  1 
ATOM   313  C CD1 . PHE A 1 63  ? -28.922 -1.129  10.102  1.00 39.18 ? 63  PHE A CD1 1 
ATOM   314  C CD2 . PHE A 1 63  ? -26.966 -1.476  11.429  1.00 37.23 ? 63  PHE A CD2 1 
ATOM   315  C CE1 . PHE A 1 63  ? -29.113 0.108   10.704  1.00 40.95 ? 63  PHE A CE1 1 
ATOM   316  C CE2 . PHE A 1 63  ? -27.176 -0.250  12.049  1.00 39.07 ? 63  PHE A CE2 1 
ATOM   317  C CZ  . PHE A 1 63  ? -28.234 0.548   11.677  1.00 39.57 ? 63  PHE A CZ  1 
ATOM   318  N N   . TYR A 1 64  ? -24.834 -3.019  8.500   1.00 34.97 ? 64  TYR A N   1 
ATOM   319  C CA  . TYR A 1 64  ? -23.463 -2.440  8.630   1.00 37.53 ? 64  TYR A CA  1 
ATOM   320  C C   . TYR A 1 64  ? -22.811 -2.227  7.257   1.00 34.22 ? 64  TYR A C   1 
ATOM   321  O O   . TYR A 1 64  ? -22.094 -1.216  7.112   1.00 40.49 ? 64  TYR A O   1 
ATOM   322  C CB  . TYR A 1 64  ? -22.603 -3.344  9.515   1.00 34.11 ? 64  TYR A CB  1 
ATOM   323  C CG  . TYR A 1 64  ? -23.063 -3.305  10.936  1.00 39.50 ? 64  TYR A CG  1 
ATOM   324  C CD1 . TYR A 1 64  ? -22.726 -2.233  11.740  1.00 38.40 ? 64  TYR A CD1 1 
ATOM   325  C CD2 . TYR A 1 64  ? -23.864 -4.305  11.471  1.00 38.13 ? 64  TYR A CD2 1 
ATOM   326  C CE1 . TYR A 1 64  ? -23.150 -2.163  13.051  1.00 45.02 ? 64  TYR A CE1 1 
ATOM   327  C CE2 . TYR A 1 64  ? -24.306 -4.243  12.789  1.00 40.04 ? 64  TYR A CE2 1 
ATOM   328  C CZ  . TYR A 1 64  ? -23.949 -3.167  13.577  1.00 47.51 ? 64  TYR A CZ  1 
ATOM   329  O OH  . TYR A 1 64  ? -24.347 -3.071  14.878  1.00 45.82 ? 64  TYR A OH  1 
ATOM   330  N N   . PHE A 1 65  ? -23.011 -3.131  6.307   1.00 36.08 ? 65  PHE A N   1 
ATOM   331  C CA  . PHE A 1 65  ? -22.339 -3.107  4.988   1.00 39.70 ? 65  PHE A CA  1 
ATOM   332  C C   . PHE A 1 65  ? -23.324 -3.485  3.902   1.00 43.17 ? 65  PHE A C   1 
ATOM   333  O O   . PHE A 1 65  ? -24.010 -4.504  4.003   1.00 47.34 ? 65  PHE A O   1 
ATOM   334  C CB  . PHE A 1 65  ? -21.115 -4.034  4.941   1.00 37.70 ? 65  PHE A CB  1 
ATOM   335  C CG  . PHE A 1 65  ? -19.986 -3.586  5.833   1.00 38.90 ? 65  PHE A CG  1 
ATOM   336  C CD1 . PHE A 1 65  ? -19.093 -2.603  5.422   1.00 37.03 ? 65  PHE A CD1 1 
ATOM   337  C CD2 . PHE A 1 65  ? -19.834 -4.123  7.099   1.00 37.77 ? 65  PHE A CD2 1 
ATOM   338  C CE1 . PHE A 1 65  ? -18.076 -2.180  6.264   1.00 37.99 ? 65  PHE A CE1 1 
ATOM   339  C CE2 . PHE A 1 65  ? -18.808 -3.711  7.934   1.00 38.37 ? 65  PHE A CE2 1 
ATOM   340  C CZ  . PHE A 1 65  ? -17.930 -2.739  7.512   1.00 40.11 ? 65  PHE A CZ  1 
ATOM   341  N N   . PRO A 1 66  ? -23.395 -2.691  2.808   1.00 48.17 ? 66  PRO A N   1 
ATOM   342  C CA  . PRO A 1 66  ? -24.203 -3.060  1.648   1.00 47.14 ? 66  PRO A CA  1 
ATOM   343  C C   . PRO A 1 66  ? -23.788 -4.362  0.959   1.00 50.37 ? 66  PRO A C   1 
ATOM   344  O O   . PRO A 1 66  ? -24.638 -4.904  0.305   1.00 51.42 ? 66  PRO A O   1 
ATOM   345  C CB  . PRO A 1 66  ? -24.044 -1.879  0.681   1.00 48.61 ? 66  PRO A CB  1 
ATOM   346  C CG  . PRO A 1 66  ? -22.816 -1.139  1.171   1.00 47.89 ? 66  PRO A CG  1 
ATOM   347  C CD  . PRO A 1 66  ? -22.786 -1.360  2.667   1.00 47.50 ? 66  PRO A CD  1 
ATOM   348  N N   . SER A 1 67  ? -22.543 -4.841  1.126   1.00 42.59 ? 67  SER A N   1 
ATOM   349  C CA  . SER A 1 67  ? -22.011 -6.025  0.396   1.00 44.64 ? 67  SER A CA  1 
ATOM   350  C C   . SER A 1 67  ? -20.676 -6.505  0.984   1.00 37.50 ? 67  SER A C   1 
ATOM   351  O O   . SER A 1 67  ? -20.061 -5.751  1.740   1.00 43.33 ? 67  SER A O   1 
ATOM   352  C CB  . SER A 1 67  ? -21.827 -5.711  -1.068  1.00 48.56 ? 67  SER A CB  1 
ATOM   353  O OG  . SER A 1 67  ? -20.822 -4.719  -1.235  1.00 47.95 ? 67  SER A OG  1 
ATOM   354  N N   . LYS A 1 68  ? -20.230 -7.703  0.602   1.00 44.24 ? 68  LYS A N   1 
ATOM   355  C CA  . LYS A 1 68  ? -18.878 -8.211  0.961   1.00 48.94 ? 68  LYS A CA  1 
ATOM   356  C C   . LYS A 1 68  ? -17.837 -7.287  0.302   1.00 48.63 ? 68  LYS A C   1 
ATOM   357  O O   . LYS A 1 68  ? -16.806 -7.018  0.946   1.00 42.39 ? 68  LYS A O   1 
ATOM   358  C CB  . LYS A 1 68  ? -18.735 -9.691  0.587   1.00 50.41 ? 68  LYS A CB  1 
ATOM   359  C CG  . LYS A 1 68  ? -18.671 -10.001 -0.898  1.00 56.57 ? 68  LYS A CG  1 
ATOM   360  C CD  . LYS A 1 68  ? -18.838 -11.482 -1.219  1.00 59.47 ? 68  LYS A CD  1 
ATOM   361  C CE  . LYS A 1 68  ? -18.976 -11.721 -2.710  1.00 64.20 ? 68  LYS A CE  1 
ATOM   362  N NZ  . LYS A 1 68  ? -18.213 -12.906 -3.162  1.00 63.17 ? 68  LYS A NZ  1 
ATOM   363  N N   . GLU A 1 69  ? -18.145 -6.755  -0.890  1.00 50.37 ? 69  GLU A N   1 
ATOM   364  C CA  . GLU A 1 69  ? -17.279 -5.803  -1.631  1.00 48.05 ? 69  GLU A CA  1 
ATOM   365  C C   . GLU A 1 69  ? -17.083 -4.547  -0.794  1.00 46.38 ? 69  GLU A C   1 
ATOM   366  O O   . GLU A 1 69  ? -15.956 -4.025  -0.789  1.00 46.34 ? 69  GLU A O   1 
ATOM   367  C CB  . GLU A 1 69  ? -17.865 -5.399  -2.977  1.00 50.84 ? 69  GLU A CB  1 
ATOM   368  C CG  . GLU A 1 69  ? -17.875 -6.527  -3.982  1.00 54.17 ? 69  GLU A CG  1 
ATOM   369  C CD  . GLU A 1 69  ? -18.908 -7.608  -3.731  1.00 60.75 ? 69  GLU A CD  1 
ATOM   370  O OE1 . GLU A 1 69  ? -19.861 -7.365  -2.927  1.00 57.94 ? 69  GLU A OE1 1 
ATOM   371  O OE2 . GLU A 1 69  ? -18.762 -8.690  -4.335  1.00 57.52 ? 69  GLU A OE2 1 
ATOM   372  N N   . ALA A 1 70  ? -18.133 -4.053  -0.130  1.00 42.10 ? 70  ALA A N   1 
ATOM   373  C CA  . ALA A 1 70  ? -18.037 -2.846  0.723   1.00 38.67 ? 70  ALA A CA  1 
ATOM   374  C C   . ALA A 1 70  ? -17.143 -3.130  1.936   1.00 32.90 ? 70  ALA A C   1 
ATOM   375  O O   . ALA A 1 70  ? -16.550 -2.190  2.505   1.00 33.67 ? 70  ALA A O   1 
ATOM   376  C CB  . ALA A 1 70  ? -19.395 -2.397  1.179   1.00 40.22 ? 70  ALA A CB  1 
ATOM   377  N N   . VAL A 1 71  ? -17.135 -4.367  2.398   1.00 34.46 ? 71  VAL A N   1 
ATOM   378  C CA  . VAL A 1 71  ? -16.289 -4.771  3.552   1.00 31.08 ? 71  VAL A CA  1 
ATOM   379  C C   . VAL A 1 71  ? -14.811 -4.666  3.134   1.00 32.88 ? 71  VAL A C   1 
ATOM   380  O O   . VAL A 1 71  ? -14.041 -4.082  3.904   1.00 29.87 ? 71  VAL A O   1 
ATOM   381  C CB  . VAL A 1 71  ? -16.644 -6.178  4.042   1.00 34.48 ? 71  VAL A CB  1 
ATOM   382  C CG1 . VAL A 1 71  ? -15.645 -6.656  5.067   1.00 32.51 ? 71  VAL A CG1 1 
ATOM   383  C CG2 . VAL A 1 71  ? -18.061 -6.219  4.608   1.00 31.54 ? 71  VAL A CG2 1 
ATOM   384  N N   . LEU A 1 72  ? -14.450 -5.214  1.968   1.00 34.82 ? 72  LEU A N   1 
ATOM   385  C CA  . LEU A 1 72  ? -13.055 -5.136  1.421   1.00 34.98 ? 72  LEU A CA  1 
ATOM   386  C C   . LEU A 1 72  ? -12.637 -3.678  1.272   1.00 36.24 ? 72  LEU A C   1 
ATOM   387  O O   . LEU A 1 72  ? -11.528 -3.303  1.737   1.00 40.04 ? 72  LEU A O   1 
ATOM   388  C CB  . LEU A 1 72  ? -12.980 -5.830  0.063   1.00 38.15 ? 72  LEU A CB  1 
ATOM   389  C CG  . LEU A 1 72  ? -11.606 -5.785  -0.613  1.00 37.88 ? 72  LEU A CG  1 
ATOM   390  C CD1 . LEU A 1 72  ? -10.511 -6.164  0.369   1.00 36.98 ? 72  LEU A CD1 1 
ATOM   391  C CD2 . LEU A 1 72  ? -11.575 -6.683  -1.831  1.00 39.99 ? 72  LEU A CD2 1 
ATOM   392  N N   . LEU A 1 73  ? -13.478 -2.878  0.618   1.00 36.53 ? 73  LEU A N   1 
ATOM   393  C CA  . LEU A 1 73  ? -13.219 -1.433  0.451   1.00 37.32 ? 73  LEU A CA  1 
ATOM   394  C C   . LEU A 1 73  ? -12.869 -0.804  1.805   1.00 35.64 ? 73  LEU A C   1 
ATOM   395  O O   . LEU A 1 73  ? -11.958 0.015   1.839   1.00 34.12 ? 73  LEU A O   1 
ATOM   396  C CB  . LEU A 1 73  ? -14.455 -0.769  -0.160  1.00 42.80 ? 73  LEU A CB  1 
ATOM   397  C CG  . LEU A 1 73  ? -14.272 0.698   -0.515  1.00 42.31 ? 73  LEU A CG  1 
ATOM   398  C CD1 . LEU A 1 73  ? -13.261 0.844   -1.646  1.00 41.03 ? 73  LEU A CD1 1 
ATOM   399  C CD2 . LEU A 1 73  ? -15.602 1.333   -0.890  1.00 45.11 ? 73  LEU A CD2 1 
ATOM   400  N N   . THR A 1 74  ? -13.565 -1.148  2.895   1.00 32.76 ? 74  THR A N   1 
ATOM   401  C CA  . THR A 1 74  ? -13.300 -0.547  4.228   1.00 30.04 ? 74  THR A CA  1 
ATOM   402  C C   . THR A 1 74  ? -11.975 -1.064  4.806   1.00 30.60 ? 74  THR A C   1 
ATOM   403  O O   . THR A 1 74  ? -11.245 -0.264  5.473   1.00 30.25 ? 74  THR A O   1 
ATOM   404  C CB  . THR A 1 74  ? -14.422 -0.855  5.233   1.00 34.10 ? 74  THR A CB  1 
ATOM   405  O OG1 . THR A 1 74  ? -15.641 -0.292  4.732   1.00 36.56 ? 74  THR A OG1 1 
ATOM   406  C CG2 . THR A 1 74  ? -14.109 -0.346  6.620   1.00 31.74 ? 74  THR A CG2 1 
ATOM   407  N N   . LEU A 1 75  ? -11.710 -2.362  4.634   1.00 30.69 ? 75  LEU A N   1 
ATOM   408  C CA  . LEU A 1 75  ? -10.412 -2.994  5.016   1.00 31.14 ? 75  LEU A CA  1 
ATOM   409  C C   . LEU A 1 75  ? -9.283  -2.260  4.271   1.00 30.28 ? 75  LEU A C   1 
ATOM   410  O O   . LEU A 1 75  ? -8.319  -1.833  4.935   1.00 27.60 ? 75  LEU A O   1 
ATOM   411  C CB  . LEU A 1 75  ? -10.418 -4.491  4.705   1.00 34.33 ? 75  LEU A CB  1 
ATOM   412  C CG  . LEU A 1 75  ? -11.215 -5.352  5.688   1.00 35.32 ? 75  LEU A CG  1 
ATOM   413  C CD1 . LEU A 1 75  ? -11.265 -6.798  5.214   1.00 39.18 ? 75  LEU A CD1 1 
ATOM   414  C CD2 . LEU A 1 75  ? -10.659 -5.241  7.097   1.00 33.86 ? 75  LEU A CD2 1 
ATOM   415  N N   . LEU A 1 76  ? -9.436  -2.037  2.972   1.00 31.94 ? 76  LEU A N   1 
ATOM   416  C CA  . LEU A 1 76  ? -8.350  -1.398  2.193   1.00 32.06 ? 76  LEU A CA  1 
ATOM   417  C C   . LEU A 1 76  ? -8.161  0.046   2.677   1.00 33.94 ? 76  LEU A C   1 
ATOM   418  O O   . LEU A 1 76  ? -7.031  0.490   2.859   1.00 32.26 ? 76  LEU A O   1 
ATOM   419  C CB  . LEU A 1 76  ? -8.668  -1.502  0.702   1.00 34.75 ? 76  LEU A CB  1 
ATOM   420  C CG  . LEU A 1 76  ? -7.496  -1.098  -0.202  1.00 40.06 ? 76  LEU A CG  1 
ATOM   421  C CD1 . LEU A 1 76  ? -6.262  -1.935  0.126   1.00 40.45 ? 76  LEU A CD1 1 
ATOM   422  C CD2 . LEU A 1 76  ? -7.851  -1.204  -1.682  1.00 42.42 ? 76  LEU A CD2 1 
ATOM   423  N N   . ASP A 1 77  ? -9.246  0.773   2.927   1.00 33.85 ? 77  ASP A N   1 
ATOM   424  C CA  . ASP A 1 77  ? -9.179  2.185   3.349   1.00 31.81 ? 77  ASP A CA  1 
ATOM   425  C C   . ASP A 1 77  ? -8.370  2.304   4.637   1.00 32.13 ? 77  ASP A C   1 
ATOM   426  O O   . ASP A 1 77  ? -7.534  3.225   4.753   1.00 33.54 ? 77  ASP A O   1 
ATOM   427  C CB  . ASP A 1 77  ? -10.580 2.780   3.497   1.00 34.36 ? 77  ASP A CB  1 
ATOM   428  C CG  . ASP A 1 77  ? -10.502 4.252   3.825   1.00 42.21 ? 77  ASP A CG  1 
ATOM   429  O OD1 . ASP A 1 77  ? -10.167 4.555   4.981   1.00 53.75 ? 77  ASP A OD1 1 
ATOM   430  O OD2 . ASP A 1 77  ? -10.695 5.079   2.909   1.00 44.63 ? 77  ASP A OD2 1 
ATOM   431  N N   . ARG A 1 78  ? -8.593  1.391   5.580   1.00 32.42 ? 78  ARG A N   1 
ATOM   432  C CA  . ARG A 1 78  ? -7.879  1.402   6.871   1.00 32.15 ? 78  ARG A CA  1 
ATOM   433  C C   . ARG A 1 78  ? -6.385  1.169   6.605   1.00 28.37 ? 78  ARG A C   1 
ATOM   434  O O   . ARG A 1 78  ? -5.586  1.858   7.214   1.00 29.26 ? 78  ARG A O   1 
ATOM   435  C CB  . ARG A 1 78  ? -8.419  0.301   7.798   1.00 39.00 ? 78  ARG A CB  1 
ATOM   436  C CG  . ARG A 1 78  ? -9.857  0.505   8.252   1.00 47.76 ? 78  ARG A CG  1 
ATOM   437  C CD  . ARG A 1 78  ? -10.492 -0.791  8.770   1.00 54.30 ? 78  ARG A CD  1 
ATOM   438  N NE  . ARG A 1 78  ? -9.955  -1.203  10.068  1.00 58.25 ? 78  ARG A NE  1 
ATOM   439  C CZ  . ARG A 1 78  ? -10.283 -0.642  11.238  1.00 65.11 ? 78  ARG A CZ  1 
ATOM   440  N NH1 . ARG A 1 78  ? -11.145 0.361   11.279  1.00 61.74 ? 78  ARG A NH1 1 
ATOM   441  N NH2 . ARG A 1 78  ? -9.742  -1.078  12.365  1.00 64.58 ? 78  ARG A NH2 1 
ATOM   442  N N   . VAL A 1 79  ? -6.030  0.196   5.760   1.00 29.91 ? 79  VAL A N   1 
ATOM   443  C CA  . VAL A 1 79  ? -4.585  -0.138  5.525   1.00 28.99 ? 79  VAL A CA  1 
ATOM   444  C C   . VAL A 1 79  ? -3.901  1.031   4.804   1.00 29.36 ? 79  VAL A C   1 
ATOM   445  O O   . VAL A 1 79  ? -2.816  1.431   5.233   1.00 26.42 ? 79  VAL A O   1 
ATOM   446  C CB  . VAL A 1 79  ? -4.367  -1.467  4.780   1.00 33.82 ? 79  VAL A CB  1 
ATOM   447  C CG1 . VAL A 1 79  ? -2.891  -1.750  4.591   1.00 34.71 ? 79  VAL A CG1 1 
ATOM   448  C CG2 . VAL A 1 79  ? -5.021  -2.637  5.496   1.00 35.17 ? 79  VAL A CG2 1 
ATOM   449  N N   . VAL A 1 80  ? -4.519  1.580   3.768   1.00 29.68 ? 80  VAL A N   1 
ATOM   450  C CA  . VAL A 1 80  ? -3.980  2.746   3.026   1.00 30.50 ? 80  VAL A CA  1 
ATOM   451  C C   . VAL A 1 80  ? -3.779  3.935   3.978   1.00 27.21 ? 80  VAL A C   1 
ATOM   452  O O   . VAL A 1 80  ? -2.750  4.622   3.923   1.00 27.31 ? 80  VAL A O   1 
ATOM   453  C CB  . VAL A 1 80  ? -4.960  3.041   1.889   1.00 33.29 ? 80  VAL A CB  1 
ATOM   454  C CG1 . VAL A 1 80  ? -4.903  4.468   1.433   1.00 37.96 ? 80  VAL A CG1 1 
ATOM   455  C CG2 . VAL A 1 80  ? -4.793  2.055   0.738   1.00 35.62 ? 80  VAL A CG2 1 
ATOM   456  N N   . ASN A 1 81  ? -4.742  4.207   4.851   1.00 27.69 ? 81  ASN A N   1 
ATOM   457  C CA  . ASN A 1 81  ? -4.639  5.361   5.778   1.00 28.59 ? 81  ASN A CA  1 
ATOM   458  C C   . ASN A 1 81  ? -3.549  5.102   6.805   1.00 27.08 ? 81  ASN A C   1 
ATOM   459  O O   . ASN A 1 81  ? -2.870  6.081   7.185   1.00 28.25 ? 81  ASN A O   1 
ATOM   460  C CB  . ASN A 1 81  ? -5.992  5.735   6.382   1.00 33.77 ? 81  ASN A CB  1 
ATOM   461  C CG  . ASN A 1 81  ? -6.730  6.709   5.488   1.00 36.58 ? 81  ASN A CG  1 
ATOM   462  O OD1 . ASN A 1 81  ? -6.391  7.894   5.434   1.00 34.76 ? 81  ASN A OD1 1 
ATOM   463  N ND2 . ASN A 1 81  ? -7.704  6.202   4.762   1.00 36.47 ? 81  ASN A ND2 1 
ATOM   464  N N   . GLN A 1 82  ? -3.350  3.845   7.210   1.00 30.11 ? 82  GLN A N   1 
ATOM   465  C CA  . GLN A 1 82  ? -2.285  3.502   8.183   1.00 31.21 ? 82  GLN A CA  1 
ATOM   466  C C   . GLN A 1 82  ? -0.927  3.817   7.559   1.00 28.52 ? 82  GLN A C   1 
ATOM   467  O O   . GLN A 1 82  ? -0.079  4.477   8.228   1.00 24.82 ? 82  GLN A O   1 
ATOM   468  C CB  . GLN A 1 82  ? -2.355  2.035   8.602   1.00 34.76 ? 82  GLN A CB  1 
ATOM   469  C CG  . GLN A 1 82  ? -1.379  1.707   9.725   1.00 37.94 ? 82  GLN A CG  1 
ATOM   470  C CD  . GLN A 1 82  ? -1.475  0.264   10.155  1.00 43.83 ? 82  GLN A CD  1 
ATOM   471  O OE1 . GLN A 1 82  ? -2.565  -0.294  10.282  1.00 56.36 ? 82  GLN A OE1 1 
ATOM   472  N NE2 . GLN A 1 82  ? -0.331  -0.359  10.367  1.00 45.53 ? 82  GLN A NE2 1 
ATOM   473  N N   . ALA A 1 83  ? -0.750  3.442   6.273   1.00 25.01 ? 83  ALA A N   1 
ATOM   474  C CA  . ALA A 1 83  ? 0.520   3.713   5.555   1.00 23.56 ? 83  ALA A CA  1 
ATOM   475  C C   . ALA A 1 83  ? 0.670   5.241   5.408   1.00 22.17 ? 83  ALA A C   1 
ATOM   476  O O   . ALA A 1 83  ? 1.756   5.810   5.693   1.00 24.07 ? 83  ALA A O   1 
ATOM   477  C CB  . ALA A 1 83  ? 0.500   2.923   4.218   1.00 24.36 ? 83  ALA A CB  1 
ATOM   478  N N   . ASP A 1 84  ? -0.385  5.937   5.014   1.00 26.23 ? 84  ASP A N   1 
ATOM   479  C CA  . ASP A 1 84  ? -0.329  7.403   4.776   1.00 24.89 ? 84  ASP A CA  1 
ATOM   480  C C   . ASP A 1 84  ? 0.033   8.122   6.088   1.00 28.35 ? 84  ASP A C   1 
ATOM   481  O O   . ASP A 1 84  ? 0.942   8.968   6.099   1.00 26.28 ? 84  ASP A O   1 
ATOM   482  C CB  . ASP A 1 84  ? -1.644  7.885   4.152   1.00 26.37 ? 84  ASP A CB  1 
ATOM   483  C CG  . ASP A 1 84  ? -1.523  9.273   3.586   1.00 30.76 ? 84  ASP A CG  1 
ATOM   484  O OD1 . ASP A 1 84  ? -0.633  9.501   2.740   1.00 31.10 ? 84  ASP A OD1 1 
ATOM   485  O OD2 . ASP A 1 84  ? -2.266  10.139  4.036   1.00 32.49 ? 84  ASP A OD2 1 
ATOM   486  N N   . MET A 1 85  ? -0.639  7.769   7.184   1.00 29.22 ? 85  MET A N   1 
ATOM   487  C CA  . MET A 1 85  ? -0.362  8.381   8.519   1.00 33.95 ? 85  MET A CA  1 
ATOM   488  C C   . MET A 1 85  ? 1.073   8.093   8.971   1.00 31.15 ? 85  MET A C   1 
ATOM   489  O O   . MET A 1 85  ? 1.709   9.014   9.458   1.00 28.47 ? 85  MET A O   1 
ATOM   490  C CB  . MET A 1 85  ? -1.398  7.924   9.550   1.00 41.08 ? 85  MET A CB  1 
ATOM   491  C CG  . MET A 1 85  ? -2.664  8.769   9.437   1.00 47.75 ? 85  MET A CG  1 
ATOM   492  S SD  . MET A 1 85  ? -4.212  7.961   9.966   1.00 65.26 ? 85  MET A SD  1 
ATOM   493  C CE  . MET A 1 85  ? -5.402  8.970   9.076   1.00 62.62 ? 85  MET A CE  1 
ATOM   494  N N   . ALA A 1 86  ? 1.627   6.903   8.703   1.00 29.63 ? 86  ALA A N   1 
ATOM   495  C CA  . ALA A 1 86  ? 3.025   6.599   9.045   1.00 28.57 ? 86  ALA A CA  1 
ATOM   496  C C   . ALA A 1 86  ? 3.961   7.459   8.203   1.00 28.90 ? 86  ALA A C   1 
ATOM   497  O O   . ALA A 1 86  ? 4.925   7.950   8.726   1.00 30.17 ? 86  ALA A O   1 
ATOM   498  C CB  . ALA A 1 86  ? 3.303   5.125   8.888   1.00 29.00 ? 86  ALA A CB  1 
ATOM   499  N N   . LEU A 1 87  ? 3.695   7.636   6.919   1.00 30.98 ? 87  LEU A N   1 
ATOM   500  C CA  A LEU A 1 87  ? 4.579   8.475   6.067   0.50 27.92 ? 87  LEU A CA  1 
ATOM   501  C CA  B LEU A 1 87  ? 4.537   8.488   6.033   0.50 30.71 ? 87  LEU A CA  1 
ATOM   502  C C   . LEU A 1 87  ? 4.529   9.932   6.566   1.00 30.33 ? 87  LEU A C   1 
ATOM   503  O O   . LEU A 1 87  ? 5.611   10.544  6.675   1.00 32.24 ? 87  LEU A O   1 
ATOM   504  C CB  A LEU A 1 87  ? 4.163   8.331   4.597   0.50 26.98 ? 87  LEU A CB  1 
ATOM   505  C CB  B LEU A 1 87  ? 3.980   8.430   4.604   0.50 33.09 ? 87  LEU A CB  1 
ATOM   506  C CG  A LEU A 1 87  ? 4.926   9.212   3.607   0.50 26.71 ? 87  LEU A CG  1 
ATOM   507  C CG  B LEU A 1 87  ? 4.705   7.537   3.602   0.50 37.35 ? 87  LEU A CG  1 
ATOM   508  C CD1 A LEU A 1 87  ? 6.391   8.816   3.507   0.50 25.44 ? 87  LEU A CD1 1 
ATOM   509  C CD1 B LEU A 1 87  ? 4.420   8.062   2.200   0.50 36.63 ? 87  LEU A CD1 1 
ATOM   510  C CD2 A LEU A 1 87  ? 4.290   9.137   2.225   0.50 27.24 ? 87  LEU A CD2 1 
ATOM   511  C CD2 B LEU A 1 87  ? 6.217   7.492   3.859   0.50 36.49 ? 87  LEU A CD2 1 
ATOM   512  N N   . GLN A 1 88  ? 3.343   10.474  6.876   1.00 33.26 ? 88  GLN A N   1 
ATOM   513  C CA  . GLN A 1 88  ? 3.240   11.842  7.475   1.00 39.51 ? 88  GLN A CA  1 
ATOM   514  C C   . GLN A 1 88  ? 4.067   11.925  8.775   1.00 34.81 ? 88  GLN A C   1 
ATOM   515  O O   . GLN A 1 88  ? 4.753   12.948  9.018   1.00 32.39 ? 88  GLN A O   1 
ATOM   516  C CB  . GLN A 1 88  ? 1.805   12.204  7.858   1.00 44.44 ? 88  GLN A CB  1 
ATOM   517  C CG  . GLN A 1 88  ? 0.860   12.356  6.684   1.00 51.02 ? 88  GLN A CG  1 
ATOM   518  C CD  . GLN A 1 88  ? -0.522  12.736  7.156   1.00 56.78 ? 88  GLN A CD  1 
ATOM   519  O OE1 . GLN A 1 88  ? -0.673  13.545  8.070   1.00 56.63 ? 88  GLN A OE1 1 
ATOM   520  N NE2 . GLN A 1 88  ? -1.537  12.149  6.534   1.00 53.00 ? 88  GLN A NE2 1 
ATOM   521  N N   . THR A 1 89  ? 4.005   10.905  9.623   1.00 36.74 ? 89  THR A N   1 
ATOM   522  C CA  . THR A 1 89  ? 4.817   10.877  10.864  1.00 39.33 ? 89  THR A CA  1 
ATOM   523  C C   . THR A 1 89  ? 6.286   11.091  10.513  1.00 43.79 ? 89  THR A C   1 
ATOM   524  O O   . THR A 1 89  ? 6.980   11.918  11.159  1.00 39.86 ? 89  THR A O   1 
ATOM   525  C CB  . THR A 1 89  ? 4.596   9.570   11.616  1.00 47.14 ? 89  THR A CB  1 
ATOM   526  O OG1 . THR A 1 89  ? 3.303   9.738   12.210  1.00 41.80 ? 89  THR A OG1 1 
ATOM   527  C CG2 . THR A 1 89  ? 5.693   9.290   12.623  1.00 50.75 ? 89  THR A CG2 1 
ATOM   528  N N   . LEU A 1 90  ? 6.770   10.338  9.533   1.00 41.06 ? 90  LEU A N   1 
ATOM   529  C CA  . LEU A 1 90  ? 8.198   10.376  9.163   1.00 37.66 ? 90  LEU A CA  1 
ATOM   530  C C   . LEU A 1 90  ? 8.544   11.771  8.621   1.00 35.03 ? 90  LEU A C   1 
ATOM   531  O O   . LEU A 1 90  ? 9.624   12.324  8.977   1.00 38.76 ? 90  LEU A O   1 
ATOM   532  C CB  . LEU A 1 90  ? 8.390   9.249   8.147   1.00 38.13 ? 90  LEU A CB  1 
ATOM   533  C CG  . LEU A 1 90  ? 9.793   8.698   7.962   1.00 44.03 ? 90  LEU A CG  1 
ATOM   534  C CD1 . LEU A 1 90  ? 10.385  8.211   9.286   1.00 40.96 ? 90  LEU A CD1 1 
ATOM   535  C CD2 . LEU A 1 90  ? 9.760   7.585   6.908   1.00 38.89 ? 90  LEU A CD2 1 
ATOM   536  N N   . ALA A 1 91  ? 7.657   12.345  7.802   1.00 39.54 ? 91  ALA A N   1 
ATOM   537  C CA  . ALA A 1 91  ? 7.840   13.668  7.149   1.00 44.33 ? 91  ALA A CA  1 
ATOM   538  C C   . ALA A 1 91  ? 7.853   14.783  8.208   1.00 52.50 ? 91  ALA A C   1 
ATOM   539  O O   . ALA A 1 91  ? 8.558   15.773  7.978   1.00 55.15 ? 91  ALA A O   1 
ATOM   540  C CB  . ALA A 1 91  ? 6.774   13.906  6.098   1.00 39.17 ? 91  ALA A CB  1 
ATOM   541  N N   . GLU A 1 92  ? 7.107   14.619  9.310   1.00 58.94 ? 92  GLU A N   1 
ATOM   542  C CA  . GLU A 1 92  ? 7.068   15.537  10.489  1.00 64.25 ? 92  GLU A CA  1 
ATOM   543  C C   . GLU A 1 92  ? 8.487   15.764  11.012  1.00 64.25 ? 92  GLU A C   1 
ATOM   544  O O   . GLU A 1 92  ? 8.961   16.902  10.975  1.00 72.74 ? 92  GLU A O   1 
ATOM   545  C CB  . GLU A 1 92  ? 6.220   14.958  11.632  1.00 65.60 ? 92  GLU A CB  1 
ATOM   546  C CG  . GLU A 1 92  ? 4.940   15.721  11.913  1.00 69.63 ? 92  GLU A CG  1 
ATOM   547  C CD  . GLU A 1 92  ? 3.835   15.561  10.882  1.00 69.80 ? 92  GLU A CD  1 
ATOM   548  O OE1 . GLU A 1 92  ? 2.698   15.259  11.285  1.00 74.56 ? 92  GLU A OE1 1 
ATOM   549  O OE2 . GLU A 1 92  ? 4.101   15.765  9.685   1.00 74.34 ? 92  GLU A OE2 1 
ATOM   550  N N   . ASN A 1 93  ? 9.131   14.696  11.471  1.00 72.22 ? 93  ASN A N   1 
ATOM   551  C CA  . ASN A 1 93  ? 10.484  14.724  12.083  1.00 76.86 ? 93  ASN A CA  1 
ATOM   552  C C   . ASN A 1 93  ? 11.493  15.120  11.007  1.00 80.16 ? 93  ASN A C   1 
ATOM   553  O O   . ASN A 1 93  ? 11.220  14.934  9.826   1.00 85.03 ? 93  ASN A O   1 
ATOM   554  C CB  . ASN A 1 93  ? 10.802  13.371  12.720  1.00 71.30 ? 93  ASN A CB  1 
ATOM   555  C CG  . ASN A 1 93  ? 9.598   12.749  13.395  1.00 74.33 ? 93  ASN A CG  1 
ATOM   556  O OD1 . ASN A 1 93  ? 8.542   13.373  13.505  1.00 72.40 ? 93  ASN A OD1 1 
ATOM   557  N ND2 . ASN A 1 93  ? 9.746   11.518  13.851  1.00 75.89 ? 93  ASN A ND2 1 
ATOM   558  N N   . PRO A 1 94  ? 12.657  15.722  11.357  1.00 83.33 ? 94  PRO A N   1 
ATOM   559  C CA  . PRO A 1 94  ? 13.723  15.964  10.381  1.00 83.56 ? 94  PRO A CA  1 
ATOM   560  C C   . PRO A 1 94  ? 14.117  14.719  9.564   1.00 80.76 ? 94  PRO A C   1 
ATOM   561  O O   . PRO A 1 94  ? 13.922  13.616  10.058  1.00 74.32 ? 94  PRO A O   1 
ATOM   562  C CB  . PRO A 1 94  ? 14.902  16.446  11.249  1.00 83.81 ? 94  PRO A CB  1 
ATOM   563  C CG  . PRO A 1 94  ? 14.248  17.080  12.463  1.00 79.80 ? 94  PRO A CG  1 
ATOM   564  C CD  . PRO A 1 94  ? 12.981  16.276  12.684  1.00 86.60 ? 94  PRO A CD  1 
ATOM   565  N N   . ALA A 1 95  ? 14.643  14.943  8.345   1.00 89.32 ? 95  ALA A N   1 
ATOM   566  C CA  . ALA A 1 95  ? 15.137  13.931  7.370   1.00 89.59 ? 95  ALA A CA  1 
ATOM   567  C C   . ALA A 1 95  ? 16.560  13.500  7.752   1.00 89.04 ? 95  ALA A C   1 
ATOM   568  O O   . ALA A 1 95  ? 17.353  14.383  8.146   1.00 84.69 ? 95  ALA A O   1 
ATOM   569  C CB  . ALA A 1 95  ? 15.103  14.492  5.964   1.00 82.04 ? 95  ALA A CB  1 
ATOM   570  N N   . ASP A 1 96  ? 16.878  12.203  7.637   1.00 89.98 ? 96  ASP A N   1 
ATOM   571  C CA  . ASP A 1 96  ? 18.192  11.640  8.059   1.00 90.96 ? 96  ASP A CA  1 
ATOM   572  C C   . ASP A 1 96  ? 19.308  12.354  7.285   1.00 90.71 ? 96  ASP A C   1 
ATOM   573  O O   . ASP A 1 96  ? 19.114  12.654  6.083   1.00 85.99 ? 96  ASP A O   1 
ATOM   574  C CB  . ASP A 1 96  ? 18.272  10.117  7.873   1.00 89.98 ? 96  ASP A CB  1 
ATOM   575  C CG  . ASP A 1 96  ? 19.470  9.463   8.556   1.00 86.05 ? 96  ASP A CG  1 
ATOM   576  O OD1 . ASP A 1 96  ? 20.609  9.941   8.357   1.00 73.62 ? 96  ASP A OD1 1 
ATOM   577  O OD2 . ASP A 1 96  ? 19.261  8.476   9.286   1.00 87.63 ? 96  ASP A OD2 1 
ATOM   578  N N   . THR A 1 97  ? 20.437  12.603  7.954   1.00 83.94 ? 97  THR A N   1 
ATOM   579  C CA  . THR A 1 97  ? 21.645  13.220  7.362   1.00 80.05 ? 97  THR A CA  1 
ATOM   580  C C   . THR A 1 97  ? 22.313  12.231  6.386   1.00 75.61 ? 97  THR A C   1 
ATOM   581  O O   . THR A 1 97  ? 23.206  12.692  5.629   1.00 80.32 ? 97  THR A O   1 
ATOM   582  C CB  . THR A 1 97  ? 22.576  13.686  8.464   1.00 75.37 ? 97  THR A CB  1 
ATOM   583  N N   . ASP A 1 98  ? 21.901  10.945  6.389   1.00 58.80 ? 98  ASP A N   1 
ATOM   584  C CA  . ASP A 1 98  ? 22.311  9.903   5.397   1.00 48.99 ? 98  ASP A CA  1 
ATOM   585  C C   . ASP A 1 98  ? 21.204  9.706   4.349   1.00 43.96 ? 98  ASP A C   1 
ATOM   586  O O   . ASP A 1 98  ? 20.149  9.163   4.714   1.00 38.98 ? 98  ASP A O   1 
ATOM   587  C CB  . ASP A 1 98  ? 22.650  8.585   6.093   1.00 53.63 ? 98  ASP A CB  1 
ATOM   588  C CG  . ASP A 1 98  ? 23.074  7.476   5.140   1.00 53.58 ? 98  ASP A CG  1 
ATOM   589  O OD1 . ASP A 1 98  ? 22.200  6.954   4.434   1.00 51.38 ? 98  ASP A OD1 1 
ATOM   590  O OD2 . ASP A 1 98  ? 24.269  7.135   5.116   1.00 52.55 ? 98  ASP A OD2 1 
ATOM   591  N N   . ARG A 1 99  ? 21.458  10.122  3.099   1.00 42.10 ? 99  ARG A N   1 
ATOM   592  C CA  . ARG A 1 99  ? 20.506  10.121  1.947   1.00 45.51 ? 99  ARG A CA  1 
ATOM   593  C C   . ARG A 1 99  ? 19.931  8.712   1.699   1.00 40.79 ? 99  ARG A C   1 
ATOM   594  O O   . ARG A 1 99  ? 18.723  8.629   1.542   1.00 36.76 ? 99  ARG A O   1 
ATOM   595  C CB  . ARG A 1 99  ? 21.166  10.627  0.654   1.00 50.25 ? 99  ARG A CB  1 
ATOM   596  C CG  . ARG A 1 99  ? 22.354  9.800   0.177   1.00 55.98 ? 99  ARG A CG  1 
ATOM   597  C CD  . ARG A 1 99  ? 22.821  10.042  -1.250  1.00 55.12 ? 99  ARG A CD  1 
ATOM   598  N NE  . ARG A 1 99  ? 23.153  11.445  -1.417  1.00 59.40 ? 99  ARG A NE  1 
ATOM   599  C CZ  . ARG A 1 99  ? 24.003  11.944  -2.305  1.00 60.90 ? 99  ARG A CZ  1 
ATOM   600  N NH1 . ARG A 1 99  ? 24.644  11.150  -3.150  1.00 58.33 ? 99  ARG A NH1 1 
ATOM   601  N NH2 . ARG A 1 99  ? 24.185  13.257  -2.344  1.00 55.25 ? 99  ARG A NH2 1 
ATOM   602  N N   . GLU A 1 100 ? 20.753  7.657   1.649   1.00 34.39 ? 100 GLU A N   1 
ATOM   603  C CA  . GLU A 1 100 ? 20.255  6.289   1.371   1.00 36.14 ? 100 GLU A CA  1 
ATOM   604  C C   . GLU A 1 100 ? 19.274  5.884   2.477   1.00 33.56 ? 100 GLU A C   1 
ATOM   605  O O   . GLU A 1 100 ? 18.226  5.349   2.164   1.00 31.05 ? 100 GLU A O   1 
ATOM   606  C CB  . GLU A 1 100 ? 21.406  5.303   1.222   1.00 37.79 ? 100 GLU A CB  1 
ATOM   607  C CG  . GLU A 1 100 ? 20.970  3.886   1.478   1.00 43.02 ? 100 GLU A CG  1 
ATOM   608  C CD  . GLU A 1 100 ? 21.885  2.783   0.981   1.00 52.28 ? 100 GLU A CD  1 
ATOM   609  O OE1 . GLU A 1 100 ? 22.772  3.071   0.147   1.00 50.36 ? 100 GLU A OE1 1 
ATOM   610  O OE2 . GLU A 1 100 ? 21.666  1.619   1.411   1.00 53.75 ? 100 GLU A OE2 1 
ATOM   611  N N   . ASN A 1 101 ? 19.627  6.131   3.742   1.00 33.28 ? 101 ASN A N   1 
ATOM   612  C CA  . ASN A 1 101 ? 18.795  5.790   4.925   1.00 37.60 ? 101 ASN A CA  1 
ATOM   613  C C   . ASN A 1 101 ? 17.451  6.534   4.908   1.00 28.77 ? 101 ASN A C   1 
ATOM   614  O O   . ASN A 1 101 ? 16.443  5.908   5.283   1.00 33.49 ? 101 ASN A O   1 
ATOM   615  C CB  . ASN A 1 101 ? 19.566  6.038   6.220   1.00 41.86 ? 101 ASN A CB  1 
ATOM   616  C CG  . ASN A 1 101 ? 19.140  5.072   7.297   1.00 51.09 ? 101 ASN A CG  1 
ATOM   617  O OD1 . ASN A 1 101 ? 19.200  3.854   7.092   1.00 53.11 ? 101 ASN A OD1 1 
ATOM   618  N ND2 . ASN A 1 101 ? 18.694  5.610   8.423   1.00 50.43 ? 101 ASN A ND2 1 
ATOM   619  N N   . MET A 1 102 ? 17.424  7.795   4.476   1.00 29.89 ? 102 MET A N   1 
ATOM   620  C CA  . MET A 1 102 ? 16.201  8.628   4.346   1.00 31.31 ? 102 MET A CA  1 
ATOM   621  C C   . MET A 1 102 ? 15.246  7.908   3.371   1.00 28.46 ? 102 MET A C   1 
ATOM   622  O O   . MET A 1 102 ? 14.061  7.710   3.719   1.00 25.64 ? 102 MET A O   1 
ATOM   623  C CB  . MET A 1 102 ? 16.534  10.038  3.831   1.00 35.27 ? 102 MET A CB  1 
ATOM   624  C CG  . MET A 1 102 ? 15.291  10.889  3.529   1.00 42.51 ? 102 MET A CG  1 
ATOM   625  S SD  . MET A 1 102 ? 15.625  12.491  2.700   1.00 47.62 ? 102 MET A SD  1 
ATOM   626  C CE  . MET A 1 102 ? 16.141  11.989  1.057   1.00 39.98 ? 102 MET A CE  1 
ATOM   627  N N   . TRP A 1 103 ? 15.735  7.444   2.212   1.00 28.00 ? 103 TRP A N   1 
ATOM   628  C CA  . TRP A 1 103 ? 14.809  6.748   1.278   1.00 23.81 ? 103 TRP A CA  1 
ATOM   629  C C   . TRP A 1 103 ? 14.398  5.363   1.822   1.00 22.07 ? 103 TRP A C   1 
ATOM   630  O O   . TRP A 1 103 ? 13.205  5.012   1.690   1.00 23.05 ? 103 TRP A O   1 
ATOM   631  C CB  . TRP A 1 103 ? 15.354  6.694   -0.155  1.00 25.15 ? 103 TRP A CB  1 
ATOM   632  C CG  . TRP A 1 103 ? 15.503  8.056   -0.748  1.00 22.98 ? 103 TRP A CG  1 
ATOM   633  C CD1 . TRP A 1 103 ? 16.642  8.803   -0.813  1.00 24.81 ? 103 TRP A CD1 1 
ATOM   634  C CD2 . TRP A 1 103 ? 14.451  8.891   -1.253  1.00 23.23 ? 103 TRP A CD2 1 
ATOM   635  N NE1 . TRP A 1 103 ? 16.380  9.999   -1.429  1.00 26.32 ? 103 TRP A NE1 1 
ATOM   636  C CE2 . TRP A 1 103 ? 15.051  10.080  -1.708  1.00 20.93 ? 103 TRP A CE2 1 
ATOM   637  C CE3 . TRP A 1 103 ? 13.072  8.735   -1.390  1.00 25.12 ? 103 TRP A CE3 1 
ATOM   638  C CZ2 . TRP A 1 103 ? 14.324  11.114  -2.280  1.00 22.75 ? 103 TRP A CZ2 1 
ATOM   639  C CZ3 . TRP A 1 103 ? 12.351  9.757   -1.959  1.00 25.19 ? 103 TRP A CZ3 1 
ATOM   640  C CH2 . TRP A 1 103 ? 12.972  10.924  -2.400  1.00 25.04 ? 103 TRP A CH2 1 
ATOM   641  N N   . ARG A 1 104 ? 15.300  4.601   2.429   1.00 21.71 ? 104 ARG A N   1 
ATOM   642  C CA  . ARG A 1 104 ? 14.970  3.258   2.949   1.00 22.64 ? 104 ARG A CA  1 
ATOM   643  C C   . ARG A 1 104 ? 13.864  3.370   4.006   1.00 21.13 ? 104 ARG A C   1 
ATOM   644  O O   . ARG A 1 104 ? 12.921  2.543   4.011   1.00 22.70 ? 104 ARG A O   1 
ATOM   645  C CB  . ARG A 1 104 ? 16.247  2.598   3.462   1.00 24.95 ? 104 ARG A CB  1 
ATOM   646  C CG  . ARG A 1 104 ? 16.086  1.179   3.976   1.00 25.07 ? 104 ARG A CG  1 
ATOM   647  C CD  . ARG A 1 104 ? 17.400  0.609   4.507   1.00 30.61 ? 104 ARG A CD  1 
ATOM   648  N NE  . ARG A 1 104 ? 18.416  0.575   3.462   1.00 33.04 ? 104 ARG A NE  1 
ATOM   649  C CZ  . ARG A 1 104 ? 18.576  -0.436  2.593   1.00 33.11 ? 104 ARG A CZ  1 
ATOM   650  N NH1 . ARG A 1 104 ? 17.838  -1.541  2.676   1.00 31.41 ? 104 ARG A NH1 1 
ATOM   651  N NH2 . ARG A 1 104 ? 19.502  -0.337  1.645   1.00 33.42 ? 104 ARG A NH2 1 
ATOM   652  N N   . THR A 1 105 ? 13.992  4.329   4.931   1.00 23.42 ? 105 THR A N   1 
ATOM   653  C CA  . THR A 1 105 ? 13.012  4.472   6.031   1.00 25.24 ? 105 THR A CA  1 
ATOM   654  C C   . THR A 1 105 ? 11.618  4.710   5.440   1.00 22.75 ? 105 THR A C   1 
ATOM   655  O O   . THR A 1 105 ? 10.679  4.091   5.894   1.00 25.23 ? 105 THR A O   1 
ATOM   656  C CB  . THR A 1 105 ? 13.479  5.551   7.024   1.00 26.71 ? 105 THR A CB  1 
ATOM   657  O OG1 . THR A 1 105 ? 14.761  5.147   7.495   1.00 27.40 ? 105 THR A OG1 1 
ATOM   658  C CG2 . THR A 1 105 ? 12.546  5.715   8.196   1.00 29.91 ? 105 THR A CG2 1 
ATOM   659  N N   . GLY A 1 106 ? 11.480  5.572   4.420   1.00 25.34 ? 106 GLY A N   1 
ATOM   660  C CA  . GLY A 1 106 ? 10.180  5.889   3.807   1.00 23.95 ? 106 GLY A CA  1 
ATOM   661  C C   . GLY A 1 106 ? 9.606   4.703   3.043   1.00 21.06 ? 106 GLY A C   1 
ATOM   662  O O   . GLY A 1 106 ? 8.441   4.386   3.195   1.00 22.67 ? 106 GLY A O   1 
ATOM   663  N N   . ILE A 1 107 ? 10.423  4.043   2.230   1.00 23.15 ? 107 ILE A N   1 
ATOM   664  C CA  . ILE A 1 107 ? 9.960   2.837   1.476   1.00 24.03 ? 107 ILE A CA  1 
ATOM   665  C C   . ILE A 1 107 ? 9.533   1.757   2.479   1.00 22.60 ? 107 ILE A C   1 
ATOM   666  O O   . ILE A 1 107 ? 8.544   1.046   2.211   1.00 23.26 ? 107 ILE A O   1 
ATOM   667  C CB  . ILE A 1 107 ? 11.030  2.337   0.471   1.00 23.05 ? 107 ILE A CB  1 
ATOM   668  C CG1 . ILE A 1 107 ? 11.338  3.395   -0.591  1.00 24.50 ? 107 ILE A CG1 1 
ATOM   669  C CG2 . ILE A 1 107 ? 10.587  1.017   -0.155  1.00 22.57 ? 107 ILE A CG2 1 
ATOM   670  C CD1 . ILE A 1 107 ? 12.592  3.117   -1.397  1.00 26.93 ? 107 ILE A CD1 1 
ATOM   671  N N   . ASN A 1 108 ? 10.240  1.648   3.604   1.00 23.20 ? 108 ASN A N   1 
ATOM   672  C CA  . ASN A 1 108 ? 9.977   0.637   4.662   1.00 24.46 ? 108 ASN A CA  1 
ATOM   673  C C   . ASN A 1 108 ? 8.590   0.819   5.273   1.00 23.77 ? 108 ASN A C   1 
ATOM   674  O O   . ASN A 1 108 ? 7.949   -0.211  5.635   1.00 23.08 ? 108 ASN A O   1 
ATOM   675  C CB  . ASN A 1 108 ? 11.017  0.666   5.772   1.00 25.64 ? 108 ASN A CB  1 
ATOM   676  C CG  . ASN A 1 108 ? 10.854  -0.505  6.714   1.00 25.67 ? 108 ASN A CG  1 
ATOM   677  O OD1 . ASN A 1 108 ? 10.927  -1.682  6.297   1.00 22.30 ? 108 ASN A OD1 1 
ATOM   678  N ND2 . ASN A 1 108 ? 10.633  -0.176  7.985   1.00 24.56 ? 108 ASN A ND2 1 
ATOM   679  N N   . VAL A 1 109 ? 8.059   2.037   5.229   1.00 21.65 ? 109 VAL A N   1 
ATOM   680  C CA  . VAL A 1 109 ? 6.672   2.288   5.708   1.00 26.32 ? 109 VAL A CA  1 
ATOM   681  C C   . VAL A 1 109 ? 5.717   1.411   4.922   1.00 24.76 ? 109 VAL A C   1 
ATOM   682  O O   . VAL A 1 109 ? 4.813   0.841   5.512   1.00 24.59 ? 109 VAL A O   1 
ATOM   683  C CB  . VAL A 1 109 ? 6.303   3.767   5.562   1.00 27.75 ? 109 VAL A CB  1 
ATOM   684  C CG1 . VAL A 1 109 ? 4.795   3.981   5.647   1.00 29.91 ? 109 VAL A CG1 1 
ATOM   685  C CG2 . VAL A 1 109 ? 7.080   4.531   6.587   1.00 29.47 ? 109 VAL A CG2 1 
ATOM   686  N N   . PHE A 1 110 ? 5.882   1.352   3.604   1.00 24.20 ? 110 PHE A N   1 
ATOM   687  C CA  . PHE A 1 110 ? 4.998   0.583   2.686   1.00 24.07 ? 110 PHE A CA  1 
ATOM   688  C C   . PHE A 1 110 ? 5.263   -0.915  2.805   1.00 21.83 ? 110 PHE A C   1 
ATOM   689  O O   . PHE A 1 110 ? 4.323   -1.707  2.811   1.00 23.70 ? 110 PHE A O   1 
ATOM   690  C CB  . PHE A 1 110 ? 5.198   1.142   1.271   1.00 24.63 ? 110 PHE A CB  1 
ATOM   691  C CG  . PHE A 1 110 ? 4.674   2.546   1.195   1.00 26.27 ? 110 PHE A CG  1 
ATOM   692  C CD1 . PHE A 1 110 ? 3.325   2.772   1.014   1.00 27.99 ? 110 PHE A CD1 1 
ATOM   693  C CD2 . PHE A 1 110 ? 5.497   3.634   1.446   1.00 32.20 ? 110 PHE A CD2 1 
ATOM   694  C CE1 . PHE A 1 110 ? 2.808   4.058   1.020   1.00 27.20 ? 110 PHE A CE1 1 
ATOM   695  C CE2 . PHE A 1 110 ? 4.977   4.921   1.475   1.00 34.09 ? 110 PHE A CE2 1 
ATOM   696  C CZ  . PHE A 1 110 ? 3.629   5.130   1.257   1.00 34.71 ? 110 PHE A CZ  1 
ATOM   697  N N   . PHE A 1 111 ? 6.530   -1.297  2.889   1.00 20.93 ? 111 PHE A N   1 
ATOM   698  C CA  . PHE A 1 111 ? 6.955   -2.703  3.085   1.00 21.28 ? 111 PHE A CA  1 
ATOM   699  C C   . PHE A 1 111 ? 6.312   -3.279  4.358   1.00 23.87 ? 111 PHE A C   1 
ATOM   700  O O   . PHE A 1 111 ? 5.676   -4.333  4.323   1.00 26.17 ? 111 PHE A O   1 
ATOM   701  C CB  . PHE A 1 111 ? 8.486   -2.737  3.064   1.00 21.99 ? 111 PHE A CB  1 
ATOM   702  C CG  . PHE A 1 111 ? 9.080   -4.101  3.296   1.00 25.05 ? 111 PHE A CG  1 
ATOM   703  C CD1 . PHE A 1 111 ? 8.976   -5.083  2.323   1.00 23.15 ? 111 PHE A CD1 1 
ATOM   704  C CD2 . PHE A 1 111 ? 9.753   -4.408  4.471   1.00 27.45 ? 111 PHE A CD2 1 
ATOM   705  C CE1 . PHE A 1 111 ? 9.501   -6.353  2.550   1.00 25.78 ? 111 PHE A CE1 1 
ATOM   706  C CE2 . PHE A 1 111 ? 10.302  -5.669  4.680   1.00 26.47 ? 111 PHE A CE2 1 
ATOM   707  C CZ  . PHE A 1 111 ? 10.148  -6.650  3.739   1.00 27.69 ? 111 PHE A CZ  1 
ATOM   708  N N   . GLU A 1 112 ? 6.346   -2.535  5.448   1.00 25.25 ? 112 GLU A N   1 
ATOM   709  C CA  . GLU A 1 112 ? 5.853   -3.059  6.746   1.00 25.78 ? 112 GLU A CA  1 
ATOM   710  C C   . GLU A 1 112 ? 4.335   -2.996  6.800   1.00 27.52 ? 112 GLU A C   1 
ATOM   711  O O   . GLU A 1 112 ? 3.694   -3.950  7.308   1.00 24.37 ? 112 GLU A O   1 
ATOM   712  C CB  . GLU A 1 112 ? 6.502   -2.270  7.879   1.00 29.29 ? 112 GLU A CB  1 
ATOM   713  C CG  . GLU A 1 112 ? 7.933   -2.701  8.131   1.00 29.06 ? 112 GLU A CG  1 
ATOM   714  C CD  . GLU A 1 112 ? 8.049   -4.133  8.626   1.00 36.44 ? 112 GLU A CD  1 
ATOM   715  O OE1 . GLU A 1 112 ? 7.130   -4.557  9.328   1.00 45.01 ? 112 GLU A OE1 1 
ATOM   716  O OE2 . GLU A 1 112 ? 9.040   -4.816  8.312   1.00 35.19 ? 112 GLU A OE2 1 
ATOM   717  N N   . THR A 1 113 ? 3.744   -1.898  6.334   1.00 28.17 ? 113 THR A N   1 
ATOM   718  C CA  . THR A 1 113 ? 2.285   -1.746  6.465   1.00 27.64 ? 113 THR A CA  1 
ATOM   719  C C   . THR A 1 113 ? 1.580   -2.758  5.572   1.00 29.01 ? 113 THR A C   1 
ATOM   720  O O   . THR A 1 113 ? 0.668   -3.484  6.051   1.00 27.74 ? 113 THR A O   1 
ATOM   721  C CB  . THR A 1 113 ? 1.825   -0.319  6.143   1.00 29.09 ? 113 THR A CB  1 
ATOM   722  O OG1 . THR A 1 113 ? 2.481   0.547   7.051   1.00 25.34 ? 113 THR A OG1 1 
ATOM   723  C CG2 . THR A 1 113 ? 0.329   -0.175  6.258   1.00 28.05 ? 113 THR A CG2 1 
ATOM   724  N N   . PHE A 1 114 ? 1.915   -2.811  4.284   1.00 25.66 ? 114 PHE A N   1 
ATOM   725  C CA  . PHE A 1 114 ? 1.150   -3.722  3.389   1.00 26.20 ? 114 PHE A CA  1 
ATOM   726  C C   . PHE A 1 114 ? 1.582   -5.145  3.701   1.00 25.64 ? 114 PHE A C   1 
ATOM   727  O O   . PHE A 1 114 ? 0.765   -6.044  3.580   1.00 27.29 ? 114 PHE A O   1 
ATOM   728  C CB  . PHE A 1 114 ? 1.322   -3.268  1.945   1.00 24.16 ? 114 PHE A CB  1 
ATOM   729  C CG  . PHE A 1 114 ? 0.574   -1.991  1.697   1.00 25.72 ? 114 PHE A CG  1 
ATOM   730  C CD1 . PHE A 1 114 ? -0.773  -2.028  1.378   1.00 32.35 ? 114 PHE A CD1 1 
ATOM   731  C CD2 . PHE A 1 114 ? 1.198   -0.768  1.761   1.00 28.49 ? 114 PHE A CD2 1 
ATOM   732  C CE1 . PHE A 1 114 ? -1.491  -0.853  1.187   1.00 30.67 ? 114 PHE A CE1 1 
ATOM   733  C CE2 . PHE A 1 114 ? 0.478   0.407   1.559   1.00 30.29 ? 114 PHE A CE2 1 
ATOM   734  C CZ  . PHE A 1 114 ? -0.856  0.359   1.281   1.00 28.08 ? 114 PHE A CZ  1 
ATOM   735  N N   . GLY A 1 115 ? 2.835   -5.303  4.117   1.00 26.45 ? 115 GLY A N   1 
ATOM   736  C CA  . GLY A 1 115 ? 3.411   -6.629  4.414   1.00 31.97 ? 115 GLY A CA  1 
ATOM   737  C C   . GLY A 1 115 ? 2.793   -7.254  5.657   1.00 30.82 ? 115 GLY A C   1 
ATOM   738  O O   . GLY A 1 115 ? 2.811   -8.493  5.768   1.00 30.78 ? 115 GLY A O   1 
ATOM   739  N N   . SER A 1 116 ? 2.260   -6.427  6.545   1.00 33.46 ? 116 SER A N   1 
ATOM   740  C CA  . SER A 1 116 ? 1.484   -6.848  7.737   1.00 33.68 ? 116 SER A CA  1 
ATOM   741  C C   . SER A 1 116 ? 0.032   -7.141  7.364   1.00 33.99 ? 116 SER A C   1 
ATOM   742  O O   . SER A 1 116 ? -0.651  -7.683  8.222   1.00 38.19 ? 116 SER A O   1 
ATOM   743  C CB  . SER A 1 116 ? 1.557   -5.816  8.802   1.00 35.21 ? 116 SER A CB  1 
ATOM   744  O OG  . SER A 1 116 ? 2.899   -5.714  9.237   1.00 38.59 ? 116 SER A OG  1 
ATOM   745  N N   . HIS A 1 117 ? -0.432  -6.799  6.159   1.00 30.49 ? 117 HIS A N   1 
ATOM   746  C CA  . HIS A 1 117 ? -1.844  -7.002  5.747   1.00 31.75 ? 117 HIS A CA  1 
ATOM   747  C C   . HIS A 1 117 ? -1.905  -7.576  4.331   1.00 28.86 ? 117 HIS A C   1 
ATOM   748  O O   . HIS A 1 117 ? -2.546  -6.971  3.447   1.00 30.42 ? 117 HIS A O   1 
ATOM   749  C CB  . HIS A 1 117 ? -2.638  -5.695  5.906   1.00 32.17 ? 117 HIS A CB  1 
ATOM   750  C CG  . HIS A 1 117 ? -2.586  -5.104  7.277   1.00 33.95 ? 117 HIS A CG  1 
ATOM   751  N ND1 . HIS A 1 117 ? -3.475  -5.469  8.291   1.00 35.27 ? 117 HIS A ND1 1 
ATOM   752  C CD2 . HIS A 1 117 ? -1.809  -4.133  7.803   1.00 35.39 ? 117 HIS A CD2 1 
ATOM   753  C CE1 . HIS A 1 117 ? -3.197  -4.793  9.383   1.00 38.32 ? 117 HIS A CE1 1 
ATOM   754  N NE2 . HIS A 1 117 ? -2.174  -3.979  9.124   1.00 39.67 ? 117 HIS A NE2 1 
ATOM   755  N N   . LYS A 1 118 ? -1.224  -8.698  4.101   1.00 32.95 ? 118 LYS A N   1 
ATOM   756  C CA  . LYS A 1 118 ? -0.972  -9.240  2.738   1.00 29.34 ? 118 LYS A CA  1 
ATOM   757  C C   . LYS A 1 118 ? -2.295  -9.688  2.098   1.00 28.66 ? 118 LYS A C   1 
ATOM   758  O O   . LYS A 1 118 ? -2.469  -9.505  0.904   1.00 32.33 ? 118 LYS A O   1 
ATOM   759  C CB  . LYS A 1 118 ? 0.004   -10.402 2.816   1.00 30.47 ? 118 LYS A CB  1 
ATOM   760  C CG  . LYS A 1 118 ? 1.415   -10.033 3.227   1.00 31.04 ? 118 LYS A CG  1 
ATOM   761  C CD  . LYS A 1 118 ? 2.299   -11.270 3.268   1.00 34.59 ? 118 LYS A CD  1 
ATOM   762  C CE  . LYS A 1 118 ? 3.781   -10.990 3.280   1.00 39.52 ? 118 LYS A CE  1 
ATOM   763  N NZ  . LYS A 1 118 ? 4.281   -10.504 4.588   1.00 42.95 ? 118 LYS A NZ  1 
ATOM   764  N N   . ALA A 1 119 ? -3.169  -10.329 2.868   1.00 31.53 ? 119 ALA A N   1 
ATOM   765  C CA  . ALA A 1 119 ? -4.483  -10.817 2.379   1.00 32.51 ? 119 ALA A CA  1 
ATOM   766  C C   . ALA A 1 119 ? -5.325  -9.654  1.845   1.00 29.25 ? 119 ALA A C   1 
ATOM   767  O O   . ALA A 1 119 ? -5.907  -9.774  0.724   1.00 32.24 ? 119 ALA A O   1 
ATOM   768  C CB  . ALA A 1 119 ? -5.179  -11.552 3.495   1.00 37.69 ? 119 ALA A CB  1 
ATOM   769  N N   . VAL A 1 120 ? -5.392  -8.565  2.611   1.00 29.82 ? 120 VAL A N   1 
ATOM   770  C CA  . VAL A 1 120 ? -6.153  -7.330  2.270   1.00 33.16 ? 120 VAL A CA  1 
ATOM   771  C C   . VAL A 1 120 ? -5.512  -6.730  1.024   1.00 36.22 ? 120 VAL A C   1 
ATOM   772  O O   . VAL A 1 120 ? -6.227  -6.411  0.058   1.00 36.57 ? 120 VAL A O   1 
ATOM   773  C CB  . VAL A 1 120 ? -6.159  -6.337  3.446   1.00 34.29 ? 120 VAL A CB  1 
ATOM   774  C CG1 . VAL A 1 120 ? -6.645  -4.953  3.024   1.00 36.47 ? 120 VAL A CG1 1 
ATOM   775  C CG2 . VAL A 1 120 ? -7.001  -6.872  4.595   1.00 33.45 ? 120 VAL A CG2 1 
ATOM   776  N N   . THR A 1 121 ? -4.193  -6.583  1.066   1.00 31.53 ? 121 THR A N   1 
ATOM   777  C CA  . THR A 1 121 ? -3.393  -6.119  -0.078  1.00 34.18 ? 121 THR A CA  1 
ATOM   778  C C   . THR A 1 121 ? -3.714  -6.930  -1.340  1.00 32.05 ? 121 THR A C   1 
ATOM   779  O O   . THR A 1 121 ? -4.002  -6.305  -2.357  1.00 32.53 ? 121 THR A O   1 
ATOM   780  C CB  . THR A 1 121 ? -1.914  -6.187  0.306   1.00 32.54 ? 121 THR A CB  1 
ATOM   781  O OG1 . THR A 1 121 ? -1.736  -5.263  1.370   1.00 32.68 ? 121 THR A OG1 1 
ATOM   782  C CG2 . THR A 1 121 ? -1.025  -5.805  -0.849  1.00 41.62 ? 121 THR A CG2 1 
ATOM   783  N N   . ARG A 1 122 ? -3.542  -8.252  -1.306  1.00 35.97 ? 122 ARG A N   1 
ATOM   784  C CA  . ARG A 1 122 ? -3.762  -9.153  -2.477  1.00 39.47 ? 122 ARG A CA  1 
ATOM   785  C C   . ARG A 1 122 ? -5.184  -8.959  -3.032  1.00 43.17 ? 122 ARG A C   1 
ATOM   786  O O   . ARG A 1 122 ? -5.363  -8.728  -4.239  1.00 42.24 ? 122 ARG A O   1 
ATOM   787  C CB  . ARG A 1 122 ? -3.510  -10.600 -2.048  1.00 45.00 ? 122 ARG A CB  1 
ATOM   788  C CG  . ARG A 1 122 ? -3.145  -11.550 -3.178  1.00 52.18 ? 122 ARG A CG  1 
ATOM   789  C CD  . ARG A 1 122 ? -2.503  -12.824 -2.631  1.00 57.77 ? 122 ARG A CD  1 
ATOM   790  N NE  . ARG A 1 122 ? -3.364  -13.541 -1.687  1.00 66.93 ? 122 ARG A NE  1 
ATOM   791  C CZ  . ARG A 1 122 ? -3.148  -13.705 -0.374  1.00 67.53 ? 122 ARG A CZ  1 
ATOM   792  N NH1 . ARG A 1 122 ? -2.071  -13.214 0.220   1.00 66.17 ? 122 ARG A NH1 1 
ATOM   793  N NH2 . ARG A 1 122 ? -4.031  -14.374 0.352   1.00 73.22 ? 122 ARG A NH2 1 
ATOM   794  N N   . ALA A 1 123 ? -6.194  -9.027  -2.170  1.00 39.70 ? 123 ALA A N   1 
ATOM   795  C CA  . ALA A 1 123 ? -7.607  -8.921  -2.598  1.00 38.12 ? 123 ALA A CA  1 
ATOM   796  C C   . ALA A 1 123 ? -7.870  -7.487  -3.084  1.00 36.22 ? 123 ALA A C   1 
ATOM   797  O O   . ALA A 1 123 ? -8.556  -7.308  -4.108  1.00 41.21 ? 123 ALA A O   1 
ATOM   798  C CB  . ALA A 1 123 ? -8.505  -9.329  -1.466  1.00 35.81 ? 123 ALA A CB  1 
ATOM   799  N N   . GLY A 1 124 ? -7.303  -6.500  -2.391  1.00 38.64 ? 124 GLY A N   1 
ATOM   800  C CA  . GLY A 1 124 ? -7.392  -5.070  -2.755  1.00 41.09 ? 124 GLY A CA  1 
ATOM   801  C C   . GLY A 1 124 ? -7.011  -4.863  -4.205  1.00 46.79 ? 124 GLY A C   1 
ATOM   802  O O   . GLY A 1 124 ? -7.780  -4.217  -4.958  1.00 49.15 ? 124 GLY A O   1 
ATOM   803  N N   . GLN A 1 125 ? -5.888  -5.455  -4.611  1.00 47.32 ? 125 GLN A N   1 
ATOM   804  C CA  . GLN A 1 125 ? -5.310  -5.262  -5.965  1.00 52.76 ? 125 GLN A CA  1 
ATOM   805  C C   . GLN A 1 125 ? -6.193  -6.002  -6.969  1.00 49.75 ? 125 GLN A C   1 
ATOM   806  O O   . GLN A 1 125 ? -6.522  -5.405  -7.986  1.00 46.94 ? 125 GLN A O   1 
ATOM   807  C CB  . GLN A 1 125 ? -3.823  -5.645  -5.986  1.00 58.65 ? 125 GLN A CB  1 
ATOM   808  C CG  . GLN A 1 125 ? -2.977  -4.831  -4.998  1.00 65.89 ? 125 GLN A CG  1 
ATOM   809  C CD  . GLN A 1 125 ? -3.298  -3.350  -4.902  1.00 73.79 ? 125 GLN A CD  1 
ATOM   810  O OE1 . GLN A 1 125 ? -2.999  -2.578  -5.813  1.00 70.94 ? 125 GLN A OE1 1 
ATOM   811  N NE2 . GLN A 1 125 ? -3.875  -2.923  -3.781  1.00 66.28 ? 125 GLN A NE2 1 
ATOM   812  N N   . ALA A 1 126 ? -6.614  -7.227  -6.676  1.00 49.50 ? 126 ALA A N   1 
ATOM   813  C CA  . ALA A 1 126 ? -7.571  -7.968  -7.524  1.00 46.43 ? 126 ALA A CA  1 
ATOM   814  C C   . ALA A 1 126 ? -8.790  -7.084  -7.830  1.00 52.84 ? 126 ALA A C   1 
ATOM   815  O O   . ALA A 1 126 ? -9.150  -6.955  -9.012  1.00 62.56 ? 126 ALA A O   1 
ATOM   816  C CB  . ALA A 1 126 ? -7.971  -9.243  -6.838  1.00 47.91 ? 126 ALA A CB  1 
ATOM   817  N N   . ALA A 1 127 ? -9.375  -6.469  -6.805  1.00 51.26 ? 127 ALA A N   1 
ATOM   818  C CA  . ALA A 1 127 ? -10.664 -5.734  -6.843  1.00 46.95 ? 127 ALA A CA  1 
ATOM   819  C C   . ALA A 1 127 ? -10.592 -4.465  -7.704  1.00 54.17 ? 127 ALA A C   1 
ATOM   820  O O   . ALA A 1 127 ? -11.666 -3.982  -8.126  1.00 51.86 ? 127 ALA A O   1 
ATOM   821  C CB  . ALA A 1 127 ? -11.078 -5.376  -5.445  1.00 44.79 ? 127 ALA A CB  1 
ATOM   822  N N   . ARG A 1 128 ? -9.403  -3.909  -7.935  1.00 47.50 ? 128 ARG A N   1 
ATOM   823  C CA  . ARG A 1 128 ? -9.245  -2.650  -8.710  1.00 50.35 ? 128 ARG A CA  1 
ATOM   824  C C   . ARG A 1 128 ? -9.783  -2.796  -10.136 1.00 53.55 ? 128 ARG A C   1 
ATOM   825  O O   . ARG A 1 128 ? -10.237 -1.763  -10.683 1.00 50.40 ? 128 ARG A O   1 
ATOM   826  C CB  . ARG A 1 128 ? -7.778  -2.253  -8.824  1.00 52.05 ? 128 ARG A CB  1 
ATOM   827  C CG  . ARG A 1 128 ? -7.179  -1.774  -7.513  1.00 54.14 ? 128 ARG A CG  1 
ATOM   828  C CD  . ARG A 1 128 ? -5.681  -1.673  -7.669  1.00 56.18 ? 128 ARG A CD  1 
ATOM   829  N NE  . ARG A 1 128 ? -5.369  -0.638  -8.635  1.00 55.01 ? 128 ARG A NE  1 
ATOM   830  C CZ  . ARG A 1 128 ? -4.157  -0.368  -9.087  1.00 61.01 ? 128 ARG A CZ  1 
ATOM   831  N NH1 . ARG A 1 128 ? -3.120  -1.093  -8.693  1.00 56.75 ? 128 ARG A NH1 1 
ATOM   832  N NH2 . ARG A 1 128 ? -4.004  0.626   -9.947  1.00 59.35 ? 128 ARG A NH2 1 
ATOM   833  N N   . ALA A 1 129 ? -9.690  -3.999  -10.721 1.00 54.69 ? 129 ALA A N   1 
ATOM   834  C CA  . ALA A 1 129 ? -10.230 -4.328  -12.066 1.00 58.70 ? 129 ALA A CA  1 
ATOM   835  C C   . ALA A 1 129 ? -11.760 -4.380  -11.977 1.00 61.28 ? 129 ALA A C   1 
ATOM   836  O O   . ALA A 1 129 ? -12.436 -3.990  -12.941 1.00 63.97 ? 129 ALA A O   1 
ATOM   837  C CB  . ALA A 1 129 ? -9.657  -5.628  -12.591 1.00 51.64 ? 129 ALA A CB  1 
ATOM   838  N N   . THR A 1 130 ? -12.269 -4.834  -10.835 1.00 59.63 ? 130 THR A N   1 
ATOM   839  C CA  . THR A 1 130 ? -13.711 -4.990  -10.534 1.00 57.17 ? 130 THR A CA  1 
ATOM   840  C C   . THR A 1 130 ? -14.339 -3.650  -10.168 1.00 55.15 ? 130 THR A C   1 
ATOM   841  O O   . THR A 1 130 ? -15.399 -3.354  -10.717 1.00 59.05 ? 130 THR A O   1 
ATOM   842  C CB  . THR A 1 130 ? -13.893 -5.965  -9.368  1.00 58.14 ? 130 THR A CB  1 
ATOM   843  O OG1 . THR A 1 130 ? -13.739 -7.234  -9.992  1.00 60.93 ? 130 THR A OG1 1 
ATOM   844  C CG2 . THR A 1 130 ? -15.213 -5.846  -8.637  1.00 55.82 ? 130 THR A CG2 1 
ATOM   845  N N   . SER A 1 131 ? -13.735 -2.902  -9.239  1.00 57.81 ? 131 SER A N   1 
ATOM   846  C CA  . SER A 1 131 ? -14.440 -1.898  -8.405  1.00 54.88 ? 131 SER A CA  1 
ATOM   847  C C   . SER A 1 131 ? -13.887 -0.503  -8.669  1.00 58.33 ? 131 SER A C   1 
ATOM   848  O O   . SER A 1 131 ? -12.703 -0.258  -8.412  1.00 51.12 ? 131 SER A O   1 
ATOM   849  C CB  . SER A 1 131 ? -14.392 -2.250  -6.935  1.00 55.41 ? 131 SER A CB  1 
ATOM   850  O OG  . SER A 1 131 ? -14.599 -1.092  -6.128  1.00 55.60 ? 131 SER A OG  1 
ATOM   851  N N   . VAL A 1 132 ? -14.757 0.387   -9.140  1.00 56.35 ? 132 VAL A N   1 
ATOM   852  C CA  . VAL A 1 132 ? -14.406 1.800   -9.442  1.00 54.68 ? 132 VAL A CA  1 
ATOM   853  C C   . VAL A 1 132 ? -14.000 2.482   -8.138  1.00 49.05 ? 132 VAL A C   1 
ATOM   854  O O   . VAL A 1 132 ? -13.086 3.327   -8.168  1.00 48.35 ? 132 VAL A O   1 
ATOM   855  C CB  . VAL A 1 132 ? -15.583 2.515   -10.126 1.00 55.48 ? 132 VAL A CB  1 
ATOM   856  C CG1 . VAL A 1 132 ? -15.496 4.028   -9.989  1.00 52.31 ? 132 VAL A CG1 1 
ATOM   857  C CG2 . VAL A 1 132 ? -15.671 2.087   -11.583 1.00 55.81 ? 132 VAL A CG2 1 
ATOM   858  N N   . GLU A 1 133 ? -14.653 2.119   -7.040  1.00 44.64 ? 133 GLU A N   1 
ATOM   859  C CA  . GLU A 1 133 ? -14.418 2.735   -5.713  1.00 45.28 ? 133 GLU A CA  1 
ATOM   860  C C   . GLU A 1 133 ? -13.016 2.328   -5.245  1.00 42.71 ? 133 GLU A C   1 
ATOM   861  O O   . GLU A 1 133 ? -12.344 3.141   -4.581  1.00 33.31 ? 133 GLU A O   1 
ATOM   862  C CB  . GLU A 1 133 ? -15.473 2.268   -4.709  1.00 53.01 ? 133 GLU A CB  1 
ATOM   863  C CG  . GLU A 1 133 ? -16.887 2.252   -5.275  1.00 57.36 ? 133 GLU A CG  1 
ATOM   864  C CD  . GLU A 1 133 ? -17.978 2.158   -4.226  1.00 61.97 ? 133 GLU A CD  1 
ATOM   865  O OE1 . GLU A 1 133 ? -18.876 1.304   -4.392  1.00 73.00 ? 133 GLU A OE1 1 
ATOM   866  O OE2 . GLU A 1 133 ? -17.929 2.933   -3.247  1.00 60.79 ? 133 GLU A OE2 1 
ATOM   867  N N   . VAL A 1 134 ? -12.626 1.086   -5.524  1.00 38.38 ? 134 VAL A N   1 
ATOM   868  C CA  . VAL A 1 134 ? -11.322 0.568   -5.028  1.00 38.02 ? 134 VAL A CA  1 
ATOM   869  C C   . VAL A 1 134 ? -10.211 1.194   -5.879  1.00 39.28 ? 134 VAL A C   1 
ATOM   870  O O   . VAL A 1 134 ? -9.244  1.727   -5.267  1.00 34.54 ? 134 VAL A O   1 
ATOM   871  C CB  . VAL A 1 134 ? -11.305 -0.966  -4.991  1.00 37.17 ? 134 VAL A CB  1 
ATOM   872  C CG1 . VAL A 1 134 ? -9.903  -1.536  -5.056  1.00 38.06 ? 134 VAL A CG1 1 
ATOM   873  C CG2 . VAL A 1 134 ? -12.046 -1.457  -3.751  1.00 36.56 ? 134 VAL A CG2 1 
ATOM   874  N N   . ALA A 1 135 ? -10.385 1.182   -7.212  1.00 38.02 ? 135 ALA A N   1 
ATOM   875  C CA  . ALA A 1 135 ? -9.485  1.846   -8.181  1.00 38.23 ? 135 ALA A CA  1 
ATOM   876  C C   . ALA A 1 135 ? -9.301  3.315   -7.778  1.00 38.28 ? 135 ALA A C   1 
ATOM   877  O O   . ALA A 1 135 ? -8.149  3.802   -7.777  1.00 36.79 ? 135 ALA A O   1 
ATOM   878  C CB  . ALA A 1 135 ? -10.023 1.698   -9.589  1.00 40.62 ? 135 ALA A CB  1 
ATOM   879  N N   . GLU A 1 136 ? -10.379 4.021   -7.453  1.00 35.47 ? 136 GLU A N   1 
ATOM   880  C CA  . GLU A 1 136 ? -10.320 5.456   -7.084  1.00 36.97 ? 136 GLU A CA  1 
ATOM   881  C C   . GLU A 1 136 ? -9.557  5.650   -5.766  1.00 33.78 ? 136 GLU A C   1 
ATOM   882  O O   . GLU A 1 136 ? -8.806  6.602   -5.672  1.00 33.31 ? 136 GLU A O   1 
ATOM   883  C CB  . GLU A 1 136 ? -11.718 6.069   -6.993  1.00 41.89 ? 136 GLU A CB  1 
ATOM   884  C CG  . GLU A 1 136 ? -12.330 6.407   -8.344  1.00 48.82 ? 136 GLU A CG  1 
ATOM   885  C CD  . GLU A 1 136 ? -13.688 7.098   -8.233  1.00 59.59 ? 136 GLU A CD  1 
ATOM   886  O OE1 . GLU A 1 136 ? -14.226 7.540   -9.281  1.00 62.52 ? 136 GLU A OE1 1 
ATOM   887  O OE2 . GLU A 1 136 ? -14.213 7.202   -7.074  1.00 53.28 ? 136 GLU A OE2 1 
ATOM   888  N N   . LEU A 1 137 ? -9.751  4.789   -4.767  1.00 31.50 ? 137 LEU A N   1 
ATOM   889  C CA  . LEU A 1 137 ? -9.030  4.921   -3.480  1.00 30.83 ? 137 LEU A CA  1 
ATOM   890  C C   . LEU A 1 137 ? -7.536  4.742   -3.724  1.00 27.56 ? 137 LEU A C   1 
ATOM   891  O O   . LEU A 1 137 ? -6.743  5.588   -3.260  1.00 25.64 ? 137 LEU A O   1 
ATOM   892  C CB  . LEU A 1 137 ? -9.521  3.868   -2.485  1.00 32.99 ? 137 LEU A CB  1 
ATOM   893  C CG  . LEU A 1 137 ? -8.729  3.805   -1.185  1.00 36.66 ? 137 LEU A CG  1 
ATOM   894  C CD1 . LEU A 1 137 ? -8.763  5.138   -0.457  1.00 41.68 ? 137 LEU A CD1 1 
ATOM   895  C CD2 . LEU A 1 137 ? -9.270  2.697   -0.301  1.00 39.35 ? 137 LEU A CD2 1 
ATOM   896  N N   . TRP A 1 138 ? -7.191  3.682   -4.429  1.00 26.50 ? 138 TRP A N   1 
ATOM   897  C CA  . TRP A 1 138 ? -5.766  3.389   -4.723  1.00 29.89 ? 138 TRP A CA  1 
ATOM   898  C C   . TRP A 1 138 ? -5.153  4.581   -5.484  1.00 30.10 ? 138 TRP A C   1 
ATOM   899  O O   . TRP A 1 138 ? -4.098  5.086   -5.084  1.00 27.56 ? 138 TRP A O   1 
ATOM   900  C CB  . TRP A 1 138 ? -5.619  2.052   -5.448  1.00 29.82 ? 138 TRP A CB  1 
ATOM   901  C CG  . TRP A 1 138 ? -4.177  1.675   -5.483  1.00 35.00 ? 138 TRP A CG  1 
ATOM   902  C CD1 . TRP A 1 138 ? -3.323  1.714   -6.550  1.00 38.34 ? 138 TRP A CD1 1 
ATOM   903  C CD2 . TRP A 1 138 ? -3.386  1.307   -4.345  1.00 34.72 ? 138 TRP A CD2 1 
ATOM   904  N NE1 . TRP A 1 138 ? -2.060  1.361   -6.158  1.00 34.01 ? 138 TRP A NE1 1 
ATOM   905  C CE2 . TRP A 1 138 ? -2.073  1.095   -4.806  1.00 34.96 ? 138 TRP A CE2 1 
ATOM   906  C CE3 . TRP A 1 138 ? -3.677  1.086   -2.996  1.00 34.35 ? 138 TRP A CE3 1 
ATOM   907  C CZ2 . TRP A 1 138 ? -1.045  0.725   -3.937  1.00 36.47 ? 138 TRP A CZ2 1 
ATOM   908  C CZ3 . TRP A 1 138 ? -2.664  0.717   -2.143  1.00 34.30 ? 138 TRP A CZ3 1 
ATOM   909  C CH2 . TRP A 1 138 ? -1.370  0.537   -2.609  1.00 35.38 ? 138 TRP A CH2 1 
ATOM   910  N N   . SER A 1 139 ? -5.863  5.128   -6.464  1.00 28.00 ? 139 SER A N   1 
ATOM   911  C CA  . SER A 1 139 ? -5.331  6.219   -7.319  1.00 30.92 ? 139 SER A CA  1 
ATOM   912  C C   . SER A 1 139 ? -5.095  7.499   -6.508  1.00 26.99 ? 139 SER A C   1 
ATOM   913  O O   . SER A 1 139 ? -3.988  8.145   -6.647  1.00 26.98 ? 139 SER A O   1 
ATOM   914  C CB  . SER A 1 139 ? -6.219  6.394   -8.523  1.00 31.34 ? 139 SER A CB  1 
ATOM   915  O OG  . SER A 1 139 ? -6.029  7.676   -9.049  1.00 38.07 ? 139 SER A OG  1 
ATOM   916  N N   . THR A 1 140 ? -6.019  7.877   -5.613  1.00 27.47 ? 140 THR A N   1 
ATOM   917  C CA  . THR A 1 140 ? -5.891  9.060   -4.738  1.00 29.20 ? 140 THR A CA  1 
ATOM   918  C C   . THR A 1 140 ? -4.616  8.983   -3.892  1.00 24.62 ? 140 THR A C   1 
ATOM   919  O O   . THR A 1 140 ? -3.950  9.998   -3.738  1.00 25.67 ? 140 THR A O   1 
ATOM   920  C CB  . THR A 1 140 ? -7.100  9.183   -3.795  1.00 32.80 ? 140 THR A CB  1 
ATOM   921  O OG1 . THR A 1 140 ? -8.273  9.217   -4.613  1.00 37.63 ? 140 THR A OG1 1 
ATOM   922  C CG2 . THR A 1 140 ? -7.047  10.417  -2.939  1.00 37.29 ? 140 THR A CG2 1 
ATOM   923  N N   . PHE A 1 141 ? -4.378  7.844   -3.248  1.00 23.43 ? 141 PHE A N   1 
ATOM   924  C CA  . PHE A 1 141 ? -3.187  7.636   -2.390  1.00 23.50 ? 141 PHE A CA  1 
ATOM   925  C C   . PHE A 1 141 ? -1.901  7.618   -3.230  1.00 21.56 ? 141 PHE A C   1 
ATOM   926  O O   . PHE A 1 141 ? -0.925  8.224   -2.785  1.00 19.25 ? 141 PHE A O   1 
ATOM   927  C CB  . PHE A 1 141 ? -3.436  6.463   -1.458  1.00 27.17 ? 141 PHE A CB  1 
ATOM   928  C CG  . PHE A 1 141 ? -4.308  6.954   -0.321  1.00 30.25 ? 141 PHE A CG  1 
ATOM   929  C CD1 . PHE A 1 141 ? -3.746  7.587   0.778   1.00 30.89 ? 141 PHE A CD1 1 
ATOM   930  C CD2 . PHE A 1 141 ? -5.688  6.917   -0.425  1.00 34.13 ? 141 PHE A CD2 1 
ATOM   931  C CE1 . PHE A 1 141 ? -4.551  8.051   1.811   1.00 34.15 ? 141 PHE A CE1 1 
ATOM   932  C CE2 . PHE A 1 141 ? -6.490  7.433   0.586   1.00 36.73 ? 141 PHE A CE2 1 
ATOM   933  C CZ  . PHE A 1 141 ? -5.919  7.997   1.698   1.00 31.58 ? 141 PHE A CZ  1 
ATOM   934  N N   . MET A 1 142 ? -1.916  6.987   -4.394  1.00 22.02 ? 142 MET A N   1 
ATOM   935  C CA  . MET A 1 142 ? -0.685  6.920   -5.230  1.00 23.79 ? 142 MET A CA  1 
ATOM   936  C C   . MET A 1 142 ? -0.345  8.348   -5.692  1.00 22.15 ? 142 MET A C   1 
ATOM   937  O O   . MET A 1 142 ? 0.823   8.739   -5.633  1.00 22.25 ? 142 MET A O   1 
ATOM   938  C CB  . MET A 1 142 ? -0.846  5.981   -6.426  1.00 23.65 ? 142 MET A CB  1 
ATOM   939  C CG  . MET A 1 142 ? -0.907  4.519   -6.072  1.00 27.59 ? 142 MET A CG  1 
ATOM   940  S SD  . MET A 1 142 ? 0.646   3.905   -5.372  1.00 28.38 ? 142 MET A SD  1 
ATOM   941  C CE  . MET A 1 142 ? 1.689   3.872   -6.825  1.00 29.21 ? 142 MET A CE  1 
ATOM   942  N N   . GLN A 1 143 ? -1.323  9.155   -6.099  1.00 23.31 ? 143 GLN A N   1 
ATOM   943  C CA  . GLN A 1 143 ? -1.040  10.558  -6.475  1.00 25.57 ? 143 GLN A CA  1 
ATOM   944  C C   . GLN A 1 143 ? -0.403  11.289  -5.291  1.00 23.37 ? 143 GLN A C   1 
ATOM   945  O O   . GLN A 1 143 ? 0.601   12.033  -5.493  1.00 21.12 ? 143 GLN A O   1 
ATOM   946  C CB  . GLN A 1 143 ? -2.306  11.243  -6.979  1.00 30.80 ? 143 GLN A CB  1 
ATOM   947  C CG  . GLN A 1 143 ? -2.943  10.459  -8.117  1.00 35.86 ? 143 GLN A CG  1 
ATOM   948  C CD  . GLN A 1 143 ? -3.708  11.311  -9.095  1.00 50.72 ? 143 GLN A CD  1 
ATOM   949  O OE1 . GLN A 1 143 ? -3.537  11.194  -10.311 1.00 61.18 ? 143 GLN A OE1 1 
ATOM   950  N NE2 . GLN A 1 143 ? -4.561  12.168  -8.561  1.00 50.31 ? 143 GLN A NE2 1 
ATOM   951  N N   . LYS A 1 144 ? -0.947  11.121  -4.093  1.00 21.54 ? 144 LYS A N   1 
ATOM   952  C CA  . LYS A 1 144 ? -0.396  11.780  -2.890  1.00 23.05 ? 144 LYS A CA  1 
ATOM   953  C C   . LYS A 1 144 ? 1.056   11.349  -2.662  1.00 20.53 ? 144 LYS A C   1 
ATOM   954  O O   . LYS A 1 144 ? 1.880   12.221  -2.501  1.00 19.98 ? 144 LYS A O   1 
ATOM   955  C CB  . LYS A 1 144 ? -1.291  11.460  -1.698  1.00 28.90 ? 144 LYS A CB  1 
ATOM   956  C CG  . LYS A 1 144 ? -1.040  12.283  -0.449  1.00 35.57 ? 144 LYS A CG  1 
ATOM   957  C CD  . LYS A 1 144 ? -1.934  11.844  0.714   1.00 37.53 ? 144 LYS A CD  1 
ATOM   958  C CE  . LYS A 1 144 ? -2.178  12.953  1.715   1.00 43.89 ? 144 LYS A CE  1 
ATOM   959  N NZ  . LYS A 1 144 ? -2.519  12.425  3.060   1.00 43.20 ? 144 LYS A NZ  1 
ATOM   960  N N   . TRP A 1 145 ? 1.353   10.048  -2.710  1.00 22.15 ? 145 TRP A N   1 
ATOM   961  C CA  . TRP A 1 145 ? 2.706   9.498   -2.458  1.00 24.75 ? 145 TRP A CA  1 
ATOM   962  C C   . TRP A 1 145 ? 3.699   9.905   -3.573  1.00 21.64 ? 145 TRP A C   1 
ATOM   963  O O   . TRP A 1 145 ? 4.839   10.281  -3.248  1.00 21.45 ? 145 TRP A O   1 
ATOM   964  C CB  . TRP A 1 145 ? 2.556   7.984   -2.255  1.00 26.13 ? 145 TRP A CB  1 
ATOM   965  C CG  . TRP A 1 145 ? 1.683   7.631   -1.084  1.00 24.67 ? 145 TRP A CG  1 
ATOM   966  C CD1 . TRP A 1 145 ? 1.487   8.407   0.028   1.00 25.57 ? 145 TRP A CD1 1 
ATOM   967  C CD2 . TRP A 1 145 ? 0.933   6.416   -0.873  1.00 25.82 ? 145 TRP A CD2 1 
ATOM   968  N NE1 . TRP A 1 145 ? 0.634   7.771   0.893   1.00 25.41 ? 145 TRP A NE1 1 
ATOM   969  C CE2 . TRP A 1 145 ? 0.272   6.556   0.370   1.00 26.24 ? 145 TRP A CE2 1 
ATOM   970  C CE3 . TRP A 1 145 ? 0.724   5.236   -1.610  1.00 25.36 ? 145 TRP A CE3 1 
ATOM   971  C CZ2 . TRP A 1 145 ? -0.520  5.534   0.898   1.00 25.07 ? 145 TRP A CZ2 1 
ATOM   972  C CZ3 . TRP A 1 145 ? -0.120  4.255   -1.121  1.00 28.07 ? 145 TRP A CZ3 1 
ATOM   973  C CH2 . TRP A 1 145 ? -0.707  4.396   0.138   1.00 27.10 ? 145 TRP A CH2 1 
ATOM   974  N N   . ILE A 1 146 ? 3.258   9.901   -4.827  1.00 22.28 ? 146 ILE A N   1 
ATOM   975  C CA  . ILE A 1 146 ? 4.093   10.361  -5.973  1.00 22.15 ? 146 ILE A CA  1 
ATOM   976  C C   . ILE A 1 146 ? 4.399   11.851  -5.786  1.00 21.56 ? 146 ILE A C   1 
ATOM   977  O O   . ILE A 1 146 ? 5.565   12.249  -5.960  1.00 20.62 ? 146 ILE A O   1 
ATOM   978  C CB  . ILE A 1 146 ? 3.431   10.043  -7.342  1.00 21.30 ? 146 ILE A CB  1 
ATOM   979  C CG1 . ILE A 1 146 ? 3.470   8.530   -7.610  1.00 22.47 ? 146 ILE A CG1 1 
ATOM   980  C CG2 . ILE A 1 146 ? 4.119   10.823  -8.468  1.00 23.80 ? 146 ILE A CG2 1 
ATOM   981  C CD1 . ILE A 1 146 ? 2.512   8.090   -8.680  1.00 22.41 ? 146 ILE A CD1 1 
ATOM   982  N N   . ALA A 1 147 ? 3.397   12.673  -5.426  1.00 22.10 ? 147 ALA A N   1 
ATOM   983  C CA  . ALA A 1 147 ? 3.632   14.125  -5.286  1.00 21.95 ? 147 ALA A CA  1 
ATOM   984  C C   . ALA A 1 147 ? 4.615   14.388  -4.135  1.00 22.07 ? 147 ALA A C   1 
ATOM   985  O O   . ALA A 1 147 ? 5.555   15.172  -4.323  1.00 20.57 ? 147 ALA A O   1 
ATOM   986  C CB  . ALA A 1 147 ? 2.316   14.870  -5.168  1.00 24.24 ? 147 ALA A CB  1 
ATOM   987  N N   . TYR A 1 148 ? 4.531   13.622  -3.038  1.00 25.84 ? 148 TYR A N   1 
ATOM   988  C CA  . TYR A 1 148 ? 5.497   13.777  -1.911  1.00 26.15 ? 148 TYR A CA  1 
ATOM   989  C C   . TYR A 1 148 ? 6.900   13.349  -2.361  1.00 23.42 ? 148 TYR A C   1 
ATOM   990  O O   . TYR A 1 148 ? 7.873   14.046  -2.140  1.00 19.94 ? 148 TYR A O   1 
ATOM   991  C CB  . TYR A 1 148 ? 5.016   13.042  -0.659  1.00 29.56 ? 148 TYR A CB  1 
ATOM   992  C CG  . TYR A 1 148 ? 6.000   13.157  0.470   1.00 36.73 ? 148 TYR A CG  1 
ATOM   993  C CD1 . TYR A 1 148 ? 6.337   14.401  0.986   1.00 38.53 ? 148 TYR A CD1 1 
ATOM   994  C CD2 . TYR A 1 148 ? 6.641   12.043  0.986   1.00 38.17 ? 148 TYR A CD2 1 
ATOM   995  C CE1 . TYR A 1 148 ? 7.252   14.534  2.016   1.00 39.27 ? 148 TYR A CE1 1 
ATOM   996  C CE2 . TYR A 1 148 ? 7.563   12.159  2.016   1.00 41.20 ? 148 TYR A CE2 1 
ATOM   997  C CZ  . TYR A 1 148 ? 7.886   13.410  2.513   1.00 42.64 ? 148 TYR A CZ  1 
ATOM   998  O OH  . TYR A 1 148 ? 8.794   13.532  3.521   1.00 48.26 ? 148 TYR A OH  1 
ATOM   999  N N   . THR A 1 149 ? 7.016   12.220  -3.051  1.00 24.32 ? 149 THR A N   1 
ATOM   1000 C CA  . THR A 1 149 ? 8.294   11.741  -3.624  1.00 22.69 ? 149 THR A CA  1 
ATOM   1001 C C   . THR A 1 149 ? 8.890   12.837  -4.494  1.00 22.05 ? 149 THR A C   1 
ATOM   1002 O O   . THR A 1 149 ? 10.070  13.153  -4.329  1.00 22.31 ? 149 THR A O   1 
ATOM   1003 C CB  . THR A 1 149 ? 8.125   10.442  -4.427  1.00 21.45 ? 149 THR A CB  1 
ATOM   1004 O OG1 . THR A 1 149 ? 7.591   9.434   -3.560  1.00 22.70 ? 149 THR A OG1 1 
ATOM   1005 C CG2 . THR A 1 149 ? 9.458   10.010  -4.990  1.00 23.84 ? 149 THR A CG2 1 
ATOM   1006 N N   . ALA A 1 150 ? 8.084   13.397  -5.388  1.00 22.72 ? 150 ALA A N   1 
ATOM   1007 C CA  . ALA A 1 150 ? 8.553   14.457  -6.318  1.00 25.27 ? 150 ALA A CA  1 
ATOM   1008 C C   . ALA A 1 150 ? 9.045   15.681  -5.514  1.00 24.34 ? 150 ALA A C   1 
ATOM   1009 O O   . ALA A 1 150 ? 10.109  16.221  -5.800  1.00 23.91 ? 150 ALA A O   1 
ATOM   1010 C CB  . ALA A 1 150 ? 7.461   14.786  -7.297  1.00 23.51 ? 150 ALA A CB  1 
ATOM   1011 N N   . ALA A 1 151 ? 8.343   16.067  -4.457  1.00 31.04 ? 151 ALA A N   1 
ATOM   1012 C CA  . ALA A 1 151 ? 8.721   17.241  -3.644  1.00 29.56 ? 151 ALA A CA  1 
ATOM   1013 C C   . ALA A 1 151 ? 10.061  16.997  -2.934  1.00 27.48 ? 151 ALA A C   1 
ATOM   1014 O O   . ALA A 1 151 ? 10.867  17.913  -2.893  1.00 27.77 ? 151 ALA A O   1 
ATOM   1015 C CB  . ALA A 1 151 ? 7.607   17.597  -2.692  1.00 32.55 ? 151 ALA A CB  1 
ATOM   1016 N N   . VAL A 1 152 ? 10.342  15.789  -2.450  1.00 26.73 ? 152 VAL A N   1 
ATOM   1017 C CA  . VAL A 1 152 ? 11.665  15.482  -1.834  1.00 27.24 ? 152 VAL A CA  1 
ATOM   1018 C C   . VAL A 1 152 ? 12.747  15.478  -2.916  1.00 27.85 ? 152 VAL A C   1 
ATOM   1019 O O   . VAL A 1 152 ? 13.864  16.050  -2.699  1.00 25.28 ? 152 VAL A O   1 
ATOM   1020 C CB  . VAL A 1 152 ? 11.591  14.160  -1.043  1.00 28.22 ? 152 VAL A CB  1 
ATOM   1021 C CG1 . VAL A 1 152 ? 12.937  13.732  -0.484  1.00 27.86 ? 152 VAL A CG1 1 
ATOM   1022 C CG2 . VAL A 1 152 ? 10.567  14.274  0.070   1.00 33.96 ? 152 VAL A CG2 1 
ATOM   1023 N N   . ILE A 1 153 ? 12.477  14.898  -4.088  1.00 24.12 ? 153 ILE A N   1 
ATOM   1024 C CA  . ILE A 1 153 ? 13.527  14.961  -5.150  1.00 25.22 ? 153 ILE A CA  1 
ATOM   1025 C C   . ILE A 1 153 ? 13.827  16.435  -5.491  1.00 25.19 ? 153 ILE A C   1 
ATOM   1026 O O   . ILE A 1 153 ? 14.974  16.803  -5.555  1.00 26.54 ? 153 ILE A O   1 
ATOM   1027 C CB  . ILE A 1 153 ? 13.059  14.137  -6.360  1.00 23.53 ? 153 ILE A CB  1 
ATOM   1028 C CG1 . ILE A 1 153 ? 12.977  12.641  -6.023  1.00 23.95 ? 153 ILE A CG1 1 
ATOM   1029 C CG2 . ILE A 1 153 ? 13.964  14.411  -7.529  1.00 22.72 ? 153 ILE A CG2 1 
ATOM   1030 C CD1 . ILE A 1 153 ? 12.199  11.853  -7.024  1.00 23.33 ? 153 ILE A CD1 1 
ATOM   1031 N N   . ASP A 1 154 ? 12.805  17.268  -5.640  1.00 26.28 ? 154 ASP A N   1 
ATOM   1032 C CA  . ASP A 1 154 ? 12.979  18.718  -5.926  1.00 28.95 ? 154 ASP A CA  1 
ATOM   1033 C C   . ASP A 1 154 ? 13.817  19.404  -4.836  1.00 33.24 ? 154 ASP A C   1 
ATOM   1034 O O   . ASP A 1 154 ? 14.736  20.181  -5.215  1.00 31.98 ? 154 ASP A O   1 
ATOM   1035 C CB  . ASP A 1 154 ? 11.628  19.378  -6.129  1.00 32.24 ? 154 ASP A CB  1 
ATOM   1036 C CG  . ASP A 1 154 ? 11.075  19.133  -7.519  1.00 36.81 ? 154 ASP A CG  1 
ATOM   1037 O OD1 . ASP A 1 154 ? 11.893  18.832  -8.447  1.00 41.34 ? 154 ASP A OD1 1 
ATOM   1038 O OD2 . ASP A 1 154 ? 9.827   19.246  -7.669  1.00 40.36 ? 154 ASP A OD2 1 
ATOM   1039 N N   . ALA A 1 155 ? 13.550  19.102  -3.563  1.00 36.11 ? 155 ALA A N   1 
ATOM   1040 C CA  . ALA A 1 155 ? 14.336  19.623  -2.417  1.00 37.46 ? 155 ALA A CA  1 
ATOM   1041 C C   . ALA A 1 155 ? 15.787  19.174  -2.567  1.00 39.03 ? 155 ALA A C   1 
ATOM   1042 O O   . ALA A 1 155 ? 16.706  20.016  -2.402  1.00 37.92 ? 155 ALA A O   1 
ATOM   1043 C CB  . ALA A 1 155 ? 13.771  19.133  -1.120  1.00 40.48 ? 155 ALA A CB  1 
ATOM   1044 N N   . GLU A 1 156 ? 16.009  17.886  -2.866  1.00 33.98 ? 156 GLU A N   1 
ATOM   1045 C CA  . GLU A 1 156 ? 17.382  17.348  -3.006  1.00 33.12 ? 156 GLU A CA  1 
ATOM   1046 C C   . GLU A 1 156 ? 18.095  18.102  -4.132  1.00 32.95 ? 156 GLU A C   1 
ATOM   1047 O O   . GLU A 1 156 ? 19.338  18.379  -4.013  1.00 33.15 ? 156 GLU A O   1 
ATOM   1048 C CB  . GLU A 1 156 ? 17.326  15.845  -3.270  1.00 34.02 ? 156 GLU A CB  1 
ATOM   1049 C CG  . GLU A 1 156 ? 16.957  15.036  -2.062  1.00 36.55 ? 156 GLU A CG  1 
ATOM   1050 C CD  . GLU A 1 156 ? 17.977  15.141  -0.942  1.00 40.26 ? 156 GLU A CD  1 
ATOM   1051 O OE1 . GLU A 1 156 ? 17.797  16.035  -0.086  1.00 37.29 ? 156 GLU A OE1 1 
ATOM   1052 O OE2 . GLU A 1 156 ? 18.944  14.355  -0.945  1.00 32.88 ? 156 GLU A OE2 1 
ATOM   1053 N N   . ARG A 1 157 ? 17.397  18.377  -5.237  1.00 29.77 ? 157 ARG A N   1 
ATOM   1054 C CA  . ARG A 1 157 ? 18.015  19.098  -6.385  1.00 28.83 ? 157 ARG A CA  1 
ATOM   1055 C C   . ARG A 1 157 ? 18.314  20.555  -5.979  1.00 31.96 ? 157 ARG A C   1 
ATOM   1056 O O   . ARG A 1 157 ? 19.372  21.065  -6.328  1.00 33.34 ? 157 ARG A O   1 
ATOM   1057 C CB  . ARG A 1 157 ? 17.080  19.064  -7.596  1.00 28.77 ? 157 ARG A CB  1 
ATOM   1058 C CG  . ARG A 1 157 ? 17.038  17.703  -8.277  1.00 26.51 ? 157 ARG A CG  1 
ATOM   1059 C CD  . ARG A 1 157 ? 15.915  17.581  -9.278  1.00 26.27 ? 157 ARG A CD  1 
ATOM   1060 N NE  . ARG A 1 157 ? 15.981  16.265  -9.876  1.00 27.10 ? 157 ARG A NE  1 
ATOM   1061 C CZ  . ARG A 1 157 ? 15.378  15.918  -11.014 1.00 25.75 ? 157 ARG A CZ  1 
ATOM   1062 N NH1 . ARG A 1 157 ? 14.606  16.776  -11.658 1.00 25.50 ? 157 ARG A NH1 1 
ATOM   1063 N NH2 . ARG A 1 157 ? 15.514  14.692  -11.463 1.00 24.46 ? 157 ARG A NH2 1 
ATOM   1064 N N   . ASP A 1 158 ? 17.386  21.197  -5.291  1.00 35.60 ? 158 ASP A N   1 
ATOM   1065 C CA  . ASP A 1 158 ? 17.560  22.599  -4.815  1.00 39.83 ? 158 ASP A CA  1 
ATOM   1066 C C   . ASP A 1 158 ? 18.819  22.708  -3.956  1.00 42.37 ? 158 ASP A C   1 
ATOM   1067 O O   . ASP A 1 158 ? 19.533  23.665  -4.143  1.00 47.12 ? 158 ASP A O   1 
ATOM   1068 C CB  . ASP A 1 158 ? 16.319  23.070  -4.074  1.00 37.34 ? 158 ASP A CB  1 
ATOM   1069 C CG  . ASP A 1 158 ? 15.200  23.353  -5.040  1.00 40.41 ? 158 ASP A CG  1 
ATOM   1070 O OD1 . ASP A 1 158 ? 15.520  23.547  -6.231  1.00 46.96 ? 158 ASP A OD1 1 
ATOM   1071 O OD2 . ASP A 1 158 ? 14.034  23.354  -4.610  1.00 42.77 ? 158 ASP A OD2 1 
ATOM   1072 N N   . ARG A 1 159 ? 19.073  21.749  -3.072  1.00 44.11 ? 159 ARG A N   1 
ATOM   1073 C CA  . ARG A 1 159 ? 20.167  21.827  -2.072  1.00 43.97 ? 159 ARG A CA  1 
ATOM   1074 C C   . ARG A 1 159 ? 21.488  21.430  -2.742  1.00 41.78 ? 159 ARG A C   1 
ATOM   1075 O O   . ARG A 1 159 ? 22.535  21.562  -2.088  1.00 46.45 ? 159 ARG A O   1 
ATOM   1076 C CB  . ARG A 1 159 ? 19.795  21.016  -0.822  1.00 46.51 ? 159 ARG A CB  1 
ATOM   1077 C CG  . ARG A 1 159 ? 20.135  19.534  -0.862  1.00 47.80 ? 159 ARG A CG  1 
ATOM   1078 C CD  . ARG A 1 159 ? 19.811  18.830  0.460   1.00 52.14 ? 159 ARG A CD  1 
ATOM   1079 N NE  . ARG A 1 159 ? 20.020  17.370  0.455   1.00 50.92 ? 159 ARG A NE  1 
ATOM   1080 C CZ  . ARG A 1 159 ? 21.146  16.724  0.799   1.00 55.30 ? 159 ARG A CZ  1 
ATOM   1081 N NH1 . ARG A 1 159 ? 22.222  17.392  1.183   1.00 52.71 ? 159 ARG A NH1 1 
ATOM   1082 N NH2 . ARG A 1 159 ? 21.202  15.400  0.747   1.00 52.77 ? 159 ARG A NH2 1 
ATOM   1083 N N   . GLY A 1 160 ? 21.454  20.974  -3.994  1.00 34.85 ? 160 GLY A N   1 
ATOM   1084 C CA  . GLY A 1 160 ? 22.653  20.634  -4.772  1.00 35.81 ? 160 GLY A CA  1 
ATOM   1085 C C   . GLY A 1 160 ? 23.050  19.182  -4.610  1.00 35.88 ? 160 GLY A C   1 
ATOM   1086 O O   . GLY A 1 160 ? 24.074  18.816  -5.165  1.00 43.78 ? 160 GLY A O   1 
ATOM   1087 N N   . ALA A 1 161 ? 22.235  18.360  -3.941  1.00 35.17 ? 161 ALA A N   1 
ATOM   1088 C CA  . ALA A 1 161 ? 22.576  16.963  -3.598  1.00 35.65 ? 161 ALA A CA  1 
ATOM   1089 C C   . ALA A 1 161 ? 22.251  16.031  -4.771  1.00 33.68 ? 161 ALA A C   1 
ATOM   1090 O O   . ALA A 1 161 ? 22.990  15.047  -4.954  1.00 36.99 ? 161 ALA A O   1 
ATOM   1091 C CB  . ALA A 1 161 ? 21.839  16.551  -2.354  1.00 35.70 ? 161 ALA A CB  1 
ATOM   1092 N N   . ALA A 1 162 ? 21.201  16.339  -5.535  1.00 32.49 ? 162 ALA A N   1 
ATOM   1093 C CA  . ALA A 1 162 ? 20.700  15.519  -6.669  1.00 30.43 ? 162 ALA A CA  1 
ATOM   1094 C C   . ALA A 1 162 ? 20.788  16.323  -7.962  1.00 33.35 ? 162 ALA A C   1 
ATOM   1095 O O   . ALA A 1 162 ? 20.426  17.502  -7.994  1.00 29.44 ? 162 ALA A O   1 
ATOM   1096 C CB  . ALA A 1 162 ? 19.280  15.060  -6.415  1.00 28.65 ? 162 ALA A CB  1 
ATOM   1097 N N   . PRO A 1 163 ? 21.250  15.691  -9.065  1.00 28.24 ? 163 PRO A N   1 
ATOM   1098 C CA  . PRO A 1 163 ? 21.347  16.367  -10.355 1.00 31.74 ? 163 PRO A CA  1 
ATOM   1099 C C   . PRO A 1 163 ? 19.996  16.540  -11.052 1.00 32.90 ? 163 PRO A C   1 
ATOM   1100 O O   . PRO A 1 163 ? 19.074  15.723  -10.859 1.00 28.52 ? 163 PRO A O   1 
ATOM   1101 C CB  . PRO A 1 163 ? 22.251  15.444  -11.172 1.00 32.52 ? 163 PRO A CB  1 
ATOM   1102 C CG  . PRO A 1 163 ? 21.888  14.072  -10.642 1.00 31.46 ? 163 PRO A CG  1 
ATOM   1103 C CD  . PRO A 1 163 ? 21.706  14.290  -9.140  1.00 30.87 ? 163 PRO A CD  1 
ATOM   1104 N N   . ARG A 1 164 ? 19.896  17.584  -11.877 1.00 30.22 ? 164 ARG A N   1 
ATOM   1105 C CA  . ARG A 1 164 ? 18.637  17.879  -12.599 1.00 33.01 ? 164 ARG A CA  1 
ATOM   1106 C C   . ARG A 1 164 ? 18.640  17.028  -13.882 1.00 36.15 ? 164 ARG A C   1 
ATOM   1107 O O   . ARG A 1 164 ? 19.107  17.489  -14.942 1.00 39.40 ? 164 ARG A O   1 
ATOM   1108 C CB  . ARG A 1 164 ? 18.480  19.394  -12.795 1.00 34.87 ? 164 ARG A CB  1 
ATOM   1109 C CG  . ARG A 1 164 ? 18.600  20.202  -11.502 1.00 39.55 ? 164 ARG A CG  1 
ATOM   1110 C CD  . ARG A 1 164 ? 18.484  21.706  -11.740 1.00 42.80 ? 164 ARG A CD  1 
ATOM   1111 N NE  . ARG A 1 164 ? 18.380  22.451  -10.496 1.00 46.00 ? 164 ARG A NE  1 
ATOM   1112 C CZ  . ARG A 1 164 ? 17.300  22.481  -9.706  1.00 48.57 ? 164 ARG A CZ  1 
ATOM   1113 N NH1 . ARG A 1 164 ? 16.199  21.819  -10.027 1.00 41.93 ? 164 ARG A NH1 1 
ATOM   1114 N NH2 . ARG A 1 164 ? 17.330  23.177  -8.581  1.00 52.68 ? 164 ARG A NH2 1 
ATOM   1115 N N   . THR A 1 165 ? 18.155  15.801  -13.786 1.00 30.96 ? 165 THR A N   1 
ATOM   1116 C CA  . THR A 1 165 ? 18.045  14.866  -14.922 1.00 27.67 ? 165 THR A CA  1 
ATOM   1117 C C   . THR A 1 165 ? 16.592  14.883  -15.431 1.00 28.10 ? 165 THR A C   1 
ATOM   1118 O O   . THR A 1 165 ? 16.141  15.893  -16.026 1.00 29.50 ? 165 THR A O   1 
ATOM   1119 C CB  . THR A 1 165 ? 18.583  13.499  -14.470 1.00 28.49 ? 165 THR A CB  1 
ATOM   1120 O OG1 . THR A 1 165 ? 17.924  13.104  -13.269 1.00 24.50 ? 165 THR A OG1 1 
ATOM   1121 C CG2 . THR A 1 165 ? 20.073  13.503  -14.204 1.00 27.80 ? 165 THR A CG2 1 
ATOM   1122 N N   . LEU A 1 166 ? 15.840  13.828  -15.142 1.00 25.96 ? 166 LEU A N   1 
ATOM   1123 C CA  . LEU A 1 166 ? 14.444  13.641  -15.577 1.00 26.00 ? 166 LEU A CA  1 
ATOM   1124 C C   . LEU A 1 166 ? 13.570  14.639  -14.836 1.00 27.87 ? 166 LEU A C   1 
ATOM   1125 O O   . LEU A 1 166 ? 13.830  14.953  -13.666 1.00 26.80 ? 166 LEU A O   1 
ATOM   1126 C CB  . LEU A 1 166 ? 13.936  12.253  -15.182 1.00 24.73 ? 166 LEU A CB  1 
ATOM   1127 C CG  . LEU A 1 166 ? 14.456  11.047  -15.941 1.00 26.40 ? 166 LEU A CG  1 
ATOM   1128 C CD1 . LEU A 1 166 ? 13.698  9.830   -15.468 1.00 24.21 ? 166 LEU A CD1 1 
ATOM   1129 C CD2 . LEU A 1 166 ? 14.279  11.203  -17.458 1.00 28.88 ? 166 LEU A CD2 1 
ATOM   1130 N N   . PRO A 1 167 ? 12.435  15.041  -15.444 1.00 26.96 ? 167 PRO A N   1 
ATOM   1131 C CA  . PRO A 1 167 ? 11.346  15.660  -14.680 1.00 27.84 ? 167 PRO A CA  1 
ATOM   1132 C C   . PRO A 1 167 ? 11.052  14.855  -13.395 1.00 26.77 ? 167 PRO A C   1 
ATOM   1133 O O   . PRO A 1 167 ? 10.843  13.679  -13.469 1.00 24.91 ? 167 PRO A O   1 
ATOM   1134 C CB  . PRO A 1 167 ? 10.177  15.630  -15.652 1.00 27.32 ? 167 PRO A CB  1 
ATOM   1135 C CG  . PRO A 1 167 ? 10.853  15.718  -17.045 1.00 27.37 ? 167 PRO A CG  1 
ATOM   1136 C CD  . PRO A 1 167 ? 12.151  14.950  -16.895 1.00 27.57 ? 167 PRO A CD  1 
ATOM   1137 N N   . ALA A 1 168 ? 11.021  15.531  -12.246 1.00 23.57 ? 168 ALA A N   1 
ATOM   1138 C CA  . ALA A 1 168 ? 10.965  14.894  -10.919 1.00 23.64 ? 168 ALA A CA  1 
ATOM   1139 C C   . ALA A 1 168 ? 9.662   14.103  -10.823 1.00 21.69 ? 168 ALA A C   1 
ATOM   1140 O O   . ALA A 1 168 ? 9.691   13.017  -10.256 1.00 21.35 ? 168 ALA A O   1 
ATOM   1141 C CB  . ALA A 1 168 ? 11.100  15.922  -9.823  1.00 24.49 ? 168 ALA A CB  1 
ATOM   1142 N N   . HIS A 1 169 ? 8.550   14.642  -11.311 1.00 20.32 ? 169 HIS A N   1 
ATOM   1143 C CA  . HIS A 1 169 ? 7.228   14.003  -11.125 1.00 23.45 ? 169 HIS A CA  1 
ATOM   1144 C C   . HIS A 1 169 ? 7.152   12.699  -11.930 1.00 21.11 ? 169 HIS A C   1 
ATOM   1145 O O   . HIS A 1 169 ? 6.585   11.698  -11.433 1.00 19.78 ? 169 HIS A O   1 
ATOM   1146 C CB  . HIS A 1 169 ? 6.105   14.975  -11.464 1.00 22.71 ? 169 HIS A CB  1 
ATOM   1147 C CG  . HIS A 1 169 ? 4.805   14.518  -10.981 1.00 21.30 ? 169 HIS A CG  1 
ATOM   1148 N ND1 . HIS A 1 169 ? 3.980   13.768  -11.730 1.00 21.62 ? 169 HIS A ND1 1 
ATOM   1149 C CD2 . HIS A 1 169 ? 4.184   14.759  -9.810  1.00 22.80 ? 169 HIS A CD2 1 
ATOM   1150 C CE1 . HIS A 1 169 ? 2.909   13.492  -11.030 1.00 25.30 ? 169 HIS A CE1 1 
ATOM   1151 N NE2 . HIS A 1 169 ? 3.013   14.092  -9.854  1.00 21.84 ? 169 HIS A NE2 1 
ATOM   1152 N N   . GLU A 1 170 ? 7.750   12.693  -13.125 1.00 20.15 ? 170 GLU A N   1 
ATOM   1153 C CA  . GLU A 1 170 ? 7.783   11.497  -13.979 1.00 19.83 ? 170 GLU A CA  1 
ATOM   1154 C C   . GLU A 1 170 ? 8.661   10.433  -13.311 1.00 18.06 ? 170 GLU A C   1 
ATOM   1155 O O   . GLU A 1 170 ? 8.295   9.250   -13.399 1.00 15.48 ? 170 GLU A O   1 
ATOM   1156 C CB  . GLU A 1 170 ? 8.249   11.842  -15.417 1.00 23.06 ? 170 GLU A CB  1 
ATOM   1157 C CG  . GLU A 1 170 ? 7.333   12.897  -16.061 1.00 25.03 ? 170 GLU A CG  1 
ATOM   1158 C CD  . GLU A 1 170 ? 7.705   13.513  -17.416 1.00 27.62 ? 170 GLU A CD  1 
ATOM   1159 O OE1 . GLU A 1 170 ? 8.822   13.218  -17.926 1.00 27.59 ? 170 GLU A OE1 1 
ATOM   1160 O OE2 . GLU A 1 170 ? 6.888   14.390  -17.903 1.00 28.07 ? 170 GLU A OE2 1 
ATOM   1161 N N   . LEU A 1 171 ? 9.837   10.792  -12.824 1.00 18.99 ? 171 LEU A N   1 
ATOM   1162 C CA  . LEU A 1 171 ? 10.738  9.843   -12.136 1.00 20.86 ? 171 LEU A CA  1 
ATOM   1163 C C   . LEU A 1 171 ? 9.989   9.294   -10.938 1.00 18.65 ? 171 LEU A C   1 
ATOM   1164 O O   . LEU A 1 171 ? 10.006  8.034   -10.720 1.00 17.92 ? 171 LEU A O   1 
ATOM   1165 C CB  . LEU A 1 171 ? 12.013  10.598  -11.736 1.00 19.48 ? 171 LEU A CB  1 
ATOM   1166 C CG  . LEU A 1 171 ? 13.029  9.853   -10.903 1.00 21.34 ? 171 LEU A CG  1 
ATOM   1167 C CD1 . LEU A 1 171 ? 13.358  8.492   -11.475 1.00 21.95 ? 171 LEU A CD1 1 
ATOM   1168 C CD2 . LEU A 1 171 ? 14.295  10.695  -10.726 1.00 25.61 ? 171 LEU A CD2 1 
ATOM   1169 N N   . ALA A 1 172 ? 9.320   10.173  -10.180 1.00 20.54 ? 172 ALA A N   1 
ATOM   1170 C CA  . ALA A 1 172 ? 8.580   9.753   -8.965  1.00 18.39 ? 172 ALA A CA  1 
ATOM   1171 C C   . ALA A 1 172 ? 7.480   8.754   -9.347  1.00 21.34 ? 172 ALA A C   1 
ATOM   1172 O O   . ALA A 1 172 ? 7.261   7.746   -8.604  1.00 19.09 ? 172 ALA A O   1 
ATOM   1173 C CB  . ALA A 1 172 ? 8.031   10.974  -8.246  1.00 19.62 ? 172 ALA A CB  1 
ATOM   1174 N N   . THR A 1 173 ? 6.846   8.965   -10.510 1.00 18.48 ? 173 THR A N   1 
ATOM   1175 C CA  . THR A 1 173 ? 5.724   8.122   -10.934 1.00 19.54 ? 173 THR A CA  1 
ATOM   1176 C C   . THR A 1 173 ? 6.326   6.737   -11.173 1.00 18.30 ? 173 THR A C   1 
ATOM   1177 O O   . THR A 1 173 ? 5.796   5.760   -10.640 1.00 17.62 ? 173 THR A O   1 
ATOM   1178 C CB  . THR A 1 173 ? 4.974   8.750   -12.118 1.00 20.29 ? 173 THR A CB  1 
ATOM   1179 O OG1 . THR A 1 173 ? 4.429   10.019  -11.747 1.00 18.57 ? 173 THR A OG1 1 
ATOM   1180 C CG2 . THR A 1 173 ? 3.843   7.859   -12.567 1.00 19.18 ? 173 THR A CG2 1 
ATOM   1181 N N   . ALA A 1 174 ? 7.396   6.639   -11.949 1.00 17.18 ? 174 ALA A N   1 
ATOM   1182 C CA  . ALA A 1 174 ? 7.901   5.305   -12.345 1.00 17.81 ? 174 ALA A CA  1 
ATOM   1183 C C   . ALA A 1 174 ? 8.404   4.555   -11.100 1.00 18.59 ? 174 ALA A C   1 
ATOM   1184 O O   . ALA A 1 174 ? 8.180   3.321   -10.971 1.00 16.69 ? 174 ALA A O   1 
ATOM   1185 C CB  . ALA A 1 174 ? 9.008   5.445   -13.382 1.00 17.07 ? 174 ALA A CB  1 
ATOM   1186 N N   . LEU A 1 175 ? 9.099   5.245   -10.181 1.00 17.49 ? 175 LEU A N   1 
ATOM   1187 C CA  . LEU A 1 175 ? 9.649   4.562   -8.984  1.00 18.00 ? 175 LEU A CA  1 
ATOM   1188 C C   . LEU A 1 175 ? 8.518   4.083   -8.065  1.00 17.39 ? 175 LEU A C   1 
ATOM   1189 O O   . LEU A 1 175 ? 8.645   2.991   -7.454  1.00 15.28 ? 175 LEU A O   1 
ATOM   1190 C CB  . LEU A 1 175 ? 10.570  5.547   -8.242  1.00 18.80 ? 175 LEU A CB  1 
ATOM   1191 C CG  . LEU A 1 175 ? 11.844  5.895   -9.000  1.00 19.43 ? 175 LEU A CG  1 
ATOM   1192 C CD1 . LEU A 1 175 ? 12.691  6.900   -8.212  1.00 21.17 ? 175 LEU A CD1 1 
ATOM   1193 C CD2 . LEU A 1 175 ? 12.670  4.657   -9.342  1.00 18.65 ? 175 LEU A CD2 1 
ATOM   1194 N N   . ASN A 1 176 ? 7.453   4.875   -7.912  1.00 17.50 ? 176 ASN A N   1 
ATOM   1195 C CA  . ASN A 1 176 ? 6.275   4.485   -7.106  1.00 18.43 ? 176 ASN A CA  1 
ATOM   1196 C C   . ASN A 1 176 ? 5.552   3.299   -7.743  1.00 19.21 ? 176 ASN A C   1 
ATOM   1197 O O   . ASN A 1 176 ? 5.116   2.399   -6.969  1.00 20.02 ? 176 ASN A O   1 
ATOM   1198 C CB  . ASN A 1 176 ? 5.379   5.692   -6.766  1.00 20.73 ? 176 ASN A CB  1 
ATOM   1199 C CG  . ASN A 1 176 ? 5.942   6.466   -5.599  1.00 21.77 ? 176 ASN A CG  1 
ATOM   1200 O OD1 . ASN A 1 176 ? 5.790   6.038   -4.461  1.00 30.01 ? 176 ASN A OD1 1 
ATOM   1201 N ND2 . ASN A 1 176 ? 6.744   7.464   -5.843  1.00 21.61 ? 176 ASN A ND2 1 
ATOM   1202 N N   . LEU A 1 177 ? 5.351   3.276   -9.072  1.00 18.92 ? 177 LEU A N   1 
ATOM   1203 C CA  . LEU A 1 177 ? 4.732   2.123   -9.756  1.00 17.75 ? 177 LEU A CA  1 
ATOM   1204 C C   . LEU A 1 177 ? 5.618   0.868   -9.622  1.00 17.11 ? 177 LEU A C   1 
ATOM   1205 O O   . LEU A 1 177 ? 5.085   -0.287  -9.434  1.00 17.18 ? 177 LEU A O   1 
ATOM   1206 C CB  . LEU A 1 177 ? 4.433   2.471   -11.224 1.00 18.42 ? 177 LEU A CB  1 
ATOM   1207 C CG  . LEU A 1 177 ? 3.335   3.527   -11.433 1.00 19.72 ? 177 LEU A CG  1 
ATOM   1208 C CD1 . LEU A 1 177 ? 3.094   3.777   -12.920 1.00 21.30 ? 177 LEU A CD1 1 
ATOM   1209 C CD2 . LEU A 1 177 ? 2.044   3.143   -10.745 1.00 24.33 ? 177 LEU A CD2 1 
ATOM   1210 N N   . MET A 1 178 ? 6.915   1.032   -9.723  1.00 15.31 ? 178 MET A N   1 
ATOM   1211 C CA  . MET A 1 178 ? 7.840   -0.086  -9.516  1.00 17.05 ? 178 MET A CA  1 
ATOM   1212 C C   . MET A 1 178 ? 7.619   -0.640  -8.100  1.00 18.22 ? 178 MET A C   1 
ATOM   1213 O O   . MET A 1 178 ? 7.521   -1.912  -7.957  1.00 17.31 ? 178 MET A O   1 
ATOM   1214 C CB  . MET A 1 178 ? 9.310   0.292   -9.699  1.00 17.21 ? 178 MET A CB  1 
ATOM   1215 C CG  . MET A 1 178 ? 10.290  -0.863  -9.312  1.00 16.44 ? 178 MET A CG  1 
ATOM   1216 S SD  . MET A 1 178 ? 12.023  -0.363  -9.372  1.00 20.94 ? 178 MET A SD  1 
ATOM   1217 C CE  . MET A 1 178 ? 12.166  0.847   -8.066  1.00 21.41 ? 178 MET A CE  1 
ATOM   1218 N N   . ASN A 1 179 ? 7.547   0.234   -7.084  1.00 18.77 ? 179 ASN A N   1 
ATOM   1219 C CA  . ASN A 1 179 ? 7.381   -0.259  -5.694  1.00 19.70 ? 179 ASN A CA  1 
ATOM   1220 C C   . ASN A 1 179 ? 6.044   -0.998  -5.637  1.00 19.62 ? 179 ASN A C   1 
ATOM   1221 O O   . ASN A 1 179 ? 6.002   -2.071  -5.008  1.00 20.09 ? 179 ASN A O   1 
ATOM   1222 C CB  . ASN A 1 179 ? 7.400   0.826   -4.620  1.00 19.88 ? 179 ASN A CB  1 
ATOM   1223 C CG  . ASN A 1 179 ? 8.777   1.382   -4.379  1.00 21.30 ? 179 ASN A CG  1 
ATOM   1224 O OD1 . ASN A 1 179 ? 9.712   1.074   -5.129  1.00 19.83 ? 179 ASN A OD1 1 
ATOM   1225 N ND2 . ASN A 1 179 ? 8.914   2.187   -3.327  1.00 19.98 ? 179 ASN A ND2 1 
ATOM   1226 N N   . GLU A 1 180 ? 4.992   -0.455  -6.237  1.00 20.59 ? 180 GLU A N   1 
ATOM   1227 C CA  . GLU A 1 180 ? 3.648   -1.085  -6.180  1.00 20.76 ? 180 GLU A CA  1 
ATOM   1228 C C   . GLU A 1 180 ? 3.718   -2.522  -6.723  1.00 22.61 ? 180 GLU A C   1 
ATOM   1229 O O   . GLU A 1 180 ? 3.360   -3.503  -5.994  1.00 23.17 ? 180 GLU A O   1 
ATOM   1230 C CB  . GLU A 1 180 ? 2.628   -0.241  -6.938  1.00 22.15 ? 180 GLU A CB  1 
ATOM   1231 C CG  . GLU A 1 180 ? 1.243   -0.787  -6.916  1.00 26.36 ? 180 GLU A CG  1 
ATOM   1232 C CD  . GLU A 1 180 ? 0.347   -0.232  -8.021  1.00 31.41 ? 180 GLU A CD  1 
ATOM   1233 O OE1 . GLU A 1 180 ? 0.208   1.010   -8.122  1.00 31.61 ? 180 GLU A OE1 1 
ATOM   1234 O OE2 . GLU A 1 180 ? -0.182  -1.039  -8.802  1.00 40.04 ? 180 GLU A OE2 1 
ATOM   1235 N N   . ARG A 1 181 ? 4.220   -2.692  -7.939  1.00 19.67 ? 181 ARG A N   1 
ATOM   1236 C CA  . ARG A 1 181 ? 4.179   -4.002  -8.611  1.00 20.51 ? 181 ARG A CA  1 
ATOM   1237 C C   . ARG A 1 181 ? 5.156   -4.972  -7.940  1.00 19.98 ? 181 ARG A C   1 
ATOM   1238 O O   . ARG A 1 181 ? 4.826   -6.186  -7.805  1.00 21.49 ? 181 ARG A O   1 
ATOM   1239 C CB  . ARG A 1 181 ? 4.495   -3.804  -10.091 1.00 20.34 ? 181 ARG A CB  1 
ATOM   1240 C CG  . ARG A 1 181 ? 4.399   -5.086  -10.886 1.00 22.83 ? 181 ARG A CG  1 
ATOM   1241 C CD  . ARG A 1 181 ? 2.945   -5.488  -11.017 1.00 25.94 ? 181 ARG A CD  1 
ATOM   1242 N NE  . ARG A 1 181 ? 2.944   -6.756  -11.701 1.00 33.51 ? 181 ARG A NE  1 
ATOM   1243 C CZ  . ARG A 1 181 ? 2.888   -7.937  -11.096 1.00 36.39 ? 181 ARG A CZ  1 
ATOM   1244 N NH1 . ARG A 1 181 ? 2.807   -8.035  -9.774  1.00 36.47 ? 181 ARG A NH1 1 
ATOM   1245 N NH2 . ARG A 1 181 ? 2.902   -9.016  -11.840 1.00 41.15 ? 181 ARG A NH2 1 
ATOM   1246 N N   . THR A 1 182 ? 6.297   -4.467  -7.476  1.00 19.59 ? 182 THR A N   1 
ATOM   1247 C CA  . THR A 1 182 ? 7.366   -5.329  -6.932  1.00 20.09 ? 182 THR A CA  1 
ATOM   1248 C C   . THR A 1 182 ? 6.981   -5.789  -5.530  1.00 20.57 ? 182 THR A C   1 
ATOM   1249 O O   . THR A 1 182 ? 7.213   -6.980  -5.263  1.00 21.63 ? 182 THR A O   1 
ATOM   1250 C CB  . THR A 1 182 ? 8.727   -4.623  -6.947  1.00 20.67 ? 182 THR A CB  1 
ATOM   1251 O OG1 . THR A 1 182 ? 9.013   -4.170  -8.280  1.00 23.69 ? 182 THR A OG1 1 
ATOM   1252 C CG2 . THR A 1 182 ? 9.842   -5.531  -6.511  1.00 21.85 ? 182 THR A CG2 1 
ATOM   1253 N N   . LEU A 1 183 ? 6.497   -4.892  -4.662  1.00 19.62 ? 183 LEU A N   1 
ATOM   1254 C CA  . LEU A 1 183 ? 6.071   -5.300  -3.294  1.00 21.27 ? 183 LEU A CA  1 
ATOM   1255 C C   . LEU A 1 183 ? 4.936   -6.311  -3.403  1.00 22.99 ? 183 LEU A C   1 
ATOM   1256 O O   . LEU A 1 183 ? 5.041   -7.390  -2.782  1.00 25.52 ? 183 LEU A O   1 
ATOM   1257 C CB  . LEU A 1 183 ? 5.693   -4.064  -2.480  1.00 22.08 ? 183 LEU A CB  1 
ATOM   1258 C CG  . LEU A 1 183 ? 6.869   -3.179  -2.034  1.00 21.00 ? 183 LEU A CG  1 
ATOM   1259 C CD1 . LEU A 1 183 ? 6.390   -1.878  -1.394  1.00 25.54 ? 183 LEU A CD1 1 
ATOM   1260 C CD2 . LEU A 1 183 ? 7.760   -3.865  -1.035  1.00 25.50 ? 183 LEU A CD2 1 
ATOM   1261 N N   . PHE A 1 184 ? 3.956   -6.030  -4.239  1.00 22.25 ? 184 PHE A N   1 
ATOM   1262 C CA  A PHE A 1 184 ? 2.785   -6.922  -4.428  0.75 24.79 ? 184 PHE A CA  1 
ATOM   1263 C CA  B PHE A 1 184 ? 2.775   -6.917  -4.430  0.25 24.82 ? 184 PHE A CA  1 
ATOM   1264 C C   . PHE A 1 184 ? 3.233   -8.298  -4.926  1.00 24.43 ? 184 PHE A C   1 
ATOM   1265 O O   . PHE A 1 184 ? 2.753   -9.308  -4.392  1.00 22.58 ? 184 PHE A O   1 
ATOM   1266 C CB  A PHE A 1 184 ? 1.794   -6.321  -5.408  0.75 25.73 ? 184 PHE A CB  1 
ATOM   1267 C CB  B PHE A 1 184 ? 1.749   -6.289  -5.374  0.25 26.48 ? 184 PHE A CB  1 
ATOM   1268 C CG  A PHE A 1 184 ? 0.648   -7.253  -5.712  0.75 27.87 ? 184 PHE A CG  1 
ATOM   1269 C CG  B PHE A 1 184 ? 0.974   -5.125  -4.806  0.25 28.05 ? 184 PHE A CG  1 
ATOM   1270 C CD1 A PHE A 1 184 ? -0.454  -7.313  -4.867  0.75 30.93 ? 184 PHE A CD1 1 
ATOM   1271 C CD1 B PHE A 1 184 ? 0.620   -5.075  -3.470  0.25 29.57 ? 184 PHE A CD1 1 
ATOM   1272 C CD2 A PHE A 1 184 ? 0.679   -8.084  -6.818  0.75 30.67 ? 184 PHE A CD2 1 
ATOM   1273 C CD2 B PHE A 1 184 ? 0.574   -4.083  -5.623  0.25 29.21 ? 184 PHE A CD2 1 
ATOM   1274 C CE1 A PHE A 1 184 ? -1.495  -8.179  -5.136  0.75 30.12 ? 184 PHE A CE1 1 
ATOM   1275 C CE1 B PHE A 1 184 ? -0.087  -3.994  -2.967  0.25 30.92 ? 184 PHE A CE1 1 
ATOM   1276 C CE2 A PHE A 1 184 ? -0.392  -8.923  -7.100  0.75 30.34 ? 184 PHE A CE2 1 
ATOM   1277 C CE2 B PHE A 1 184 ? -0.133  -3.006  -5.114  0.25 29.35 ? 184 PHE A CE2 1 
ATOM   1278 C CZ  A PHE A 1 184 ? -1.461  -8.988  -6.244  0.75 30.47 ? 184 PHE A CZ  1 
ATOM   1279 C CZ  B PHE A 1 184 ? -0.462  -2.963  -3.789  0.25 30.02 ? 184 PHE A CZ  1 
ATOM   1280 N N   . ALA A 1 185 ? 4.148   -8.363  -5.906  1.00 24.43 ? 185 ALA A N   1 
ATOM   1281 C CA  . ALA A 1 185 ? 4.661   -9.665  -6.405  1.00 25.97 ? 185 ALA A CA  1 
ATOM   1282 C C   . ALA A 1 185 ? 5.373   -10.424 -5.270  1.00 25.19 ? 185 ALA A C   1 
ATOM   1283 O O   . ALA A 1 185 ? 5.147   -11.651 -5.119  1.00 24.60 ? 185 ALA A O   1 
ATOM   1284 C CB  . ALA A 1 185 ? 5.570   -9.502  -7.586  1.00 27.51 ? 185 ALA A CB  1 
ATOM   1285 N N   . SER A 1 186 ? 6.194   -9.736  -4.478  1.00 22.75 ? 186 SER A N   1 
ATOM   1286 C CA  . SER A 1 186 ? 6.944   -10.364 -3.374  1.00 25.90 ? 186 SER A CA  1 
ATOM   1287 C C   . SER A 1 186 ? 5.948   -10.918 -2.342  1.00 29.40 ? 186 SER A C   1 
ATOM   1288 O O   . SER A 1 186 ? 6.130   -12.104 -1.924  1.00 26.91 ? 186 SER A O   1 
ATOM   1289 C CB  . SER A 1 186 ? 7.940   -9.406  -2.769  1.00 26.74 ? 186 SER A CB  1 
ATOM   1290 O OG  . SER A 1 186 ? 8.979   -9.213  -3.692  1.00 37.13 ? 186 SER A OG  1 
ATOM   1291 N N   . PHE A 1 187 ? 4.928   -10.133 -1.985  1.00 26.50 ? 187 PHE A N   1 
ATOM   1292 C CA  . PHE A 1 187 ? 3.967   -10.468 -0.902  1.00 30.47 ? 187 PHE A CA  1 
ATOM   1293 C C   . PHE A 1 187 ? 3.085   -11.636 -1.330  1.00 36.62 ? 187 PHE A C   1 
ATOM   1294 O O   . PHE A 1 187 ? 2.778   -12.444 -0.464  1.00 35.50 ? 187 PHE A O   1 
ATOM   1295 C CB  . PHE A 1 187 ? 3.074   -9.302  -0.499  1.00 31.70 ? 187 PHE A CB  1 
ATOM   1296 C CG  . PHE A 1 187 ? 3.780   -8.135  0.134   1.00 31.33 ? 187 PHE A CG  1 
ATOM   1297 C CD1 . PHE A 1 187 ? 4.968   -8.316  0.827   1.00 30.97 ? 187 PHE A CD1 1 
ATOM   1298 C CD2 . PHE A 1 187 ? 3.221   -6.868  0.083   1.00 32.53 ? 187 PHE A CD2 1 
ATOM   1299 C CE1 . PHE A 1 187 ? 5.592   -7.250  1.445   1.00 31.37 ? 187 PHE A CE1 1 
ATOM   1300 C CE2 . PHE A 1 187 ? 3.869   -5.798  0.674   1.00 30.72 ? 187 PHE A CE2 1 
ATOM   1301 C CZ  . PHE A 1 187 ? 5.050   -5.988  1.346   1.00 32.16 ? 187 PHE A CZ  1 
ATOM   1302 N N   . ALA A 1 188 ? 2.717   -11.709 -2.605  1.00 39.14 ? 188 ALA A N   1 
ATOM   1303 C CA  . ALA A 1 188 ? 1.853   -12.765 -3.188  1.00 40.49 ? 188 ALA A CA  1 
ATOM   1304 C C   . ALA A 1 188 ? 2.721   -13.964 -3.586  1.00 42.08 ? 188 ALA A C   1 
ATOM   1305 O O   . ALA A 1 188 ? 2.170   -15.014 -3.923  1.00 50.42 ? 188 ALA A O   1 
ATOM   1306 C CB  . ALA A 1 188 ? 1.088   -12.180 -4.344  1.00 41.71 ? 188 ALA A CB  1 
ATOM   1307 N N   . GLY A 1 189 ? 4.041   -13.820 -3.483  1.00 39.96 ? 189 GLY A N   1 
ATOM   1308 C CA  . GLY A 1 189 ? 5.039   -14.835 -3.868  1.00 44.44 ? 189 GLY A CA  1 
ATOM   1309 C C   . GLY A 1 189 ? 4.871   -15.241 -5.320  1.00 43.64 ? 189 GLY A C   1 
ATOM   1310 O O   . GLY A 1 189 ? 4.961   -16.449 -5.609  1.00 41.55 ? 189 GLY A O   1 
ATOM   1311 N N   . GLU A 1 190 ? 4.599   -14.280 -6.208  1.00 38.63 ? 190 GLU A N   1 
ATOM   1312 C CA  . GLU A 1 190 ? 4.394   -14.568 -7.651  1.00 36.09 ? 190 GLU A CA  1 
ATOM   1313 C C   . GLU A 1 190 ? 5.708   -15.068 -8.231  1.00 34.23 ? 190 GLU A C   1 
ATOM   1314 O O   . GLU A 1 190 ? 6.757   -14.799 -7.659  1.00 30.72 ? 190 GLU A O   1 
ATOM   1315 C CB  . GLU A 1 190 ? 3.978   -13.337 -8.461  1.00 35.86 ? 190 GLU A CB  1 
ATOM   1316 C CG  . GLU A 1 190 ? 2.672   -12.745 -8.008  1.00 36.97 ? 190 GLU A CG  1 
ATOM   1317 C CD  . GLU A 1 190 ? 2.250   -11.482 -8.747  1.00 42.68 ? 190 GLU A CD  1 
ATOM   1318 O OE1 . GLU A 1 190 ? 3.037   -10.955 -9.570  1.00 40.12 ? 190 GLU A OE1 1 
ATOM   1319 O OE2 . GLU A 1 190 ? 1.114   -11.040 -8.509  1.00 49.23 ? 190 GLU A OE2 1 
ATOM   1320 N N   . GLN A 1 191 ? 5.646   -15.701 -9.395  1.00 40.37 ? 191 GLN A N   1 
ATOM   1321 C CA  . GLN A 1 191 ? 6.848   -15.953 -10.222 1.00 37.65 ? 191 GLN A CA  1 
ATOM   1322 C C   . GLN A 1 191 ? 6.653   -15.231 -11.544 1.00 35.37 ? 191 GLN A C   1 
ATOM   1323 O O   . GLN A 1 191 ? 5.750   -15.537 -12.327 1.00 40.34 ? 191 GLN A O   1 
ATOM   1324 C CB  . GLN A 1 191 ? 7.103   -17.442 -10.379 1.00 45.62 ? 191 GLN A CB  1 
ATOM   1325 C CG  . GLN A 1 191 ? 8.482   -17.837 -9.868  1.00 51.33 ? 191 GLN A CG  1 
ATOM   1326 C CD  . GLN A 1 191 ? 8.540   -19.336 -9.746  1.00 61.36 ? 191 GLN A CD  1 
ATOM   1327 O OE1 . GLN A 1 191 ? 8.969   -19.871 -8.725  1.00 69.82 ? 191 GLN A OE1 1 
ATOM   1328 N NE2 . GLN A 1 191 ? 8.043   -20.017 -10.772 1.00 57.43 ? 191 GLN A NE2 1 
ATOM   1329 N N   . PRO A 1 192 ? 7.455   -14.192 -11.828 1.00 28.70 ? 192 PRO A N   1 
ATOM   1330 C CA  . PRO A 1 192 ? 8.627   -13.822 -11.036 1.00 26.93 ? 192 PRO A CA  1 
ATOM   1331 C C   . PRO A 1 192 ? 8.391   -12.828 -9.888  1.00 25.41 ? 192 PRO A C   1 
ATOM   1332 O O   . PRO A 1 192 ? 7.400   -12.068 -9.854  1.00 25.30 ? 192 PRO A O   1 
ATOM   1333 C CB  . PRO A 1 192 ? 9.463   -13.155 -12.134 1.00 28.37 ? 192 PRO A CB  1 
ATOM   1334 C CG  . PRO A 1 192 ? 8.443   -12.388 -12.922 1.00 30.66 ? 192 PRO A CG  1 
ATOM   1335 C CD  . PRO A 1 192 ? 7.208   -13.263 -12.942 1.00 32.48 ? 192 PRO A CD  1 
ATOM   1336 N N   . SER A 1 193 ? 9.333   -12.819 -8.952  1.00 25.18 ? 193 SER A N   1 
ATOM   1337 C CA  . SER A 1 193 ? 9.311   -11.850 -7.817  1.00 26.06 ? 193 SER A CA  1 
ATOM   1338 C C   . SER A 1 193 ? 10.673  -11.810 -7.162  1.00 24.88 ? 193 SER A C   1 
ATOM   1339 O O   . SER A 1 193 ? 11.447  -12.790 -7.334  1.00 23.69 ? 193 SER A O   1 
ATOM   1340 C CB  . SER A 1 193 ? 8.231   -12.131 -6.821  1.00 25.35 ? 193 SER A CB  1 
ATOM   1341 O OG  . SER A 1 193 ? 8.411   -13.394 -6.228  1.00 27.47 ? 193 SER A OG  1 
ATOM   1342 N N   . VAL A 1 194 ? 10.991  -10.683 -6.518  1.00 24.65 ? 194 VAL A N   1 
ATOM   1343 C CA  . VAL A 1 194 ? 12.194  -10.536 -5.662  1.00 24.36 ? 194 VAL A CA  1 
ATOM   1344 C C   . VAL A 1 194 ? 11.803  -11.220 -4.355  1.00 24.34 ? 194 VAL A C   1 
ATOM   1345 O O   . VAL A 1 194 ? 10.688  -11.016 -3.906  1.00 25.02 ? 194 VAL A O   1 
ATOM   1346 C CB  . VAL A 1 194 ? 12.583  -9.056  -5.429  1.00 23.06 ? 194 VAL A CB  1 
ATOM   1347 C CG1 . VAL A 1 194 ? 13.864  -8.915  -4.652  1.00 23.22 ? 194 VAL A CG1 1 
ATOM   1348 C CG2 . VAL A 1 194 ? 12.732  -8.262  -6.715  1.00 28.27 ? 194 VAL A CG2 1 
ATOM   1349 N N   . PRO A 1 195 ? 12.640  -12.073 -3.726  1.00 25.26 ? 195 PRO A N   1 
ATOM   1350 C CA  . PRO A 1 195 ? 12.306  -12.627 -2.396  1.00 27.28 ? 195 PRO A CA  1 
ATOM   1351 C C   . PRO A 1 195 ? 11.979  -11.508 -1.389  1.00 23.92 ? 195 PRO A C   1 
ATOM   1352 O O   . PRO A 1 195 ? 12.613  -10.468 -1.399  1.00 23.12 ? 195 PRO A O   1 
ATOM   1353 C CB  . PRO A 1 195 ? 13.570  -13.366 -1.947  1.00 25.79 ? 195 PRO A CB  1 
ATOM   1354 C CG  . PRO A 1 195 ? 14.296  -13.658 -3.250  1.00 28.46 ? 195 PRO A CG  1 
ATOM   1355 C CD  . PRO A 1 195 ? 13.903  -12.583 -4.248  1.00 28.68 ? 195 PRO A CD  1 
ATOM   1356 N N   . GLU A 1 196 ? 10.997  -11.740 -0.529  1.00 21.65 ? 196 GLU A N   1 
ATOM   1357 C CA  . GLU A 1 196 ? 10.560  -10.712 0.443   1.00 22.84 ? 196 GLU A CA  1 
ATOM   1358 C C   . GLU A 1 196 ? 11.771  -10.186 1.218   1.00 23.57 ? 196 GLU A C   1 
ATOM   1359 O O   . GLU A 1 196 ? 11.870  -8.960  1.432   1.00 24.69 ? 196 GLU A O   1 
ATOM   1360 C CB  . GLU A 1 196 ? 9.459   -11.326 1.300   1.00 29.18 ? 196 GLU A CB  1 
ATOM   1361 C CG  . GLU A 1 196 ? 8.295   -10.425 1.472   1.00 34.85 ? 196 GLU A CG  1 
ATOM   1362 C CD  . GLU A 1 196 ? 7.338   -10.980 2.506   1.00 35.23 ? 196 GLU A CD  1 
ATOM   1363 O OE1 . GLU A 1 196 ? 6.733   -12.009 2.212   1.00 46.36 ? 196 GLU A OE1 1 
ATOM   1364 O OE2 . GLU A 1 196 ? 7.267   -10.414 3.589   1.00 46.00 ? 196 GLU A OE2 1 
ATOM   1365 N N   . ALA A 1 197 ? 12.724  -11.058 1.537   1.00 22.31 ? 197 ALA A N   1 
ATOM   1366 C CA  . ALA A 1 197 ? 13.905  -10.711 2.347   1.00 22.51 ? 197 ALA A CA  1 
ATOM   1367 C C   . ALA A 1 197 ? 14.888  -9.852  1.544   1.00 23.51 ? 197 ALA A C   1 
ATOM   1368 O O   . ALA A 1 197 ? 15.851  -9.297  2.131   1.00 24.51 ? 197 ALA A O   1 
ATOM   1369 C CB  . ALA A 1 197 ? 14.522  -12.009 2.869   1.00 25.27 ? 197 ALA A CB  1 
ATOM   1370 N N   . ARG A 1 198 ? 14.694  -9.673  0.232   1.00 20.86 ? 198 ARG A N   1 
ATOM   1371 C CA  . ARG A 1 198 ? 15.639  -8.904  -0.610  1.00 19.83 ? 198 ARG A CA  1 
ATOM   1372 C C   . ARG A 1 198 ? 14.965  -7.665  -1.221  1.00 19.90 ? 198 ARG A C   1 
ATOM   1373 O O   . ARG A 1 198 ? 15.688  -6.838  -1.848  1.00 20.67 ? 198 ARG A O   1 
ATOM   1374 C CB  . ARG A 1 198 ? 16.160  -9.782  -1.757  1.00 23.01 ? 198 ARG A CB  1 
ATOM   1375 C CG  . ARG A 1 198 ? 17.151  -10.853 -1.307  1.00 25.66 ? 198 ARG A CG  1 
ATOM   1376 C CD  . ARG A 1 198 ? 18.487  -10.320 -0.759  1.00 25.64 ? 198 ARG A CD  1 
ATOM   1377 N NE  . ARG A 1 198 ? 19.098  -9.365  -1.681  1.00 31.77 ? 198 ARG A NE  1 
ATOM   1378 C CZ  . ARG A 1 198 ? 19.795  -8.285  -1.324  1.00 34.68 ? 198 ARG A CZ  1 
ATOM   1379 N NH1 . ARG A 1 198 ? 20.032  -8.031  -0.040  1.00 32.68 ? 198 ARG A NH1 1 
ATOM   1380 N NH2 . ARG A 1 198 ? 20.269  -7.463  -2.246  1.00 33.11 ? 198 ARG A NH2 1 
ATOM   1381 N N   . VAL A 1 199 ? 13.649  -7.538  -1.112  1.00 19.27 ? 199 VAL A N   1 
ATOM   1382 C CA  . VAL A 1 199 ? 12.918  -6.513  -1.921  1.00 21.83 ? 199 VAL A CA  1 
ATOM   1383 C C   . VAL A 1 199 ? 13.228  -5.103  -1.408  1.00 21.61 ? 199 VAL A C   1 
ATOM   1384 O O   . VAL A 1 199 ? 13.353  -4.181  -2.212  1.00 20.11 ? 199 VAL A O   1 
ATOM   1385 C CB  . VAL A 1 199 ? 11.417  -6.830  -2.053  1.00 26.15 ? 199 VAL A CB  1 
ATOM   1386 C CG1 . VAL A 1 199 ? 10.665  -6.714  -0.777  1.00 26.07 ? 199 VAL A CG1 1 
ATOM   1387 C CG2 . VAL A 1 199 ? 10.794  -5.960  -3.152  1.00 26.64 ? 199 VAL A CG2 1 
ATOM   1388 N N   . LEU A 1 200 ? 13.424  -4.879  -0.111  1.00 24.19 ? 200 LEU A N   1 
ATOM   1389 C CA  . LEU A 1 200 ? 13.707  -3.502  0.333   1.00 22.35 ? 200 LEU A CA  1 
ATOM   1390 C C   . LEU A 1 200 ? 15.074  -3.034  -0.196  1.00 24.10 ? 200 LEU A C   1 
ATOM   1391 O O   . LEU A 1 200 ? 15.116  -1.931  -0.782  1.00 22.54 ? 200 LEU A O   1 
ATOM   1392 C CB  . LEU A 1 200 ? 13.535  -3.443  1.862   1.00 24.85 ? 200 LEU A CB  1 
ATOM   1393 C CG  . LEU A 1 200 ? 13.609  -2.064  2.483   1.00 29.31 ? 200 LEU A CG  1 
ATOM   1394 C CD1 . LEU A 1 200 ? 12.549  -1.109  1.931   1.00 27.33 ? 200 LEU A CD1 1 
ATOM   1395 C CD2 . LEU A 1 200 ? 13.555  -2.192  4.002   1.00 33.34 ? 200 LEU A CD2 1 
ATOM   1396 N N   . ASP A 1 201 ? 16.124  -3.859  -0.104  1.00 20.85 ? 201 ASP A N   1 
ATOM   1397 C CA  . ASP A 1 201 ? 17.479  -3.525  -0.600  1.00 23.04 ? 201 ASP A CA  1 
ATOM   1398 C C   . ASP A 1 201 ? 17.411  -3.235  -2.106  1.00 19.97 ? 201 ASP A C   1 
ATOM   1399 O O   . ASP A 1 201 ? 18.131  -2.335  -2.593  1.00 19.48 ? 201 ASP A O   1 
ATOM   1400 C CB  . ASP A 1 201 ? 18.495  -4.636  -0.319  1.00 26.05 ? 201 ASP A CB  1 
ATOM   1401 C CG  . ASP A 1 201 ? 19.189  -4.581  1.042   1.00 36.10 ? 201 ASP A CG  1 
ATOM   1402 O OD1 . ASP A 1 201 ? 18.930  -3.645  1.796   1.00 32.42 ? 201 ASP A OD1 1 
ATOM   1403 O OD2 . ASP A 1 201 ? 20.030  -5.480  1.324   1.00 37.98 ? 201 ASP A OD2 1 
ATOM   1404 N N   . THR A 1 202 ? 16.594  -3.991  -2.813  1.00 19.28 ? 202 THR A N   1 
ATOM   1405 C CA  . THR A 1 202 ? 16.564  -3.927  -4.300  1.00 16.33 ? 202 THR A CA  1 
ATOM   1406 C C   . THR A 1 202 ? 15.913  -2.582  -4.689  1.00 17.25 ? 202 THR A C   1 
ATOM   1407 O O   . THR A 1 202 ? 16.463  -1.829  -5.468  1.00 17.00 ? 202 THR A O   1 
ATOM   1408 C CB  . THR A 1 202 ? 15.776  -5.101  -4.858  1.00 18.96 ? 202 THR A CB  1 
ATOM   1409 O OG1 . THR A 1 202 ? 16.325  -6.359  -4.452  1.00 18.58 ? 202 THR A OG1 1 
ATOM   1410 C CG2 . THR A 1 202 ? 15.664  -5.002  -6.366  1.00 20.50 ? 202 THR A CG2 1 
ATOM   1411 N N   . LEU A 1 203 ? 14.791  -2.242  -4.067  1.00 17.75 ? 203 LEU A N   1 
ATOM   1412 C CA  . LEU A 1 203 ? 14.072  -0.980  -4.407  1.00 19.11 ? 203 LEU A CA  1 
ATOM   1413 C C   . LEU A 1 203 ? 14.944  0.209   -4.024  1.00 21.23 ? 203 LEU A C   1 
ATOM   1414 O O   . LEU A 1 203 ? 15.019  1.187   -4.810  1.00 20.46 ? 203 LEU A O   1 
ATOM   1415 C CB  . LEU A 1 203 ? 12.713  -0.986  -3.719  1.00 18.49 ? 203 LEU A CB  1 
ATOM   1416 C CG  . LEU A 1 203 ? 11.792  -2.115  -4.196  1.00 20.82 ? 203 LEU A CG  1 
ATOM   1417 C CD1 . LEU A 1 203 ? 10.505  -2.118  -3.391  1.00 21.39 ? 203 LEU A CD1 1 
ATOM   1418 C CD2 . LEU A 1 203 ? 11.511  -1.965  -5.681  1.00 20.75 ? 203 LEU A CD2 1 
ATOM   1419 N N   . VAL A 1 204 ? 15.555  0.186   -2.835  1.00 20.35 ? 204 VAL A N   1 
ATOM   1420 C CA  . VAL A 1 204 ? 16.352  1.337   -2.349  1.00 19.60 ? 204 VAL A CA  1 
ATOM   1421 C C   . VAL A 1 204 ? 17.513  1.583   -3.329  1.00 18.88 ? 204 VAL A C   1 
ATOM   1422 O O   . VAL A 1 204 ? 17.739  2.748   -3.667  1.00 20.31 ? 204 VAL A O   1 
ATOM   1423 C CB  . VAL A 1 204 ? 16.826  1.177   -0.896  1.00 19.71 ? 204 VAL A CB  1 
ATOM   1424 C CG1 . VAL A 1 204 ? 17.822  2.237   -0.551  1.00 18.46 ? 204 VAL A CG1 1 
ATOM   1425 C CG2 . VAL A 1 204 ? 15.669  1.147   0.096   1.00 20.71 ? 204 VAL A CG2 1 
ATOM   1426 N N   . HIS A 1 205 ? 18.198  0.532   -3.790  1.00 16.96 ? 205 HIS A N   1 
ATOM   1427 C CA  . HIS A 1 205 ? 19.317  0.658   -4.749  1.00 18.80 ? 205 HIS A CA  1 
ATOM   1428 C C   . HIS A 1 205 ? 18.786  1.429   -5.970  1.00 16.74 ? 205 HIS A C   1 
ATOM   1429 O O   . HIS A 1 205 ? 19.448  2.381   -6.391  1.00 19.88 ? 205 HIS A O   1 
ATOM   1430 C CB  . HIS A 1 205 ? 19.870  -0.690  -5.162  1.00 20.98 ? 205 HIS A CB  1 
ATOM   1431 C CG  . HIS A 1 205 ? 20.803  -0.587  -6.319  1.00 21.79 ? 205 HIS A CG  1 
ATOM   1432 N ND1 . HIS A 1 205 ? 22.122  -0.245  -6.156  1.00 24.98 ? 205 HIS A ND1 1 
ATOM   1433 C CD2 . HIS A 1 205 ? 20.597  -0.661  -7.643  1.00 21.42 ? 205 HIS A CD2 1 
ATOM   1434 C CE1 . HIS A 1 205 ? 22.720  -0.176  -7.346  1.00 23.87 ? 205 HIS A CE1 1 
ATOM   1435 N NE2 . HIS A 1 205 ? 21.808  -0.440  -8.281  1.00 22.14 ? 205 HIS A NE2 1 
ATOM   1436 N N   . ILE A 1 206 ? 17.644  1.000   -6.509  1.00 16.74 ? 206 ILE A N   1 
ATOM   1437 C CA  . ILE A 1 206 ? 17.113  1.606   -7.772  1.00 18.54 ? 206 ILE A CA  1 
ATOM   1438 C C   . ILE A 1 206 ? 16.646  3.043   -7.537  1.00 17.72 ? 206 ILE A C   1 
ATOM   1439 O O   . ILE A 1 206 ? 16.910  3.874   -8.383  1.00 20.35 ? 206 ILE A O   1 
ATOM   1440 C CB  . ILE A 1 206 ? 16.002  0.758   -8.389  1.00 17.92 ? 206 ILE A CB  1 
ATOM   1441 C CG1 . ILE A 1 206 ? 16.563  -0.601  -8.772  1.00 18.66 ? 206 ILE A CG1 1 
ATOM   1442 C CG2 . ILE A 1 206 ? 15.358  1.468   -9.559  1.00 20.34 ? 206 ILE A CG2 1 
ATOM   1443 C CD1 . ILE A 1 206 ? 15.467  -1.635  -8.981  1.00 19.48 ? 206 ILE A CD1 1 
ATOM   1444 N N   . TRP A 1 207 ? 15.989  3.352   -6.418  1.00 18.89 ? 207 TRP A N   1 
ATOM   1445 C CA  . TRP A 1 207 ? 15.594  4.751   -6.090  1.00 18.82 ? 207 TRP A CA  1 
ATOM   1446 C C   . TRP A 1 207 ? 16.862  5.584   -5.950  1.00 19.32 ? 207 TRP A C   1 
ATOM   1447 O O   . TRP A 1 207 ? 16.952  6.672   -6.605  1.00 19.82 ? 207 TRP A O   1 
ATOM   1448 C CB  . TRP A 1 207 ? 14.789  4.818   -4.802  1.00 17.37 ? 207 TRP A CB  1 
ATOM   1449 C CG  . TRP A 1 207 ? 13.361  4.478   -4.945  1.00 18.48 ? 207 TRP A CG  1 
ATOM   1450 C CD1 . TRP A 1 207 ? 12.859  3.315   -5.439  1.00 18.28 ? 207 TRP A CD1 1 
ATOM   1451 C CD2 . TRP A 1 207 ? 12.243  5.245   -4.504  1.00 19.49 ? 207 TRP A CD2 1 
ATOM   1452 N NE1 . TRP A 1 207 ? 11.498  3.325   -5.396  1.00 20.15 ? 207 TRP A NE1 1 
ATOM   1453 C CE2 . TRP A 1 207 ? 11.086  4.510   -4.844  1.00 19.57 ? 207 TRP A CE2 1 
ATOM   1454 C CE3 . TRP A 1 207 ? 12.071  6.514   -3.949  1.00 20.11 ? 207 TRP A CE3 1 
ATOM   1455 C CZ2 . TRP A 1 207 ? 9.786   4.966   -4.594  1.00 20.04 ? 207 TRP A CZ2 1 
ATOM   1456 C CZ3 . TRP A 1 207 ? 10.799  6.941   -3.673  1.00 19.15 ? 207 TRP A CZ3 1 
ATOM   1457 C CH2 . TRP A 1 207 ? 9.662   6.221   -4.048  1.00 20.37 ? 207 TRP A CH2 1 
ATOM   1458 N N   . VAL A 1 208 ? 17.830  5.130   -5.175  1.00 22.50 ? 208 VAL A N   1 
ATOM   1459 C CA  . VAL A 1 208 ? 19.038  5.977   -4.938  1.00 20.75 ? 208 VAL A CA  1 
ATOM   1460 C C   . VAL A 1 208 ? 19.856  6.222   -6.214  1.00 25.60 ? 208 VAL A C   1 
ATOM   1461 O O   . VAL A 1 208 ? 20.330  7.395   -6.411  1.00 23.64 ? 208 VAL A O   1 
ATOM   1462 C CB  . VAL A 1 208 ? 19.897  5.456   -3.780  1.00 26.03 ? 208 VAL A CB  1 
ATOM   1463 C CG1 . VAL A 1 208 ? 21.243  6.170   -3.709  1.00 30.98 ? 208 VAL A CG1 1 
ATOM   1464 C CG2 . VAL A 1 208 ? 19.098  5.591   -2.496  1.00 26.93 ? 208 VAL A CG2 1 
ATOM   1465 N N   . THR A 1 209 ? 20.082  5.193   -7.029  1.00 21.11 ? 209 THR A N   1 
ATOM   1466 C CA  . THR A 1 209 ? 20.952  5.378   -8.210  1.00 22.90 ? 209 THR A CA  1 
ATOM   1467 C C   . THR A 1 209 ? 20.210  6.275   -9.200  1.00 22.08 ? 209 THR A C   1 
ATOM   1468 O O   . THR A 1 209 ? 20.841  7.129   -9.873  1.00 22.35 ? 209 THR A O   1 
ATOM   1469 C CB  . THR A 1 209 ? 21.381  4.069   -8.866  1.00 22.96 ? 209 THR A CB  1 
ATOM   1470 O OG1 . THR A 1 209 ? 20.208  3.280   -9.037  1.00 21.06 ? 209 THR A OG1 1 
ATOM   1471 C CG2 . THR A 1 209 ? 22.430  3.332   -8.076  1.00 25.62 ? 209 THR A CG2 1 
ATOM   1472 N N   . SER A 1 210 ? 18.897  6.141   -9.282  1.00 19.27 ? 210 SER A N   1 
ATOM   1473 C CA  . SER A 1 210 ? 18.137  6.896   -10.300 1.00 20.08 ? 210 SER A CA  1 
ATOM   1474 C C   . SER A 1 210 ? 17.909  8.339   -9.862  1.00 22.38 ? 210 SER A C   1 
ATOM   1475 O O   . SER A 1 210 ? 17.806  9.220   -10.745 1.00 21.94 ? 210 SER A O   1 
ATOM   1476 C CB  . SER A 1 210 ? 16.865  6.179   -10.649 1.00 21.93 ? 210 SER A CB  1 
ATOM   1477 O OG  . SER A 1 210 ? 15.934  6.373   -9.664  1.00 22.65 ? 210 SER A OG  1 
ATOM   1478 N N   . ILE A 1 211 ? 17.946  8.618   -8.558  1.00 20.22 ? 211 ILE A N   1 
ATOM   1479 C CA  . ILE A 1 211 ? 17.703  9.999   -8.048  1.00 21.63 ? 211 ILE A CA  1 
ATOM   1480 C C   . ILE A 1 211 ? 19.024  10.788  -8.063  1.00 21.34 ? 211 ILE A C   1 
ATOM   1481 O O   . ILE A 1 211 ? 18.994  11.985  -8.448  1.00 21.56 ? 211 ILE A O   1 
ATOM   1482 C CB  . ILE A 1 211 ? 16.999  9.929   -6.675  1.00 19.83 ? 211 ILE A CB  1 
ATOM   1483 C CG1 . ILE A 1 211 ? 15.583  9.386   -6.885  1.00 19.42 ? 211 ILE A CG1 1 
ATOM   1484 C CG2 . ILE A 1 211 ? 16.961  11.284  -5.996  1.00 21.16 ? 211 ILE A CG2 1 
ATOM   1485 C CD1 . ILE A 1 211 ? 14.767  9.143   -5.626  1.00 20.68 ? 211 ILE A CD1 1 
ATOM   1486 N N   . TYR A 1 212 ? 20.122  10.168  -7.665  1.00 21.91 ? 212 TYR A N   1 
ATOM   1487 C CA  . TYR A 1 212 ? 21.425  10.851  -7.453  1.00 25.30 ? 212 TYR A CA  1 
ATOM   1488 C C   . TYR A 1 212 ? 22.351  10.644  -8.648  1.00 28.83 ? 212 TYR A C   1 
ATOM   1489 O O   . TYR A 1 212 ? 23.404  11.300  -8.729  1.00 28.82 ? 212 TYR A O   1 
ATOM   1490 C CB  . TYR A 1 212 ? 21.999  10.405  -6.098  1.00 24.42 ? 212 TYR A CB  1 
ATOM   1491 C CG  . TYR A 1 212 ? 21.129  10.825  -4.936  1.00 23.80 ? 212 TYR A CG  1 
ATOM   1492 C CD1 . TYR A 1 212 ? 21.033  12.146  -4.527  1.00 25.24 ? 212 TYR A CD1 1 
ATOM   1493 C CD2 . TYR A 1 212 ? 20.310  9.908   -4.295  1.00 25.83 ? 212 TYR A CD2 1 
ATOM   1494 C CE1 . TYR A 1 212 ? 20.224  12.537  -3.474  1.00 25.73 ? 212 TYR A CE1 1 
ATOM   1495 C CE2 . TYR A 1 212 ? 19.494  10.277  -3.230  1.00 25.20 ? 212 TYR A CE2 1 
ATOM   1496 C CZ  . TYR A 1 212 ? 19.429  11.600  -2.827  1.00 26.22 ? 212 TYR A CZ  1 
ATOM   1497 O OH  . TYR A 1 212 ? 18.580  11.977  -1.823  1.00 28.67 ? 212 TYR A OH  1 
ATOM   1498 N N   . GLY A 1 213 ? 21.968  9.751   -9.568  1.00 33.66 ? 213 GLY A N   1 
ATOM   1499 C CA  . GLY A 1 213 ? 22.806  9.330   -10.707 1.00 32.41 ? 213 GLY A CA  1 
ATOM   1500 C C   . GLY A 1 213 ? 22.865  10.397  -11.783 1.00 33.34 ? 213 GLY A C   1 
ATOM   1501 O O   . GLY A 1 213 ? 21.791  10.880  -12.202 1.00 29.97 ? 213 GLY A O   1 
ATOM   1502 N N   . GLU A 1 214 ? 24.077  10.749  -12.213 1.00 37.27 ? 214 GLU A N   1 
ATOM   1503 C CA  . GLU A 1 214 ? 24.314  11.721  -13.309 1.00 49.40 ? 214 GLU A CA  1 
ATOM   1504 C C   . GLU A 1 214 ? 24.039  11.035  -14.654 1.00 52.86 ? 214 GLU A C   1 
ATOM   1505 O O   . GLU A 1 214 ? 24.294  9.807   -14.756 1.00 43.55 ? 214 GLU A O   1 
ATOM   1506 C CB  . GLU A 1 214 ? 25.738  12.267  -13.240 1.00 54.53 ? 214 GLU A CB  1 
ATOM   1507 C CG  . GLU A 1 214 ? 25.944  13.452  -14.159 1.00 62.09 ? 214 GLU A CG  1 
ATOM   1508 C CD  . GLU A 1 214 ? 24.948  14.574  -13.916 1.00 66.05 ? 214 GLU A CD  1 
ATOM   1509 O OE1 . GLU A 1 214 ? 25.191  15.354  -12.979 1.00 72.88 ? 214 GLU A OE1 1 
ATOM   1510 O OE2 . GLU A 1 214 ? 23.910  14.646  -14.637 1.00 57.02 ? 214 GLU A OE2 1 
ATOM   1511 N N   . ASN A 1 215 ? 23.528  11.804  -15.629 1.00 54.75 ? 215 ASN A N   1 
ATOM   1512 C CA  . ASN A 1 215 ? 23.148  11.348  -16.992 1.00 61.97 ? 215 ASN A CA  1 
ATOM   1513 C C   . ASN A 1 215 ? 22.850  12.568  -17.869 1.00 57.97 ? 215 ASN A C   1 
ATOM   1514 O O   . ASN A 1 215 ? 21.823  13.204  -17.643 1.00 59.05 ? 215 ASN A O   1 
ATOM   1515 C CB  . ASN A 1 215 ? 21.965  10.411  -16.935 1.00 61.99 ? 215 ASN A CB  1 
HETATM 1516 C C4  . JPK B 2 .   ? 9.786   10.679  -0.188  0.75 65.15 ? 301 JPK A C4  1 
HETATM 1517 C C14 . JPK B 2 .   ? 2.649   -0.611  -2.777  0.75 65.99 ? 301 JPK A C14 1 
HETATM 1518 C C5  . JPK B 2 .   ? 8.829   9.747   -0.567  0.75 63.66 ? 301 JPK A C5  1 
HETATM 1519 C C6  . JPK B 2 .   ? 8.640   8.576   0.159   0.75 59.47 ? 301 JPK A C6  1 
HETATM 1520 C C11 . JPK B 2 .   ? 4.580   4.976   -2.799  0.75 72.25 ? 301 JPK A C11 1 
HETATM 1521 C C7  . JPK B 2 .   ? 7.651   7.677   -0.272  0.75 57.13 ? 301 JPK A C7  1 
HETATM 1522 C C8  . JPK B 2 .   ? 8.372   6.390   -0.539  0.75 57.97 ? 301 JPK A C8  1 
HETATM 1523 C C9  . JPK B 2 .   ? 6.352   5.653   -1.591  0.75 64.67 ? 301 JPK A C9  1 
HETATM 1524 C C10 . JPK B 2 .   ? 5.607   4.583   -1.972  0.75 67.82 ? 301 JPK A C10 1 
HETATM 1525 C C12 . JPK B 2 .   ? 3.666   4.079   -3.263  0.75 72.15 ? 301 JPK A C12 1 
HETATM 1526 C C13 . JPK B 2 .   ? 3.400   0.770   -2.628  0.75 62.74 ? 301 JPK A C13 1 
HETATM 1527 N N1  . JPK B 2 .   ? 7.690   5.403   -1.141  0.75 64.43 ? 301 JPK A N1  1 
HETATM 1528 N N2  . JPK B 2 .   ? 3.778   2.847   -2.869  0.75 65.97 ? 301 JPK A N2  1 
HETATM 1529 C C3  . JPK B 2 .   ? 10.577  10.444  0.930   0.75 64.24 ? 301 JPK A C3  1 
HETATM 1530 N N3  . JPK B 2 .   ? 2.958   1.856   -3.212  0.75 60.98 ? 301 JPK A N3  1 
HETATM 1531 C C15 . JPK B 2 .   ? 1.617   -0.608  -1.686  0.75 67.06 ? 301 JPK A C15 1 
HETATM 1532 C C16 . JPK B 2 .   ? 1.055   -1.979  -1.363  0.75 66.25 ? 301 JPK A C16 1 
HETATM 1533 O O3  . JPK B 2 .   ? 1.123   -2.790  -2.539  0.75 59.03 ? 301 JPK A O3  1 
HETATM 1534 C C17 . JPK B 2 .   ? 2.524   -3.082  -2.737  0.75 69.94 ? 301 JPK A C17 1 
HETATM 1535 C C18 . JPK B 2 .   ? 3.462   -1.859  -2.546  0.75 69.93 ? 301 JPK A C18 1 
HETATM 1536 C C19 . JPK B 2 .   ? 4.476   1.104   -1.898  0.75 70.60 ? 301 JPK A C19 1 
HETATM 1537 C C20 . JPK B 2 .   ? 4.728   2.418   -2.057  0.75 69.22 ? 301 JPK A C20 1 
HETATM 1538 N N4  . JPK B 2 .   ? 5.669   3.295   -1.589  0.75 71.92 ? 301 JPK A N4  1 
HETATM 1539 O O2  . JPK B 2 .   ? 2.774   4.458   -4.013  0.75 79.97 ? 301 JPK A O2  1 
HETATM 1540 O O1  . JPK B 2 .   ? 9.531   6.266   -0.195  0.75 71.50 ? 301 JPK A O1  1 
HETATM 1541 C C21 . JPK B 2 .   ? 9.425   8.369   1.299   0.75 54.38 ? 301 JPK A C21 1 
HETATM 1542 C C2  . JPK B 2 .   ? 10.404  9.292   1.680   0.75 59.13 ? 301 JPK A C2  1 
HETATM 1543 C C1  . JPK B 2 .   ? 11.212  9.104   2.802   0.75 59.58 ? 301 JPK A C1  1 
HETATM 1544 O O   . HOH C 3 .   ? 11.988  12.185  9.187   1.00 55.88 ? 401 HOH A O   1 
HETATM 1545 O O   . HOH C 3 .   ? 16.905  2.822   7.073   1.00 38.92 ? 402 HOH A O   1 
HETATM 1546 O O   . HOH C 3 .   ? -0.643  13.407  4.445   1.00 55.61 ? 403 HOH A O   1 
HETATM 1547 O O   . HOH C 3 .   ? -10.580 -8.868  -3.909  1.00 54.35 ? 404 HOH A O   1 
HETATM 1548 O O   . HOH C 3 .   ? 19.192  11.491  -11.732 1.00 26.81 ? 405 HOH A O   1 
HETATM 1549 O O   . HOH C 3 .   ? 5.009   -11.317 -11.171 1.00 30.52 ? 406 HOH A O   1 
HETATM 1550 O O   . HOH C 3 .   ? 4.778   15.129  -16.604 0.50 31.75 ? 407 HOH A O   1 
HETATM 1551 O O   . HOH C 3 .   ? 5.280   -3.876  11.016  1.00 45.57 ? 408 HOH A O   1 
HETATM 1552 O O   . HOH C 3 .   ? -4.530  -8.748  5.487   1.00 35.47 ? 409 HOH A O   1 
HETATM 1553 O O   . HOH C 3 .   ? -1.288  2.588   -9.576  1.00 39.69 ? 410 HOH A O   1 
HETATM 1554 O O   . HOH C 3 .   ? 17.538  13.857  -9.574  1.00 22.53 ? 411 HOH A O   1 
HETATM 1555 O O   . HOH C 3 .   ? -6.307  3.354   9.249   1.00 47.56 ? 412 HOH A O   1 
HETATM 1556 O O   . HOH C 3 .   ? 10.707  11.714  3.383   1.00 57.19 ? 413 HOH A O   1 
HETATM 1557 O O   . HOH C 3 .   ? -31.351 -10.869 13.107  1.00 27.18 ? 414 HOH A O   1 
HETATM 1558 O O   . HOH C 3 .   ? 20.997  20.128  -8.209  1.00 49.57 ? 415 HOH A O   1 
HETATM 1559 O O   . HOH C 3 .   ? 10.948  11.653  -17.570 1.00 40.74 ? 416 HOH A O   1 
HETATM 1560 O O   . HOH C 3 .   ? -23.888 -15.853 -0.183  1.00 59.74 ? 417 HOH A O   1 
HETATM 1561 O O   . HOH C 3 .   ? 20.092  -1.216  -1.153  1.00 24.30 ? 418 HOH A O   1 
HETATM 1562 O O   . HOH C 3 .   ? 20.066  2.472   4.399   1.00 40.20 ? 419 HOH A O   1 
HETATM 1563 O O   . HOH C 3 .   ? 1.797   14.625  -1.299  1.00 36.94 ? 420 HOH A O   1 
HETATM 1564 O O   . HOH C 3 .   ? -4.480  12.602  -4.160  1.00 34.11 ? 421 HOH A O   1 
HETATM 1565 O O   . HOH C 3 .   ? -2.583  -10.969 5.982   1.00 55.04 ? 422 HOH A O   1 
HETATM 1566 O O   . HOH C 3 .   ? 7.789   18.127  -9.059  1.00 38.53 ? 423 HOH A O   1 
HETATM 1567 O O   . HOH C 3 .   ? 13.450  -6.851  2.088   1.00 20.38 ? 424 HOH A O   1 
HETATM 1568 O O   . HOH C 3 .   ? 5.269   17.469  -5.747  1.00 25.77 ? 425 HOH A O   1 
HETATM 1569 O O   . HOH C 3 .   ? 9.016   -8.804  -6.505  1.00 30.92 ? 426 HOH A O   1 
HETATM 1570 O O   . HOH C 3 .   ? 1.769   10.606  -11.873 1.00 35.66 ? 427 HOH A O   1 
HETATM 1571 O O   . HOH C 3 .   ? 20.377  24.276  -10.017 1.00 50.86 ? 428 HOH A O   1 
HETATM 1572 O O   . HOH C 3 .   ? -21.950 -9.199  -0.955  1.00 55.48 ? 429 HOH A O   1 
HETATM 1573 O O   . HOH C 3 .   ? 0.621   -3.696  -8.984  1.00 46.64 ? 430 HOH A O   1 
HETATM 1574 O O   . HOH C 3 .   ? 22.028  19.242  -12.574 1.00 39.09 ? 431 HOH A O   1 
HETATM 1575 O O   . HOH C 3 .   ? -16.368 -2.618  -4.561  1.00 60.28 ? 432 HOH A O   1 
HETATM 1576 O O   . HOH C 3 .   ? 2.938   -16.319 -9.842  1.00 43.79 ? 433 HOH A O   1 
HETATM 1577 O O   . HOH C 3 .   ? 0.728   13.286  -8.013  1.00 26.90 ? 434 HOH A O   1 
HETATM 1578 O O   . HOH C 3 .   ? 4.411   13.164  -14.453 1.00 49.05 ? 435 HOH A O   1 
HETATM 1579 O O   . HOH C 3 .   ? 14.937  18.297  -15.134 1.00 46.70 ? 436 HOH A O   1 
HETATM 1580 O O   . HOH C 3 .   ? 20.435  11.533  10.706  1.00 56.80 ? 437 HOH A O   1 
HETATM 1581 O O   . HOH C 3 .   ? 22.288  -5.607  -1.453  1.00 39.07 ? 438 HOH A O   1 
HETATM 1582 O O   . HOH C 3 .   ? 8.117   16.347  -19.593 1.00 37.55 ? 439 HOH A O   1 
HETATM 1583 O O   . HOH C 3 .   ? 10.389  2.700   8.413   1.00 28.09 ? 440 HOH A O   1 
HETATM 1584 O O   . HOH C 3 .   ? 25.719  12.125  -17.515 1.00 57.11 ? 441 HOH A O   1 
HETATM 1585 O O   . HOH C 3 .   ? 15.957  -6.253  1.576   1.00 25.81 ? 442 HOH A O   1 
HETATM 1586 O O   . HOH C 3 .   ? -27.771 -10.399 14.646  1.00 31.95 ? 443 HOH A O   1 
HETATM 1587 O O   . HOH C 3 .   ? 11.396  18.426  -12.613 1.00 32.52 ? 444 HOH A O   1 
HETATM 1588 O O   . HOH C 3 .   ? 14.922  19.927  -11.888 1.00 39.41 ? 445 HOH A O   1 
HETATM 1589 O O   . HOH C 3 .   ? -29.189 -15.034 8.733   1.00 45.83 ? 446 HOH A O   1 
HETATM 1590 O O   . HOH C 3 .   ? 23.436  6.022   -10.826 0.50 43.48 ? 447 HOH A O   1 
HETATM 1591 O O   . HOH C 3 .   ? 12.182  -13.977 1.857   1.00 25.48 ? 448 HOH A O   1 
HETATM 1592 O O   . HOH C 3 .   ? 6.343   -13.220 4.915   1.00 44.75 ? 449 HOH A O   1 
HETATM 1593 O O   . HOH C 3 .   ? 23.742  7.697   1.703   1.00 45.09 ? 450 HOH A O   1 
HETATM 1594 O O   . HOH C 3 .   ? 7.646   -7.490  8.044   1.00 56.54 ? 451 HOH A O   1 
HETATM 1595 O O   . HOH C 3 .   ? -17.663 -0.475  -9.313  1.00 49.97 ? 452 HOH A O   1 
HETATM 1596 O O   . HOH C 3 .   ? -9.500  7.882   2.960   1.00 44.67 ? 453 HOH A O   1 
HETATM 1597 O O   . HOH C 3 .   ? -0.241  -10.550 6.340   1.00 33.81 ? 454 HOH A O   1 
HETATM 1598 O O   . HOH C 3 .   ? 10.955  -14.552 -4.797  1.00 44.76 ? 455 HOH A O   1 
HETATM 1599 O O   . HOH C 3 .   ? 6.787   -7.748  5.248   1.00 52.80 ? 456 HOH A O   1 
HETATM 1600 O O   . HOH C 3 .   ? 21.345  1.116   -1.967  1.00 38.86 ? 457 HOH A O   1 
HETATM 1601 O O   . HOH C 3 .   ? 24.228  16.405  -7.682  1.00 51.22 ? 458 HOH A O   1 
HETATM 1602 O O   . HOH C 3 .   ? 1.937   11.562  2.403   1.00 53.68 ? 459 HOH A O   1 
HETATM 1603 O O   . HOH C 3 .   ? 13.538  13.341  13.573  1.00 61.76 ? 460 HOH A O   1 
# 
